data_8VRE
#
_entry.id   8VRE
#
_cell.length_a   110.529
_cell.length_b   179.294
_cell.length_c   88.360
_cell.angle_alpha   90.00
_cell.angle_beta   106.80
_cell.angle_gamma   90.00
#
_symmetry.space_group_name_H-M   'C 1 2 1'
#
loop_
_entity.id
_entity.type
_entity.pdbx_description
1 polymer 'Pyrroline-5-carboxylate reductase 1, mitochondrial'
2 non-polymer '1,4-DIHYDRONICOTINAMIDE ADENINE DINUCLEOTIDE'
3 non-polymer 1-formyl-L-proline
4 non-polymer 'SULFATE ION'
5 water water
#
_entity_poly.entity_id   1
_entity_poly.type   'polypeptide(L)'
_entity_poly.pdbx_seq_one_letter_code
;MHHHHHHSSGVDLGTENLYFQSMSVGFIGAGQLAFALAKGFTAAGVLAAHKIMASSPDMDLATVSALRKMGVKLTPHNKE
TVQHSDVLFLAVKPHIIPFILDEIGADIEDRHIVVSCAAGVTISSIEKKLSAFRPAPRVIRCMTNTPVVVREGATVYATG
THAQVEDGRLMEQLLSSVGFCTEVEEDLIDAVTGLSGSGPAYAFTALDALADGGVKMGLPRRLAVRLGAQALLGAAKMLL
HSEQHPGQLKDNVSSPGGATIHALHVLESGGFRSLLINAVEASCIRTRELQSMADQEQVSPAAIKKTILDKVKLDS
;
_entity_poly.pdbx_strand_id   A,B,C,D,E
#
# COMPACT_ATOMS: atom_id res chain seq x y z
N ASN A 17 -23.17 -30.27 1.24
CA ASN A 17 -23.35 -31.06 2.46
C ASN A 17 -23.40 -30.18 3.70
N LEU A 18 -22.59 -29.12 3.72
CA LEU A 18 -22.58 -28.20 4.86
C LEU A 18 -23.94 -27.54 5.05
N TYR A 19 -24.60 -27.18 3.94
CA TYR A 19 -25.92 -26.55 4.01
C TYR A 19 -26.94 -27.44 4.72
N PHE A 20 -27.01 -28.73 4.33
CA PHE A 20 -27.93 -29.65 4.97
C PHE A 20 -27.55 -29.95 6.42
N GLN A 21 -26.30 -29.69 6.81
CA GLN A 21 -25.94 -29.78 8.22
C GLN A 21 -26.68 -28.75 9.07
N SER A 22 -27.14 -27.64 8.48
CA SER A 22 -27.94 -26.64 9.18
C SER A 22 -27.20 -26.13 10.42
N MET A 23 -25.94 -25.74 10.23
CA MET A 23 -25.16 -25.24 11.35
C MET A 23 -25.66 -23.88 11.76
N SER A 24 -25.62 -23.62 13.06
CA SER A 24 -25.80 -22.27 13.58
C SER A 24 -24.44 -21.67 13.83
N VAL A 25 -24.22 -20.45 13.35
CA VAL A 25 -22.93 -19.78 13.50
C VAL A 25 -23.12 -18.50 14.28
N GLY A 26 -22.17 -18.23 15.16
CA GLY A 26 -22.18 -17.00 15.93
C GLY A 26 -20.87 -16.25 15.80
N PHE A 27 -20.97 -14.93 15.84
CA PHE A 27 -19.82 -14.04 15.87
C PHE A 27 -19.90 -13.18 17.11
N ILE A 28 -18.90 -13.28 17.97
CA ILE A 28 -18.69 -12.29 19.03
CA ILE A 28 -18.71 -12.28 19.02
C ILE A 28 -17.89 -11.16 18.39
N GLY A 29 -18.54 -10.01 18.21
CA GLY A 29 -18.00 -8.87 17.48
C GLY A 29 -18.76 -8.81 16.16
N ALA A 30 -19.10 -7.60 15.74
CA ALA A 30 -19.89 -7.39 14.54
C ALA A 30 -19.24 -6.36 13.65
N GLY A 31 -17.93 -6.51 13.45
CA GLY A 31 -17.18 -5.55 12.67
C GLY A 31 -16.80 -6.06 11.28
N GLN A 32 -15.61 -5.64 10.82
CA GLN A 32 -15.20 -5.88 9.44
C GLN A 32 -15.05 -7.37 9.16
N LEU A 33 -14.47 -8.11 10.09
CA LEU A 33 -14.26 -9.53 9.83
C LEU A 33 -15.56 -10.31 9.90
N ALA A 34 -16.40 -10.02 10.91
CA ALA A 34 -17.71 -10.67 10.98
C ALA A 34 -18.51 -10.39 9.72
N PHE A 35 -18.49 -9.16 9.24
CA PHE A 35 -19.22 -8.86 8.01
C PHE A 35 -18.63 -9.63 6.83
N ALA A 36 -17.30 -9.60 6.69
CA ALA A 36 -16.67 -10.24 5.54
C ALA A 36 -16.93 -11.74 5.51
N LEU A 37 -16.78 -12.40 6.68
CA LEU A 37 -17.06 -13.84 6.75
C LEU A 37 -18.54 -14.15 6.53
N ALA A 38 -19.43 -13.40 7.17
CA ALA A 38 -20.86 -13.62 6.94
C ALA A 38 -21.23 -13.45 5.47
N LYS A 39 -20.70 -12.40 4.82
CA LYS A 39 -21.02 -12.21 3.41
C LYS A 39 -20.49 -13.36 2.57
N GLY A 40 -19.26 -13.81 2.84
CA GLY A 40 -18.70 -14.90 2.06
C GLY A 40 -19.46 -16.20 2.25
N PHE A 41 -19.77 -16.55 3.51
CA PHE A 41 -20.47 -17.79 3.82
C PHE A 41 -21.85 -17.83 3.14
N THR A 42 -22.58 -16.71 3.19
CA THR A 42 -23.92 -16.71 2.60
C THR A 42 -23.84 -16.68 1.08
N ALA A 43 -22.87 -15.96 0.53
CA ALA A 43 -22.65 -15.99 -0.92
C ALA A 43 -22.32 -17.40 -1.38
N ALA A 44 -21.57 -18.16 -0.57
CA ALA A 44 -21.22 -19.53 -0.90
C ALA A 44 -22.39 -20.50 -0.76
N GLY A 45 -23.49 -20.08 -0.15
CA GLY A 45 -24.58 -21.02 0.08
C GLY A 45 -24.35 -22.03 1.18
N VAL A 46 -23.31 -21.87 2.01
CA VAL A 46 -23.11 -22.85 3.08
C VAL A 46 -24.02 -22.54 4.26
N LEU A 47 -24.28 -21.26 4.52
CA LEU A 47 -25.06 -20.84 5.67
C LEU A 47 -26.19 -19.94 5.21
N ALA A 48 -27.35 -20.08 5.85
CA ALA A 48 -28.39 -19.10 5.69
C ALA A 48 -28.08 -17.91 6.58
N ALA A 49 -28.30 -16.69 6.05
CA ALA A 49 -27.94 -15.49 6.78
C ALA A 49 -28.62 -15.44 8.15
N HIS A 50 -29.89 -15.85 8.21
CA HIS A 50 -30.62 -15.85 9.48
C HIS A 50 -30.17 -16.96 10.42
N LYS A 51 -29.28 -17.87 10.01
CA LYS A 51 -28.70 -18.84 10.93
C LYS A 51 -27.40 -18.33 11.54
N ILE A 52 -27.04 -17.09 11.24
CA ILE A 52 -25.89 -16.41 11.80
C ILE A 52 -26.40 -15.39 12.80
N MET A 53 -25.76 -15.30 13.95
CA MET A 53 -26.05 -14.23 14.89
C MET A 53 -24.74 -13.56 15.28
N ALA A 54 -24.74 -12.23 15.37
CA ALA A 54 -23.54 -11.50 15.74
C ALA A 54 -23.88 -10.53 16.85
N SER A 55 -22.93 -10.32 17.75
CA SER A 55 -23.17 -9.43 18.87
C SER A 55 -22.13 -8.33 18.91
N SER A 56 -22.52 -7.19 19.46
CA SER A 56 -21.63 -6.05 19.62
C SER A 56 -22.26 -5.06 20.58
N PRO A 57 -21.47 -4.42 21.46
CA PRO A 57 -22.03 -3.33 22.27
C PRO A 57 -22.28 -2.05 21.50
N ASP A 58 -21.90 -1.98 20.22
CA ASP A 58 -22.05 -0.77 19.41
C ASP A 58 -22.79 -1.14 18.13
N MET A 59 -24.07 -0.75 18.03
CA MET A 59 -24.85 -0.97 16.82
C MET A 59 -24.72 0.15 15.80
N ASP A 60 -24.12 1.28 16.16
CA ASP A 60 -23.99 2.43 15.27
C ASP A 60 -22.85 2.27 14.27
N LEU A 61 -22.50 1.03 13.93
CA LEU A 61 -21.45 0.77 12.96
C LEU A 61 -22.06 0.45 11.61
N ALA A 62 -21.33 0.83 10.55
CA ALA A 62 -21.74 0.46 9.20
C ALA A 62 -21.75 -1.04 9.02
N THR A 63 -20.80 -1.75 9.63
CA THR A 63 -20.79 -3.20 9.52
C THR A 63 -22.07 -3.79 10.09
N VAL A 64 -22.55 -3.26 11.20
CA VAL A 64 -23.76 -3.80 11.81
C VAL A 64 -24.97 -3.56 10.91
N SER A 65 -25.04 -2.38 10.29
CA SER A 65 -26.15 -2.09 9.38
C SER A 65 -26.11 -3.01 8.16
N ALA A 66 -24.91 -3.33 7.69
CA ALA A 66 -24.77 -4.22 6.54
C ALA A 66 -25.14 -5.65 6.92
N LEU A 67 -24.77 -6.09 8.13
CA LEU A 67 -25.17 -7.41 8.60
C LEU A 67 -26.68 -7.50 8.75
N ARG A 68 -27.30 -6.47 9.33
CA ARG A 68 -28.76 -6.45 9.46
C ARG A 68 -29.42 -6.55 8.10
N LYS A 69 -28.95 -5.78 7.12
CA LYS A 69 -29.52 -5.81 5.78
C LYS A 69 -29.42 -7.22 5.18
N MET A 70 -28.34 -7.94 5.47
CA MET A 70 -28.14 -9.29 4.98
C MET A 70 -29.14 -10.30 5.54
N GLY A 71 -29.79 -9.99 6.66
CA GLY A 71 -30.58 -10.97 7.37
C GLY A 71 -29.90 -11.63 8.55
N VAL A 72 -28.70 -11.18 8.92
CA VAL A 72 -28.03 -11.73 10.10
C VAL A 72 -28.75 -11.25 11.36
N LYS A 73 -28.87 -12.13 12.35
CA LYS A 73 -29.43 -11.74 13.64
C LYS A 73 -28.41 -10.96 14.45
N LEU A 74 -28.86 -9.87 15.08
CA LEU A 74 -27.99 -8.99 15.82
C LEU A 74 -28.48 -8.84 17.25
N THR A 75 -27.55 -8.76 18.19
CA THR A 75 -27.95 -8.63 19.59
C THR A 75 -26.82 -7.95 20.34
N PRO A 76 -27.12 -7.16 21.38
CA PRO A 76 -26.03 -6.61 22.20
C PRO A 76 -25.42 -7.64 23.13
N HIS A 77 -26.05 -8.80 23.32
CA HIS A 77 -25.71 -9.73 24.39
C HIS A 77 -24.87 -10.89 23.84
N ASN A 78 -23.62 -10.95 24.26
CA ASN A 78 -22.73 -12.01 23.81
C ASN A 78 -23.21 -13.38 24.27
N LYS A 79 -23.87 -13.45 25.44
CA LYS A 79 -24.41 -14.73 25.89
C LYS A 79 -25.42 -15.28 24.88
N GLU A 80 -26.25 -14.41 24.32
CA GLU A 80 -27.23 -14.87 23.34
C GLU A 80 -26.55 -15.48 22.11
N THR A 81 -25.47 -14.83 21.62
CA THR A 81 -24.70 -15.39 20.51
C THR A 81 -24.18 -16.78 20.86
N VAL A 82 -23.60 -16.92 22.06
CA VAL A 82 -23.06 -18.20 22.49
C VAL A 82 -24.16 -19.27 22.48
N GLN A 83 -25.30 -18.96 23.09
CA GLN A 83 -26.37 -19.94 23.22
C GLN A 83 -26.93 -20.35 21.87
N HIS A 84 -26.92 -19.41 20.92
CA HIS A 84 -27.42 -19.70 19.58
C HIS A 84 -26.46 -20.57 18.78
N SER A 85 -25.16 -20.43 19.02
CA SER A 85 -24.18 -20.94 18.07
CA SER A 85 -24.15 -20.93 18.09
C SER A 85 -23.82 -22.40 18.33
N ASP A 86 -23.41 -23.07 17.26
CA ASP A 86 -22.71 -24.34 17.28
C ASP A 86 -21.22 -24.10 17.07
N VAL A 87 -20.89 -23.30 16.07
CA VAL A 87 -19.53 -22.80 15.82
C VAL A 87 -19.52 -21.32 16.19
N LEU A 88 -18.62 -20.95 17.09
CA LEU A 88 -18.57 -19.59 17.62
C LEU A 88 -17.26 -18.93 17.21
N PHE A 89 -17.35 -17.90 16.38
CA PHE A 89 -16.17 -17.15 15.95
C PHE A 89 -15.92 -16.02 16.93
N LEU A 90 -14.67 -15.83 17.32
CA LEU A 90 -14.29 -14.70 18.16
C LEU A 90 -13.68 -13.67 17.23
N ALA A 91 -14.40 -12.58 17.01
CA ALA A 91 -14.08 -11.57 16.01
C ALA A 91 -13.99 -10.20 16.66
N VAL A 92 -13.31 -10.14 17.80
CA VAL A 92 -13.06 -8.89 18.49
C VAL A 92 -11.55 -8.63 18.43
N LYS A 93 -11.18 -7.40 18.74
CA LYS A 93 -9.79 -7.01 18.91
C LYS A 93 -9.06 -7.91 19.89
N PRO A 94 -7.77 -8.18 19.66
CA PRO A 94 -7.01 -9.04 20.57
C PRO A 94 -7.15 -8.69 22.04
N HIS A 95 -7.08 -7.41 22.41
CA HIS A 95 -7.11 -7.08 23.83
C HIS A 95 -8.48 -7.30 24.44
N ILE A 96 -9.53 -7.43 23.62
CA ILE A 96 -10.87 -7.71 24.11
C ILE A 96 -11.09 -9.20 24.39
N ILE A 97 -10.28 -10.08 23.79
CA ILE A 97 -10.53 -11.52 23.90
C ILE A 97 -10.57 -11.99 25.34
N PRO A 98 -9.61 -11.67 26.22
CA PRO A 98 -9.72 -12.14 27.61
C PRO A 98 -10.97 -11.62 28.32
N PHE A 99 -11.36 -10.37 28.07
CA PHE A 99 -12.62 -9.86 28.62
C PHE A 99 -13.78 -10.75 28.19
N ILE A 100 -13.86 -11.03 26.89
CA ILE A 100 -14.89 -11.88 26.30
C ILE A 100 -14.92 -13.25 26.97
N LEU A 101 -13.74 -13.87 27.13
CA LEU A 101 -13.70 -15.23 27.65
C LEU A 101 -14.16 -15.28 29.10
N ASP A 102 -13.78 -14.27 29.89
CA ASP A 102 -14.29 -14.15 31.25
C ASP A 102 -15.81 -14.04 31.26
N GLU A 103 -16.39 -13.27 30.33
CA GLU A 103 -17.81 -12.98 30.40
C GLU A 103 -18.64 -14.22 30.03
N ILE A 104 -18.29 -14.90 28.95
CA ILE A 104 -19.13 -15.99 28.46
C ILE A 104 -18.49 -17.37 28.65
N GLY A 105 -17.37 -17.46 29.36
CA GLY A 105 -16.71 -18.75 29.52
C GLY A 105 -17.61 -19.79 30.16
N ALA A 106 -18.41 -19.36 31.14
CA ALA A 106 -19.35 -20.27 31.79
C ALA A 106 -20.43 -20.78 30.84
N ASP A 107 -20.66 -20.10 29.71
CA ASP A 107 -21.72 -20.46 28.78
C ASP A 107 -21.23 -21.32 27.61
N ILE A 108 -19.92 -21.49 27.46
CA ILE A 108 -19.37 -22.41 26.46
C ILE A 108 -19.75 -23.84 26.86
N GLU A 109 -20.29 -24.60 25.91
CA GLU A 109 -20.77 -25.95 26.19
C GLU A 109 -19.90 -26.97 25.46
N ASP A 110 -20.07 -28.23 25.87
CA ASP A 110 -19.31 -29.32 25.24
C ASP A 110 -19.52 -29.35 23.73
N ARG A 111 -20.72 -28.95 23.25
CA ARG A 111 -21.03 -28.98 21.82
C ARG A 111 -20.30 -27.90 21.02
N HIS A 112 -19.76 -26.87 21.67
CA HIS A 112 -19.23 -25.72 20.94
C HIS A 112 -17.87 -26.01 20.32
N ILE A 113 -17.66 -25.46 19.12
CA ILE A 113 -16.32 -25.25 18.58
C ILE A 113 -16.06 -23.75 18.64
N VAL A 114 -15.01 -23.36 19.37
CA VAL A 114 -14.64 -21.95 19.50
C VAL A 114 -13.50 -21.64 18.53
N VAL A 115 -13.75 -20.75 17.59
CA VAL A 115 -12.78 -20.40 16.55
C VAL A 115 -12.34 -18.97 16.79
N SER A 116 -11.10 -18.80 17.26
CA SER A 116 -10.56 -17.46 17.45
C SER A 116 -9.94 -16.96 16.15
N CYS A 117 -10.42 -15.81 15.68
CA CYS A 117 -9.81 -15.13 14.54
C CYS A 117 -8.87 -14.01 14.95
N ALA A 118 -8.73 -13.74 16.25
CA ALA A 118 -7.98 -12.58 16.72
C ALA A 118 -6.50 -12.68 16.40
N ALA A 119 -5.94 -11.60 15.88
CA ALA A 119 -4.50 -11.56 15.61
C ALA A 119 -3.71 -11.81 16.88
N GLY A 120 -2.76 -12.74 16.79
CA GLY A 120 -1.77 -12.93 17.84
C GLY A 120 -2.18 -13.79 19.03
N VAL A 121 -3.48 -13.97 19.28
CA VAL A 121 -3.93 -14.60 20.52
C VAL A 121 -3.72 -16.11 20.43
N THR A 122 -3.04 -16.68 21.42
CA THR A 122 -2.67 -18.08 21.34
C THR A 122 -3.82 -19.00 21.78
N ILE A 123 -3.84 -20.19 21.20
CA ILE A 123 -4.74 -21.25 21.69
C ILE A 123 -4.54 -21.47 23.19
N SER A 124 -3.29 -21.52 23.62
CA SER A 124 -3.01 -21.75 25.04
C SER A 124 -3.70 -20.74 25.95
N SER A 125 -3.68 -19.46 25.56
CA SER A 125 -4.31 -18.43 26.39
C SER A 125 -5.82 -18.61 26.43
N ILE A 126 -6.41 -19.01 25.30
CA ILE A 126 -7.85 -19.21 25.25
C ILE A 126 -8.24 -20.45 26.06
N GLU A 127 -7.52 -21.56 25.90
CA GLU A 127 -7.90 -22.77 26.65
C GLU A 127 -7.70 -22.56 28.14
N LYS A 128 -6.68 -21.79 28.54
CA LYS A 128 -6.47 -21.53 29.96
C LYS A 128 -7.70 -20.88 30.59
N LYS A 129 -8.29 -19.88 29.91
CA LYS A 129 -9.48 -19.22 30.45
C LYS A 129 -10.67 -20.15 30.45
N LEU A 130 -10.94 -20.83 29.34
CA LEU A 130 -12.16 -21.62 29.21
C LEU A 130 -12.12 -22.89 30.05
N SER A 131 -10.92 -23.45 30.29
CA SER A 131 -10.82 -24.69 31.05
C SER A 131 -11.14 -24.50 32.52
N ALA A 132 -11.15 -23.26 33.02
CA ALA A 132 -11.64 -23.03 34.38
C ALA A 132 -13.12 -23.36 34.50
N PHE A 133 -13.84 -23.36 33.38
CA PHE A 133 -15.25 -23.72 33.36
C PHE A 133 -15.44 -25.16 32.91
N ARG A 134 -15.73 -25.38 31.65
CA ARG A 134 -15.79 -26.81 31.33
C ARG A 134 -14.40 -27.31 30.98
N PRO A 135 -14.09 -28.59 31.23
CA PRO A 135 -12.69 -29.03 31.18
C PRO A 135 -12.08 -29.29 29.81
N ALA A 136 -12.85 -29.41 28.73
CA ALA A 136 -12.27 -29.75 27.44
C ALA A 136 -12.81 -28.84 26.34
N PRO A 137 -12.60 -27.53 26.44
CA PRO A 137 -13.06 -26.63 25.36
C PRO A 137 -12.41 -26.96 24.04
N ARG A 138 -13.23 -26.99 22.98
CA ARG A 138 -12.78 -27.30 21.63
C ARG A 138 -12.43 -26.01 20.92
N VAL A 139 -11.14 -25.75 20.74
CA VAL A 139 -10.65 -24.45 20.28
C VAL A 139 -9.87 -24.63 18.98
N ILE A 140 -10.10 -23.70 18.05
CA ILE A 140 -9.38 -23.61 16.80
C ILE A 140 -8.92 -22.16 16.64
N ARG A 141 -7.68 -21.97 16.22
CA ARG A 141 -7.19 -20.64 15.93
C ARG A 141 -7.08 -20.50 14.42
N CYS A 142 -7.54 -19.37 13.90
CA CYS A 142 -7.44 -19.19 12.47
C CYS A 142 -6.93 -17.79 12.18
N MET A 143 -6.39 -17.63 10.98
CA MET A 143 -6.12 -16.29 10.47
C MET A 143 -6.62 -16.29 9.03
N THR A 144 -7.35 -15.24 8.67
CA THR A 144 -7.97 -15.18 7.36
C THR A 144 -7.77 -13.76 6.85
N ASN A 145 -8.59 -13.31 5.89
CA ASN A 145 -8.45 -11.94 5.39
C ASN A 145 -9.75 -11.52 4.70
N THR A 146 -9.87 -10.21 4.45
CA THR A 146 -11.16 -9.69 4.02
C THR A 146 -11.63 -10.22 2.66
N PRO A 147 -10.73 -10.69 1.73
CA PRO A 147 -11.25 -11.22 0.45
C PRO A 147 -12.13 -12.46 0.56
N VAL A 148 -12.35 -13.02 1.76
CA VAL A 148 -13.43 -14.01 1.87
C VAL A 148 -14.75 -13.42 1.41
N VAL A 149 -14.88 -12.08 1.43
CA VAL A 149 -16.13 -11.43 1.02
C VAL A 149 -16.41 -11.65 -0.45
N VAL A 150 -15.39 -11.94 -1.27
CA VAL A 150 -15.58 -12.38 -2.65
C VAL A 150 -15.15 -13.83 -2.83
N ARG A 151 -15.12 -14.60 -1.74
CA ARG A 151 -14.83 -16.02 -1.73
C ARG A 151 -13.44 -16.31 -2.32
N GLU A 152 -12.49 -15.41 -2.07
CA GLU A 152 -11.10 -15.60 -2.48
C GLU A 152 -10.19 -15.36 -1.30
N GLY A 153 -10.64 -15.75 -0.11
CA GLY A 153 -9.82 -15.57 1.08
C GLY A 153 -8.59 -16.46 1.06
N ALA A 154 -7.69 -16.17 2.00
CA ALA A 154 -6.52 -17.00 2.27
C ALA A 154 -6.56 -17.29 3.77
N THR A 155 -6.81 -18.55 4.14
CA THR A 155 -7.08 -18.90 5.54
C THR A 155 -6.16 -20.02 5.97
N VAL A 156 -5.63 -19.92 7.20
CA VAL A 156 -4.97 -21.06 7.84
C VAL A 156 -5.64 -21.28 9.19
N TYR A 157 -5.53 -22.50 9.71
CA TYR A 157 -6.08 -22.78 11.03
C TYR A 157 -5.19 -23.78 11.76
N ALA A 158 -5.23 -23.72 13.09
CA ALA A 158 -4.56 -24.70 13.94
C ALA A 158 -5.56 -25.21 14.98
N THR A 159 -5.51 -26.51 15.23
CA THR A 159 -6.43 -27.15 16.16
C THR A 159 -5.83 -27.17 17.56
N GLY A 160 -6.68 -26.92 18.56
CA GLY A 160 -6.26 -26.92 19.94
C GLY A 160 -6.22 -28.31 20.55
N THR A 161 -5.96 -28.34 21.87
CA THR A 161 -5.70 -29.58 22.59
C THR A 161 -6.89 -30.54 22.51
N HIS A 162 -8.11 -30.02 22.62
CA HIS A 162 -9.30 -30.85 22.70
C HIS A 162 -10.15 -30.83 21.43
N ALA A 163 -9.72 -30.13 20.39
CA ALA A 163 -10.44 -30.18 19.10
C ALA A 163 -10.38 -31.58 18.51
N GLN A 164 -11.53 -32.14 18.16
CA GLN A 164 -11.57 -33.47 17.57
C GLN A 164 -11.08 -33.44 16.12
N VAL A 165 -10.72 -34.61 15.61
CA VAL A 165 -10.31 -34.69 14.20
C VAL A 165 -11.44 -34.21 13.31
N GLU A 166 -12.69 -34.51 13.69
CA GLU A 166 -13.81 -34.00 12.89
C GLU A 166 -13.95 -32.48 12.99
N ASP A 167 -13.50 -31.87 14.10
CA ASP A 167 -13.57 -30.41 14.24
C ASP A 167 -12.68 -29.71 13.22
N GLY A 168 -11.45 -30.19 13.04
CA GLY A 168 -10.58 -29.61 12.03
C GLY A 168 -11.13 -29.77 10.63
N ARG A 169 -11.65 -30.96 10.31
CA ARG A 169 -12.18 -31.18 8.96
C ARG A 169 -13.39 -30.30 8.69
N LEU A 170 -14.27 -30.12 9.69
CA LEU A 170 -15.41 -29.23 9.53
C LEU A 170 -14.97 -27.80 9.29
N MET A 171 -14.01 -27.33 10.08
CA MET A 171 -13.47 -25.99 9.90
CA MET A 171 -13.50 -25.98 9.89
C MET A 171 -12.88 -25.81 8.50
N GLU A 172 -12.13 -26.81 8.04
CA GLU A 172 -11.55 -26.70 6.70
C GLU A 172 -12.64 -26.65 5.63
N GLN A 173 -13.69 -27.45 5.78
CA GLN A 173 -14.78 -27.44 4.81
C GLN A 173 -15.44 -26.08 4.77
N LEU A 174 -15.75 -25.54 5.95
CA LEU A 174 -16.38 -24.22 6.04
C LEU A 174 -15.50 -23.14 5.43
N LEU A 175 -14.24 -23.06 5.85
CA LEU A 175 -13.42 -21.95 5.39
C LEU A 175 -12.97 -22.13 3.94
N SER A 176 -12.97 -23.36 3.42
CA SER A 176 -12.64 -23.55 2.01
C SER A 176 -13.75 -23.06 1.10
N SER A 177 -14.96 -22.87 1.64
CA SER A 177 -16.04 -22.35 0.80
C SER A 177 -15.85 -20.89 0.47
N VAL A 178 -14.93 -20.19 1.13
CA VAL A 178 -14.71 -18.77 0.91
C VAL A 178 -13.26 -18.47 0.51
N GLY A 179 -12.48 -19.48 0.15
CA GLY A 179 -11.17 -19.25 -0.41
C GLY A 179 -10.24 -20.42 -0.13
N PHE A 180 -8.94 -20.14 -0.21
CA PHE A 180 -7.94 -21.15 0.15
C PHE A 180 -7.95 -21.37 1.67
N CYS A 181 -7.81 -22.63 2.09
CA CYS A 181 -7.75 -22.94 3.50
C CYS A 181 -6.83 -24.14 3.72
N THR A 182 -5.97 -24.06 4.74
CA THR A 182 -5.11 -25.20 5.04
C THR A 182 -4.74 -25.19 6.51
N GLU A 183 -4.54 -26.39 7.06
CA GLU A 183 -4.09 -26.52 8.44
C GLU A 183 -2.60 -26.22 8.51
N VAL A 184 -2.18 -25.55 9.60
CA VAL A 184 -0.78 -25.31 9.90
C VAL A 184 -0.55 -25.52 11.40
N GLU A 185 0.72 -25.66 11.77
CA GLU A 185 1.13 -25.55 13.17
C GLU A 185 0.87 -24.14 13.66
N GLU A 186 0.46 -24.02 14.93
CA GLU A 186 0.13 -22.70 15.45
C GLU A 186 1.31 -21.74 15.37
N ASP A 187 2.54 -22.23 15.53
CA ASP A 187 3.67 -21.29 15.52
C ASP A 187 3.90 -20.62 14.18
N LEU A 188 3.15 -20.97 13.13
CA LEU A 188 3.25 -20.26 11.87
C LEU A 188 2.26 -19.09 11.77
N ILE A 189 1.28 -18.99 12.68
CA ILE A 189 0.15 -18.12 12.36
C ILE A 189 0.49 -16.63 12.47
N ASP A 190 1.43 -16.24 13.35
CA ASP A 190 1.78 -14.82 13.42
C ASP A 190 2.40 -14.35 12.11
N ALA A 191 3.21 -15.20 11.49
CA ALA A 191 3.82 -14.88 10.19
C ALA A 191 2.78 -14.84 9.08
N VAL A 192 1.82 -15.78 9.09
CA VAL A 192 0.73 -15.73 8.11
C VAL A 192 0.00 -14.41 8.23
N THR A 193 -0.22 -13.96 9.47
CA THR A 193 -0.89 -12.69 9.69
C THR A 193 -0.18 -11.56 8.96
N GLY A 194 1.15 -11.53 9.06
CA GLY A 194 1.92 -10.48 8.39
C GLY A 194 1.92 -10.58 6.88
N LEU A 195 1.64 -11.77 6.35
CA LEU A 195 1.68 -12.00 4.91
C LEU A 195 0.28 -11.88 4.31
N SER A 196 -0.60 -12.86 4.58
CA SER A 196 -1.91 -12.81 3.93
C SER A 196 -2.98 -12.08 4.75
N GLY A 197 -2.83 -12.02 6.09
CA GLY A 197 -3.79 -11.26 6.87
C GLY A 197 -3.73 -9.77 6.55
N SER A 198 -2.53 -9.19 6.62
CA SER A 198 -2.29 -7.81 6.22
C SER A 198 -2.18 -7.62 4.72
N GLY A 199 -1.91 -8.70 3.97
CA GLY A 199 -1.63 -8.60 2.55
C GLY A 199 -2.58 -7.78 1.70
N PRO A 200 -3.90 -7.89 1.89
CA PRO A 200 -4.79 -7.08 1.03
C PRO A 200 -4.49 -5.60 1.13
N ALA A 201 -4.06 -5.11 2.30
CA ALA A 201 -3.73 -3.70 2.44
C ALA A 201 -2.51 -3.31 1.60
N TYR A 202 -1.49 -4.18 1.56
CA TYR A 202 -0.35 -3.93 0.69
C TYR A 202 -0.81 -3.88 -0.76
N ALA A 203 -1.73 -4.76 -1.13
CA ALA A 203 -2.22 -4.78 -2.52
C ALA A 203 -3.03 -3.54 -2.84
N PHE A 204 -3.90 -3.11 -1.91
CA PHE A 204 -4.67 -1.88 -2.14
C PHE A 204 -3.74 -0.67 -2.26
N THR A 205 -2.68 -0.61 -1.43
CA THR A 205 -1.71 0.49 -1.55
C THR A 205 -1.02 0.45 -2.92
N ALA A 206 -0.55 -0.74 -3.33
CA ALA A 206 0.08 -0.89 -4.63
C ALA A 206 -0.87 -0.52 -5.76
N LEU A 207 -2.15 -0.92 -5.67
CA LEU A 207 -3.09 -0.63 -6.77
C LEU A 207 -3.37 0.87 -6.87
N ASP A 208 -3.46 1.55 -5.73
CA ASP A 208 -3.65 2.99 -5.71
C ASP A 208 -2.47 3.72 -6.37
N ALA A 209 -1.25 3.28 -6.04
CA ALA A 209 -0.03 3.87 -6.60
C ALA A 209 0.12 3.56 -8.08
N LEU A 210 -0.20 2.32 -8.50
CA LEU A 210 -0.14 2.00 -9.93
C LEU A 210 -1.14 2.84 -10.71
N ALA A 211 -2.33 3.06 -10.13
CA ALA A 211 -3.32 3.93 -10.79
C ALA A 211 -2.81 5.38 -10.88
N ASP A 212 -2.15 5.89 -9.82
CA ASP A 212 -1.55 7.22 -9.89
C ASP A 212 -0.55 7.30 -11.03
N GLY A 213 0.21 6.21 -11.22
CA GLY A 213 1.19 6.18 -12.30
C GLY A 213 0.52 6.19 -13.65
N GLY A 214 -0.55 5.40 -13.80
CA GLY A 214 -1.33 5.45 -15.03
C GLY A 214 -1.85 6.85 -15.32
N VAL A 215 -2.41 7.51 -14.29
CA VAL A 215 -2.94 8.86 -14.44
C VAL A 215 -1.84 9.85 -14.79
N LYS A 216 -0.66 9.71 -14.17
CA LYS A 216 0.43 10.62 -14.53
C LYS A 216 0.77 10.51 -16.01
N MET A 217 0.67 9.30 -16.57
CA MET A 217 1.05 9.06 -17.94
C MET A 217 -0.11 9.29 -18.91
N GLY A 218 -1.27 9.78 -18.44
CA GLY A 218 -2.34 10.23 -19.31
C GLY A 218 -3.63 9.41 -19.30
N LEU A 219 -3.72 8.32 -18.49
CA LEU A 219 -4.93 7.51 -18.48
C LEU A 219 -5.99 8.13 -17.55
N PRO A 220 -7.28 8.04 -17.93
CA PRO A 220 -8.34 8.34 -16.97
C PRO A 220 -8.24 7.45 -15.74
N ARG A 221 -8.55 8.02 -14.58
CA ARG A 221 -8.42 7.28 -13.32
CA ARG A 221 -8.42 7.28 -13.33
C ARG A 221 -9.22 5.98 -13.35
N ARG A 222 -10.48 6.03 -13.80
CA ARG A 222 -11.32 4.83 -13.78
C ARG A 222 -10.67 3.68 -14.54
N LEU A 223 -10.12 3.97 -15.72
CA LEU A 223 -9.45 2.95 -16.53
C LEU A 223 -8.14 2.49 -15.87
N ALA A 224 -7.37 3.43 -15.31
CA ALA A 224 -6.12 3.06 -14.66
C ALA A 224 -6.37 2.12 -13.47
N VAL A 225 -7.43 2.38 -12.69
CA VAL A 225 -7.78 1.49 -11.59
C VAL A 225 -8.17 0.11 -12.10
N ARG A 226 -9.02 0.07 -13.14
CA ARG A 226 -9.48 -1.20 -13.70
C ARG A 226 -8.32 -2.02 -14.26
N LEU A 227 -7.44 -1.38 -15.05
CA LEU A 227 -6.33 -2.09 -15.68
C LEU A 227 -5.32 -2.58 -14.64
N GLY A 228 -4.99 -1.75 -13.66
CA GLY A 228 -4.03 -2.18 -12.65
C GLY A 228 -4.54 -3.36 -11.85
N ALA A 229 -5.81 -3.31 -11.43
CA ALA A 229 -6.38 -4.40 -10.64
C ALA A 229 -6.48 -5.68 -11.46
N GLN A 230 -6.85 -5.57 -12.74
CA GLN A 230 -6.90 -6.76 -13.59
C GLN A 230 -5.50 -7.34 -13.81
N ALA A 231 -4.48 -6.48 -13.97
CA ALA A 231 -3.10 -6.95 -14.09
C ALA A 231 -2.68 -7.75 -12.87
N LEU A 232 -2.96 -7.23 -11.68
CA LEU A 232 -2.56 -7.94 -10.47
C LEU A 232 -3.33 -9.25 -10.31
N LEU A 233 -4.63 -9.22 -10.58
CA LEU A 233 -5.44 -10.43 -10.48
C LEU A 233 -4.93 -11.49 -11.44
N GLY A 234 -4.70 -11.12 -12.70
CA GLY A 234 -4.24 -12.10 -13.67
C GLY A 234 -2.85 -12.64 -13.35
N ALA A 235 -1.95 -11.78 -12.87
CA ALA A 235 -0.61 -12.24 -12.50
C ALA A 235 -0.66 -13.20 -11.32
N ALA A 236 -1.41 -12.86 -10.27
CA ALA A 236 -1.58 -13.77 -9.15
C ALA A 236 -2.15 -15.10 -9.62
N LYS A 237 -3.18 -15.06 -10.49
CA LYS A 237 -3.75 -16.31 -10.96
C LYS A 237 -2.74 -17.13 -11.75
N MET A 238 -1.94 -16.50 -12.62
CA MET A 238 -0.92 -17.28 -13.33
C MET A 238 0.02 -18.00 -12.37
N LEU A 239 0.48 -17.30 -11.33
CA LEU A 239 1.39 -17.92 -10.37
C LEU A 239 0.71 -19.07 -9.64
N LEU A 240 -0.55 -18.90 -9.26
CA LEU A 240 -1.27 -19.98 -8.58
C LEU A 240 -1.49 -21.19 -9.48
N HIS A 241 -1.59 -21.00 -10.80
CA HIS A 241 -1.82 -22.09 -11.74
C HIS A 241 -0.56 -22.59 -12.42
N SER A 242 0.62 -22.09 -12.05
CA SER A 242 1.89 -22.42 -12.67
C SER A 242 2.80 -23.09 -11.64
N GLU A 243 3.65 -24.01 -12.10
CA GLU A 243 4.67 -24.57 -11.24
C GLU A 243 5.97 -23.78 -11.26
N GLN A 244 6.06 -22.74 -12.10
CA GLN A 244 7.30 -22.01 -12.29
C GLN A 244 7.54 -21.01 -11.18
N HIS A 245 8.80 -20.63 -11.04
CA HIS A 245 9.20 -19.61 -10.10
C HIS A 245 8.71 -18.24 -10.56
N PRO A 246 8.27 -17.37 -9.64
CA PRO A 246 7.88 -16.01 -10.07
C PRO A 246 8.94 -15.26 -10.86
N GLY A 247 10.23 -15.57 -10.66
CA GLY A 247 11.24 -14.95 -11.51
C GLY A 247 11.16 -15.42 -12.95
N GLN A 248 10.77 -16.68 -13.16
CA GLN A 248 10.63 -17.18 -14.52
C GLN A 248 9.42 -16.54 -15.21
N LEU A 249 8.30 -16.41 -14.49
CA LEU A 249 7.17 -15.68 -15.05
C LEU A 249 7.55 -14.24 -15.37
N LYS A 250 8.33 -13.60 -14.50
CA LYS A 250 8.77 -12.24 -14.74
C LYS A 250 9.65 -12.16 -15.99
N ASP A 251 10.54 -13.14 -16.17
CA ASP A 251 11.40 -13.19 -17.36
C ASP A 251 10.59 -13.23 -18.66
N ASN A 252 9.44 -13.91 -18.66
CA ASN A 252 8.58 -13.97 -19.84
C ASN A 252 7.92 -12.64 -20.18
N VAL A 253 7.90 -11.70 -19.24
CA VAL A 253 7.44 -10.35 -19.52
C VAL A 253 8.59 -9.40 -19.88
N SER A 254 9.83 -9.75 -19.59
CA SER A 254 10.95 -8.80 -19.67
C SER A 254 11.74 -8.98 -20.96
N SER A 255 11.21 -8.46 -22.07
CA SER A 255 11.94 -8.56 -23.33
C SER A 255 13.23 -7.72 -23.28
N PRO A 256 14.30 -8.21 -23.90
CA PRO A 256 15.58 -7.47 -23.89
C PRO A 256 15.45 -6.03 -24.37
N GLY A 257 16.02 -5.11 -23.59
CA GLY A 257 15.97 -3.70 -23.93
C GLY A 257 14.61 -3.05 -23.85
N GLY A 258 13.59 -3.77 -23.40
CA GLY A 258 12.21 -3.35 -23.54
C GLY A 258 11.70 -2.50 -22.38
N ALA A 259 10.39 -2.22 -22.44
CA ALA A 259 9.77 -1.33 -21.46
C ALA A 259 9.77 -1.93 -20.06
N THR A 260 9.45 -3.21 -19.95
CA THR A 260 9.30 -3.83 -18.64
C THR A 260 10.61 -3.84 -17.87
N ILE A 261 11.71 -4.26 -18.51
CA ILE A 261 12.98 -4.34 -17.78
C ILE A 261 13.46 -2.95 -17.37
N HIS A 262 13.13 -1.90 -18.13
CA HIS A 262 13.45 -0.55 -17.65
C HIS A 262 12.64 -0.22 -16.41
N ALA A 263 11.37 -0.60 -16.36
CA ALA A 263 10.55 -0.37 -15.18
C ALA A 263 11.02 -1.21 -14.00
N LEU A 264 11.44 -2.44 -14.24
CA LEU A 264 11.92 -3.26 -13.11
C LEU A 264 13.18 -2.67 -12.50
N HIS A 265 14.03 -2.05 -13.32
CA HIS A 265 15.23 -1.43 -12.77
C HIS A 265 14.87 -0.32 -11.77
N VAL A 266 13.91 0.53 -12.10
CA VAL A 266 13.63 1.61 -11.14
C VAL A 266 12.97 1.07 -9.87
N LEU A 267 12.21 -0.03 -9.95
CA LEU A 267 11.75 -0.68 -8.71
C LEU A 267 12.93 -1.14 -7.88
N GLU A 268 13.90 -1.82 -8.51
CA GLU A 268 15.07 -2.31 -7.78
C GLU A 268 15.86 -1.17 -7.15
N SER A 269 16.01 -0.06 -7.88
CA SER A 269 16.82 1.06 -7.38
C SER A 269 16.22 1.66 -6.12
N GLY A 270 14.90 1.57 -5.96
CA GLY A 270 14.28 1.97 -4.71
C GLY A 270 14.22 0.93 -3.62
N GLY A 271 14.77 -0.27 -3.82
CA GLY A 271 14.63 -1.29 -2.78
C GLY A 271 13.21 -1.79 -2.61
N PHE A 272 12.44 -1.85 -3.70
CA PHE A 272 11.04 -2.30 -3.70
C PHE A 272 10.87 -3.60 -2.95
N ARG A 273 11.70 -4.60 -3.28
CA ARG A 273 11.59 -5.90 -2.63
C ARG A 273 11.78 -5.78 -1.13
N SER A 274 12.78 -5.01 -0.71
CA SER A 274 13.04 -4.88 0.72
C SER A 274 11.86 -4.24 1.47
N LEU A 275 11.12 -3.35 0.81
CA LEU A 275 10.01 -2.71 1.51
C LEU A 275 8.91 -3.72 1.82
N LEU A 276 8.65 -4.64 0.88
CA LEU A 276 7.64 -5.66 1.12
C LEU A 276 8.10 -6.66 2.20
N ILE A 277 9.40 -6.99 2.23
CA ILE A 277 9.91 -7.81 3.33
C ILE A 277 9.76 -7.07 4.66
N ASN A 278 10.12 -5.77 4.67
CA ASN A 278 9.95 -4.95 5.89
C ASN A 278 8.52 -5.00 6.38
N ALA A 279 7.55 -4.92 5.44
CA ALA A 279 6.13 -4.88 5.79
C ALA A 279 5.68 -6.19 6.46
N VAL A 280 5.97 -7.34 5.82
CA VAL A 280 5.61 -8.64 6.43
C VAL A 280 6.23 -8.76 7.84
N GLU A 281 7.51 -8.42 7.95
CA GLU A 281 8.19 -8.48 9.24
C GLU A 281 7.53 -7.58 10.26
N ALA A 282 7.18 -6.35 9.86
CA ALA A 282 6.61 -5.38 10.80
C ALA A 282 5.24 -5.83 11.28
N SER A 283 4.42 -6.37 10.37
CA SER A 283 3.11 -6.89 10.77
C SER A 283 3.25 -8.11 11.67
N CYS A 284 4.15 -9.04 11.32
CA CYS A 284 4.35 -10.22 12.18
C CYS A 284 4.83 -9.81 13.57
N ILE A 285 5.80 -8.90 13.65
CA ILE A 285 6.33 -8.50 14.95
C ILE A 285 5.24 -7.80 15.78
N ARG A 286 4.47 -6.91 15.15
CA ARG A 286 3.40 -6.25 15.88
C ARG A 286 2.36 -7.26 16.37
N THR A 287 2.05 -8.25 15.54
CA THR A 287 1.09 -9.28 15.95
C THR A 287 1.53 -9.94 17.24
N ARG A 288 2.83 -10.25 17.35
CA ARG A 288 3.35 -10.82 18.59
C ARG A 288 3.17 -9.86 19.78
N GLU A 289 3.36 -8.55 19.55
CA GLU A 289 3.13 -7.60 20.66
C GLU A 289 1.66 -7.46 21.03
N LEU A 290 0.74 -7.64 20.08
CA LEU A 290 -0.67 -7.58 20.43
C LEU A 290 -1.05 -8.69 21.39
N GLN A 291 -0.32 -9.82 21.35
CA GLN A 291 -0.53 -10.91 22.29
C GLN A 291 0.11 -10.60 23.64
N SER A 292 1.38 -10.16 23.62
CA SER A 292 2.10 -9.87 24.86
C SER A 292 1.37 -8.82 25.70
N MET A 293 0.86 -7.77 25.07
CA MET A 293 0.09 -6.76 25.79
C MET A 293 -1.24 -7.29 26.34
N ALA A 294 -1.67 -8.48 25.91
CA ALA A 294 -2.86 -9.12 26.48
C ALA A 294 -2.49 -10.39 27.25
N ASN B 17 -21.88 -18.72 -24.98
CA ASN B 17 -21.60 -19.75 -25.98
C ASN B 17 -21.05 -19.19 -27.29
N LEU B 18 -19.87 -18.61 -27.22
CA LEU B 18 -19.25 -17.96 -28.36
C LEU B 18 -18.34 -18.92 -29.11
N TYR B 19 -18.36 -18.86 -30.45
CA TYR B 19 -17.45 -19.67 -31.26
C TYR B 19 -17.35 -19.10 -32.68
N PHE B 20 -16.13 -18.81 -33.13
CA PHE B 20 -15.89 -18.18 -34.44
C PHE B 20 -15.61 -19.25 -35.50
N GLN B 21 -16.68 -19.81 -36.06
CA GLN B 21 -16.52 -20.93 -36.99
C GLN B 21 -15.95 -20.52 -38.34
N SER B 22 -16.08 -19.26 -38.74
CA SER B 22 -15.56 -18.81 -40.03
C SER B 22 -14.21 -18.10 -39.92
N MET B 23 -13.66 -18.00 -38.71
CA MET B 23 -12.46 -17.21 -38.46
C MET B 23 -11.22 -18.10 -38.46
N SER B 24 -10.25 -17.78 -39.30
CA SER B 24 -8.94 -18.39 -39.25
C SER B 24 -7.96 -17.39 -38.66
N VAL B 25 -7.25 -17.78 -37.61
CA VAL B 25 -6.34 -16.89 -36.92
C VAL B 25 -4.90 -17.29 -37.22
N GLY B 26 -4.05 -16.32 -37.49
CA GLY B 26 -2.63 -16.57 -37.64
C GLY B 26 -1.80 -15.67 -36.74
N PHE B 27 -0.67 -16.21 -36.30
CA PHE B 27 0.32 -15.44 -35.56
C PHE B 27 1.62 -15.36 -36.36
N ILE B 28 2.06 -14.14 -36.66
CA ILE B 28 3.45 -13.90 -37.04
C ILE B 28 4.27 -13.82 -35.76
N GLY B 29 5.08 -14.82 -35.50
CA GLY B 29 5.83 -14.95 -34.28
C GLY B 29 5.16 -16.06 -33.48
N ALA B 30 5.97 -16.90 -32.85
CA ALA B 30 5.45 -18.03 -32.09
C ALA B 30 6.07 -18.09 -30.72
N GLY B 31 6.11 -16.96 -30.03
CA GLY B 31 6.77 -16.83 -28.75
C GLY B 31 5.80 -16.81 -27.59
N GLN B 32 6.19 -16.09 -26.53
CA GLN B 32 5.38 -16.04 -25.30
C GLN B 32 3.97 -15.55 -25.57
N LEU B 33 3.84 -14.44 -26.30
CA LEU B 33 2.52 -13.85 -26.49
C LEU B 33 1.64 -14.70 -27.39
N ALA B 34 2.19 -15.20 -28.50
CA ALA B 34 1.41 -16.08 -29.37
C ALA B 34 0.95 -17.31 -28.60
N PHE B 35 1.82 -17.88 -27.76
CA PHE B 35 1.39 -19.02 -26.94
C PHE B 35 0.31 -18.61 -25.95
N ALA B 36 0.51 -17.50 -25.24
CA ALA B 36 -0.49 -17.09 -24.24
C ALA B 36 -1.87 -16.87 -24.88
N LEU B 37 -1.90 -16.18 -26.01
CA LEU B 37 -3.19 -15.91 -26.64
C LEU B 37 -3.82 -17.18 -27.20
N ALA B 38 -3.02 -18.03 -27.85
CA ALA B 38 -3.58 -19.25 -28.43
C ALA B 38 -4.10 -20.18 -27.36
N LYS B 39 -3.38 -20.26 -26.23
CA LYS B 39 -3.82 -21.06 -25.10
C LYS B 39 -5.11 -20.50 -24.53
N GLY B 40 -5.16 -19.18 -24.35
CA GLY B 40 -6.38 -18.56 -23.86
C GLY B 40 -7.56 -18.76 -24.80
N PHE B 41 -7.36 -18.51 -26.11
CA PHE B 41 -8.44 -18.70 -27.07
C PHE B 41 -8.95 -20.14 -27.07
N THR B 42 -8.03 -21.11 -27.07
CA THR B 42 -8.47 -22.50 -27.15
C THR B 42 -9.12 -22.95 -25.84
N ALA B 43 -8.62 -22.48 -24.71
CA ALA B 43 -9.27 -22.79 -23.43
C ALA B 43 -10.65 -22.17 -23.36
N ALA B 44 -10.83 -20.98 -23.91
CA ALA B 44 -12.15 -20.35 -23.87
C ALA B 44 -13.15 -21.05 -24.77
N GLY B 45 -12.70 -21.96 -25.65
CA GLY B 45 -13.54 -22.64 -26.59
C GLY B 45 -13.97 -21.82 -27.79
N VAL B 46 -13.47 -20.60 -27.95
CA VAL B 46 -13.95 -19.77 -29.05
C VAL B 46 -13.23 -20.08 -30.36
N LEU B 47 -12.13 -20.84 -30.31
CA LEU B 47 -11.40 -21.23 -31.49
C LEU B 47 -10.88 -22.64 -31.27
N ALA B 48 -10.93 -23.44 -32.32
CA ALA B 48 -10.27 -24.74 -32.33
C ALA B 48 -8.80 -24.54 -32.67
N ALA B 49 -7.93 -25.29 -31.98
CA ALA B 49 -6.50 -25.07 -32.14
C ALA B 49 -6.04 -25.30 -33.58
N HIS B 50 -6.68 -26.21 -34.31
CA HIS B 50 -6.26 -26.47 -35.69
C HIS B 50 -6.67 -25.38 -36.66
N LYS B 51 -7.53 -24.44 -36.25
CA LYS B 51 -7.82 -23.26 -37.05
C LYS B 51 -6.85 -22.12 -36.78
N ILE B 52 -5.84 -22.35 -35.93
CA ILE B 52 -4.81 -21.35 -35.64
C ILE B 52 -3.51 -21.80 -36.28
N MET B 53 -2.78 -20.87 -36.87
CA MET B 53 -1.47 -21.19 -37.40
C MET B 53 -0.49 -20.13 -36.90
N ALA B 54 0.75 -20.55 -36.64
CA ALA B 54 1.79 -19.63 -36.18
C ALA B 54 3.07 -19.90 -36.96
N SER B 55 3.82 -18.83 -37.22
CA SER B 55 5.07 -18.97 -37.94
C SER B 55 6.19 -18.32 -37.13
N SER B 56 7.38 -18.91 -37.26
CA SER B 56 8.59 -18.43 -36.60
C SER B 56 9.78 -19.03 -37.32
N PRO B 57 10.89 -18.31 -37.46
CA PRO B 57 12.11 -18.90 -38.01
C PRO B 57 12.85 -19.82 -37.05
N ASP B 58 12.30 -20.10 -35.87
CA ASP B 58 12.96 -20.94 -34.87
C ASP B 58 11.95 -21.94 -34.31
N MET B 59 12.10 -23.22 -34.67
CA MET B 59 11.23 -24.26 -34.14
C MET B 59 11.75 -24.87 -32.84
N ASP B 60 13.00 -24.60 -32.45
CA ASP B 60 13.55 -25.12 -31.21
C ASP B 60 13.21 -24.23 -30.02
N LEU B 61 12.06 -23.56 -30.06
CA LEU B 61 11.60 -22.71 -28.97
C LEU B 61 10.63 -23.50 -28.10
N ALA B 62 10.65 -23.21 -26.80
CA ALA B 62 9.74 -23.89 -25.89
C ALA B 62 8.29 -23.55 -26.17
N THR B 63 8.01 -22.36 -26.69
CA THR B 63 6.64 -21.99 -27.02
C THR B 63 6.15 -22.65 -28.30
N VAL B 64 7.05 -22.93 -29.25
CA VAL B 64 6.67 -23.68 -30.44
C VAL B 64 6.28 -25.10 -30.07
N SER B 65 7.10 -25.77 -29.24
CA SER B 65 6.75 -27.12 -28.80
C SER B 65 5.40 -27.14 -28.10
N ALA B 66 5.11 -26.09 -27.32
CA ALA B 66 3.84 -26.04 -26.60
C ALA B 66 2.68 -25.80 -27.55
N LEU B 67 2.84 -24.85 -28.49
CA LEU B 67 1.83 -24.65 -29.53
C LEU B 67 1.58 -25.93 -30.32
N ARG B 68 2.63 -26.68 -30.63
CA ARG B 68 2.46 -27.93 -31.37
C ARG B 68 1.59 -28.91 -30.60
N LYS B 69 1.82 -29.03 -29.29
CA LYS B 69 1.05 -29.97 -28.49
C LYS B 69 -0.43 -29.59 -28.40
N MET B 70 -0.76 -28.29 -28.39
CA MET B 70 -2.15 -27.86 -28.45
C MET B 70 -2.83 -28.23 -29.75
N GLY B 71 -2.06 -28.44 -30.82
CA GLY B 71 -2.64 -28.67 -32.14
C GLY B 71 -2.61 -27.47 -33.07
N VAL B 72 -1.91 -26.41 -32.70
CA VAL B 72 -1.74 -25.25 -33.59
C VAL B 72 -0.87 -25.64 -34.77
N LYS B 73 -1.29 -25.26 -35.98
CA LYS B 73 -0.47 -25.52 -37.16
C LYS B 73 0.72 -24.59 -37.17
N LEU B 74 1.90 -25.12 -37.48
CA LEU B 74 3.12 -24.33 -37.45
C LEU B 74 3.85 -24.41 -38.78
N THR B 75 4.54 -23.31 -39.13
CA THR B 75 5.28 -23.22 -40.38
C THR B 75 6.42 -22.24 -40.19
N PRO B 76 7.56 -22.44 -40.84
CA PRO B 76 8.59 -21.39 -40.83
C PRO B 76 8.24 -20.19 -41.69
N HIS B 77 7.25 -20.29 -42.59
CA HIS B 77 7.04 -19.29 -43.62
C HIS B 77 5.90 -18.36 -43.28
N ASN B 78 6.23 -17.06 -43.13
CA ASN B 78 5.24 -16.06 -42.77
C ASN B 78 4.19 -15.91 -43.85
N LYS B 79 4.55 -16.16 -45.12
CA LYS B 79 3.55 -16.04 -46.19
C LYS B 79 2.45 -17.09 -46.04
N GLU B 80 2.79 -18.30 -45.62
CA GLU B 80 1.75 -19.31 -45.37
C GLU B 80 0.79 -18.90 -44.25
N THR B 81 1.30 -18.30 -43.18
CA THR B 81 0.40 -17.79 -42.14
C THR B 81 -0.59 -16.78 -42.73
N VAL B 82 -0.08 -15.85 -43.53
CA VAL B 82 -0.95 -14.83 -44.12
C VAL B 82 -2.00 -15.48 -45.01
N GLN B 83 -1.58 -16.41 -45.87
CA GLN B 83 -2.51 -17.03 -46.80
C GLN B 83 -3.57 -17.85 -46.08
N HIS B 84 -3.24 -18.43 -44.92
CA HIS B 84 -4.21 -19.22 -44.17
C HIS B 84 -5.17 -18.35 -43.37
N SER B 85 -4.81 -17.12 -43.06
CA SER B 85 -5.46 -16.41 -41.98
C SER B 85 -6.39 -15.32 -42.50
N ASP B 86 -7.45 -15.08 -41.72
CA ASP B 86 -8.30 -13.89 -41.82
C ASP B 86 -7.85 -12.83 -40.82
N VAL B 87 -7.76 -13.21 -39.56
CA VAL B 87 -7.25 -12.32 -38.51
C VAL B 87 -5.78 -12.65 -38.30
N LEU B 88 -4.92 -11.64 -38.45
CA LEU B 88 -3.48 -11.84 -38.43
C LEU B 88 -2.89 -11.03 -37.26
N PHE B 89 -2.41 -11.73 -36.23
CA PHE B 89 -1.75 -11.11 -35.09
C PHE B 89 -0.27 -10.97 -35.38
N LEU B 90 0.27 -9.77 -35.20
CA LEU B 90 1.70 -9.55 -35.31
C LEU B 90 2.27 -9.67 -33.91
N ALA B 91 2.95 -10.78 -33.63
CA ALA B 91 3.42 -11.08 -32.29
C ALA B 91 4.94 -11.23 -32.32
N VAL B 92 5.62 -10.26 -32.95
CA VAL B 92 7.07 -10.21 -33.01
C VAL B 92 7.53 -8.96 -32.27
N LYS B 93 8.83 -8.90 -31.97
CA LYS B 93 9.36 -7.76 -31.26
C LYS B 93 9.18 -6.50 -32.11
N PRO B 94 9.06 -5.33 -31.45
CA PRO B 94 8.77 -4.09 -32.19
C PRO B 94 9.70 -3.80 -33.36
N HIS B 95 11.01 -4.02 -33.18
CA HIS B 95 11.94 -3.70 -34.27
C HIS B 95 11.85 -4.70 -35.42
N ILE B 96 11.16 -5.83 -35.25
CA ILE B 96 10.96 -6.80 -36.32
C ILE B 96 9.74 -6.44 -37.17
N ILE B 97 8.81 -5.65 -36.63
CA ILE B 97 7.58 -5.35 -37.36
C ILE B 97 7.84 -4.80 -38.76
N PRO B 98 8.71 -3.80 -38.96
CA PRO B 98 8.91 -3.31 -40.33
C PRO B 98 9.43 -4.37 -41.30
N PHE B 99 10.28 -5.29 -40.84
CA PHE B 99 10.74 -6.33 -41.76
C PHE B 99 9.58 -7.24 -42.16
N ILE B 100 8.78 -7.63 -41.18
CA ILE B 100 7.58 -8.46 -41.40
C ILE B 100 6.66 -7.81 -42.41
N LEU B 101 6.38 -6.50 -42.25
CA LEU B 101 5.43 -5.85 -43.14
C LEU B 101 5.96 -5.78 -44.56
N ASP B 102 7.27 -5.57 -44.71
CA ASP B 102 7.90 -5.61 -46.02
C ASP B 102 7.79 -7.00 -46.65
N GLU B 103 7.98 -8.04 -45.84
CA GLU B 103 7.98 -9.41 -46.35
C GLU B 103 6.60 -9.84 -46.87
N ILE B 104 5.54 -9.55 -46.12
CA ILE B 104 4.22 -10.07 -46.46
C ILE B 104 3.23 -9.00 -46.94
N GLY B 105 3.66 -7.74 -47.07
CA GLY B 105 2.72 -6.71 -47.49
C GLY B 105 2.01 -7.01 -48.79
N ALA B 106 2.71 -7.61 -49.75
CA ALA B 106 2.11 -7.94 -51.04
C ALA B 106 1.10 -9.08 -50.93
N ASP B 107 1.06 -9.79 -49.81
CA ASP B 107 0.11 -10.87 -49.60
C ASP B 107 -1.12 -10.45 -48.82
N ILE B 108 -1.18 -9.20 -48.34
CA ILE B 108 -2.37 -8.77 -47.61
C ILE B 108 -3.53 -8.59 -48.58
N GLU B 109 -4.68 -9.15 -48.23
CA GLU B 109 -5.87 -9.16 -49.06
C GLU B 109 -6.98 -8.35 -48.37
N ASP B 110 -8.10 -8.20 -49.08
CA ASP B 110 -9.23 -7.44 -48.54
C ASP B 110 -9.74 -8.05 -47.24
N ARG B 111 -9.71 -9.39 -47.12
CA ARG B 111 -10.28 -10.09 -45.98
C ARG B 111 -9.45 -9.93 -44.70
N HIS B 112 -8.22 -9.46 -44.79
CA HIS B 112 -7.34 -9.51 -43.62
C HIS B 112 -7.65 -8.37 -42.66
N ILE B 113 -7.68 -8.71 -41.37
CA ILE B 113 -7.58 -7.75 -40.29
C ILE B 113 -6.22 -7.97 -39.66
N VAL B 114 -5.37 -6.95 -39.68
CA VAL B 114 -4.02 -7.02 -39.14
C VAL B 114 -4.06 -6.43 -37.74
N VAL B 115 -3.76 -7.25 -36.73
CA VAL B 115 -3.82 -6.84 -35.33
C VAL B 115 -2.40 -6.82 -34.78
N SER B 116 -1.86 -5.63 -34.58
CA SER B 116 -0.49 -5.53 -34.07
C SER B 116 -0.54 -5.53 -32.55
N CYS B 117 0.23 -6.44 -31.93
CA CYS B 117 0.38 -6.44 -30.48
C CYS B 117 1.70 -5.87 -30.02
N ALA B 118 2.51 -5.33 -30.94
CA ALA B 118 3.86 -4.92 -30.60
C ALA B 118 3.87 -3.64 -29.78
N ALA B 119 4.67 -3.62 -28.71
CA ALA B 119 4.75 -2.42 -27.88
C ALA B 119 5.24 -1.23 -28.69
N GLY B 120 4.57 -0.09 -28.53
CA GLY B 120 5.03 1.16 -29.10
C GLY B 120 4.73 1.39 -30.57
N VAL B 121 4.52 0.36 -31.38
CA VAL B 121 4.43 0.52 -32.84
C VAL B 121 3.09 1.14 -33.20
N THR B 122 3.11 2.29 -33.88
CA THR B 122 1.88 3.04 -34.16
C THR B 122 1.10 2.46 -35.35
N ILE B 123 -0.21 2.68 -35.32
CA ILE B 123 -1.06 2.33 -36.46
C ILE B 123 -0.58 3.03 -37.71
N SER B 124 -0.23 4.30 -37.60
CA SER B 124 0.20 5.06 -38.77
C SER B 124 1.40 4.42 -39.45
N SER B 125 2.37 3.94 -38.67
CA SER B 125 3.56 3.36 -39.30
C SER B 125 3.24 2.04 -39.99
N ILE B 126 2.29 1.28 -39.45
CA ILE B 126 1.90 0.02 -40.07
C ILE B 126 1.09 0.26 -41.34
N GLU B 127 0.12 1.18 -41.26
CA GLU B 127 -0.67 1.50 -42.46
C GLU B 127 0.21 2.06 -43.57
N LYS B 128 1.23 2.85 -43.22
CA LYS B 128 2.09 3.42 -44.26
C LYS B 128 2.85 2.33 -45.01
N LYS B 129 3.37 1.35 -44.29
CA LYS B 129 4.06 0.22 -44.91
C LYS B 129 3.12 -0.59 -45.78
N LEU B 130 1.99 -1.03 -45.23
CA LEU B 130 1.10 -1.91 -45.99
C LEU B 130 0.41 -1.15 -47.13
N SER B 131 0.25 0.17 -47.01
CA SER B 131 -0.44 0.90 -48.05
C SER B 131 0.38 0.97 -49.34
N ALA B 132 1.70 0.83 -49.25
CA ALA B 132 2.51 0.82 -50.46
C ALA B 132 2.16 -0.35 -51.37
N PHE B 133 1.63 -1.44 -50.80
CA PHE B 133 1.30 -2.63 -51.59
C PHE B 133 -0.15 -2.65 -52.05
N ARG B 134 -1.05 -2.21 -51.21
CA ARG B 134 -2.48 -2.31 -51.46
C ARG B 134 -3.17 -1.26 -50.60
N PRO B 135 -4.00 -0.39 -51.16
CA PRO B 135 -4.62 0.64 -50.33
C PRO B 135 -5.60 0.04 -49.33
N ALA B 136 -5.94 0.84 -48.34
CA ALA B 136 -6.91 0.52 -47.29
C ALA B 136 -6.64 -0.77 -46.48
N PRO B 137 -5.45 -1.00 -45.95
CA PRO B 137 -5.27 -2.14 -45.04
C PRO B 137 -6.04 -1.92 -43.74
N ARG B 138 -6.65 -3.00 -43.24
CA ARG B 138 -7.47 -2.95 -42.03
C ARG B 138 -6.60 -3.29 -40.83
N VAL B 139 -6.27 -2.29 -40.02
CA VAL B 139 -5.28 -2.44 -38.96
C VAL B 139 -5.92 -2.10 -37.64
N ILE B 140 -5.63 -2.93 -36.64
CA ILE B 140 -5.98 -2.68 -35.25
C ILE B 140 -4.71 -2.82 -34.43
N ARG B 141 -4.52 -1.92 -33.48
CA ARG B 141 -3.40 -1.99 -32.55
C ARG B 141 -3.94 -2.39 -31.19
N CYS B 142 -3.29 -3.35 -30.55
CA CYS B 142 -3.73 -3.72 -29.22
C CYS B 142 -2.53 -3.77 -28.29
N MET B 143 -2.83 -3.63 -27.00
CA MET B 143 -1.94 -3.98 -25.90
C MET B 143 -2.65 -4.93 -24.96
N THR B 144 -1.99 -6.05 -24.66
CA THR B 144 -2.56 -7.07 -23.78
C THR B 144 -1.47 -7.47 -22.77
N ASN B 145 -1.61 -8.65 -22.16
CA ASN B 145 -0.58 -9.11 -21.22
C ASN B 145 -0.63 -10.63 -21.09
N THR B 146 0.40 -11.18 -20.43
CA THR B 146 0.48 -12.66 -20.44
C THR B 146 -0.66 -13.37 -19.71
N PRO B 147 -1.37 -12.75 -18.76
CA PRO B 147 -2.47 -13.49 -18.09
C PRO B 147 -3.62 -13.85 -19.00
N VAL B 148 -3.63 -13.48 -20.28
CA VAL B 148 -4.62 -14.08 -21.17
C VAL B 148 -4.48 -15.60 -21.18
N VAL B 149 -3.30 -16.10 -20.80
CA VAL B 149 -3.08 -17.55 -20.75
C VAL B 149 -3.99 -18.23 -19.72
N VAL B 150 -4.43 -17.51 -18.68
CA VAL B 150 -5.40 -18.01 -17.71
C VAL B 150 -6.74 -17.26 -17.84
N ARG B 151 -6.97 -16.67 -19.01
CA ARG B 151 -8.19 -15.95 -19.36
C ARG B 151 -8.47 -14.79 -18.39
N GLU B 152 -7.42 -14.17 -17.87
CA GLU B 152 -7.58 -13.00 -16.99
C GLU B 152 -6.70 -11.85 -17.46
N GLY B 153 -6.57 -11.70 -18.78
CA GLY B 153 -5.80 -10.60 -19.33
C GLY B 153 -6.49 -9.26 -19.17
N ALA B 154 -5.71 -8.23 -19.47
CA ALA B 154 -6.21 -6.86 -19.54
C ALA B 154 -5.80 -6.34 -20.91
N THR B 155 -6.78 -6.06 -21.77
CA THR B 155 -6.48 -5.74 -23.17
C THR B 155 -7.15 -4.43 -23.55
N VAL B 156 -6.42 -3.60 -24.31
CA VAL B 156 -7.02 -2.43 -24.94
C VAL B 156 -6.71 -2.52 -26.43
N TYR B 157 -7.54 -1.86 -27.24
CA TYR B 157 -7.28 -1.81 -28.67
C TYR B 157 -7.74 -0.48 -29.24
N ALA B 158 -7.12 -0.10 -30.35
CA ALA B 158 -7.54 1.07 -31.12
C ALA B 158 -7.67 0.67 -32.58
N THR B 159 -8.68 1.20 -33.25
CA THR B 159 -8.96 0.86 -34.64
C THR B 159 -8.28 1.84 -35.58
N GLY B 160 -7.71 1.32 -36.66
CA GLY B 160 -7.03 2.14 -37.64
C GLY B 160 -7.99 2.81 -38.60
N THR B 161 -7.38 3.45 -39.62
CA THR B 161 -8.13 4.31 -40.53
C THR B 161 -9.15 3.55 -41.36
N HIS B 162 -8.81 2.34 -41.78
CA HIS B 162 -9.63 1.57 -42.70
C HIS B 162 -10.33 0.39 -42.03
N ALA B 163 -10.15 0.22 -40.74
CA ALA B 163 -10.91 -0.78 -40.00
C ALA B 163 -12.39 -0.43 -40.05
N GLN B 164 -13.22 -1.41 -40.37
CA GLN B 164 -14.66 -1.19 -40.31
C GLN B 164 -15.16 -1.37 -38.88
N VAL B 165 -16.34 -0.81 -38.61
CA VAL B 165 -16.93 -0.90 -37.27
C VAL B 165 -17.06 -2.36 -36.84
N GLU B 166 -17.38 -3.25 -37.79
CA GLU B 166 -17.51 -4.66 -37.44
C GLU B 166 -16.18 -5.29 -37.07
N ASP B 167 -15.06 -4.75 -37.57
CA ASP B 167 -13.74 -5.30 -37.23
C ASP B 167 -13.41 -5.07 -35.77
N GLY B 168 -13.65 -3.87 -35.25
CA GLY B 168 -13.40 -3.62 -33.85
C GLY B 168 -14.31 -4.43 -32.94
N ARG B 169 -15.59 -4.56 -33.32
CA ARG B 169 -16.52 -5.35 -32.53
C ARG B 169 -16.08 -6.80 -32.47
N LEU B 170 -15.66 -7.35 -33.61
CA LEU B 170 -15.17 -8.73 -33.65
C LEU B 170 -13.92 -8.91 -32.79
N MET B 171 -12.94 -8.01 -32.93
CA MET B 171 -11.75 -8.09 -32.09
C MET B 171 -12.09 -7.94 -30.61
N GLU B 172 -13.02 -7.07 -30.25
CA GLU B 172 -13.41 -7.00 -28.85
C GLU B 172 -14.03 -8.31 -28.39
N GLN B 173 -14.89 -8.91 -29.21
CA GLN B 173 -15.50 -10.19 -28.88
C GLN B 173 -14.43 -11.25 -28.66
N LEU B 174 -13.46 -11.32 -29.55
CA LEU B 174 -12.40 -12.31 -29.42
C LEU B 174 -11.54 -12.05 -28.19
N LEU B 175 -11.11 -10.79 -27.99
CA LEU B 175 -10.17 -10.52 -26.89
C LEU B 175 -10.87 -10.53 -25.55
N SER B 176 -12.18 -10.24 -25.52
CA SER B 176 -12.95 -10.38 -24.28
C SER B 176 -13.03 -11.81 -23.80
N SER B 177 -12.81 -12.79 -24.67
CA SER B 177 -12.90 -14.18 -24.23
C SER B 177 -11.71 -14.58 -23.37
N VAL B 178 -10.66 -13.75 -23.29
CA VAL B 178 -9.49 -14.10 -22.50
C VAL B 178 -9.17 -13.04 -21.47
N GLY B 179 -10.09 -12.10 -21.22
CA GLY B 179 -9.89 -11.14 -20.15
C GLY B 179 -10.73 -9.89 -20.38
N PHE B 180 -10.40 -8.86 -19.62
CA PHE B 180 -11.01 -7.55 -19.82
C PHE B 180 -10.54 -7.00 -21.16
N CYS B 181 -11.45 -6.38 -21.91
CA CYS B 181 -11.08 -5.75 -23.18
C CYS B 181 -11.92 -4.50 -23.38
N THR B 182 -11.28 -3.41 -23.81
CA THR B 182 -12.04 -2.21 -24.12
C THR B 182 -11.32 -1.40 -25.19
N GLU B 183 -12.08 -0.66 -25.98
CA GLU B 183 -11.51 0.22 -26.99
C GLU B 183 -10.99 1.50 -26.34
N VAL B 184 -9.85 2.00 -26.84
CA VAL B 184 -9.29 3.26 -26.40
C VAL B 184 -8.81 4.05 -27.61
N GLU B 185 -8.64 5.36 -27.41
CA GLU B 185 -7.89 6.17 -28.37
C GLU B 185 -6.45 5.68 -28.40
N GLU B 186 -5.83 5.68 -29.59
CA GLU B 186 -4.49 5.11 -29.71
C GLU B 186 -3.48 5.82 -28.81
N ASP B 187 -3.66 7.11 -28.55
CA ASP B 187 -2.65 7.80 -27.75
C ASP B 187 -2.64 7.42 -26.27
N LEU B 188 -3.55 6.54 -25.82
CA LEU B 188 -3.45 6.01 -24.47
C LEU B 188 -2.62 4.74 -24.39
N ILE B 189 -2.27 4.14 -25.53
CA ILE B 189 -1.79 2.75 -25.47
C ILE B 189 -0.38 2.65 -24.90
N ASP B 190 0.48 3.64 -25.12
CA ASP B 190 1.80 3.57 -24.53
C ASP B 190 1.72 3.57 -22.99
N ALA B 191 0.80 4.37 -22.43
CA ALA B 191 0.61 4.36 -20.98
C ALA B 191 -0.01 3.06 -20.49
N VAL B 192 -0.95 2.50 -21.24
CA VAL B 192 -1.48 1.18 -20.86
C VAL B 192 -0.37 0.15 -20.86
N THR B 193 0.55 0.22 -21.83
CA THR B 193 1.70 -0.68 -21.85
C THR B 193 2.47 -0.60 -20.53
N GLY B 194 2.67 0.61 -20.00
CA GLY B 194 3.43 0.77 -18.78
C GLY B 194 2.70 0.29 -17.53
N LEU B 195 1.37 0.26 -17.59
CA LEU B 195 0.54 -0.14 -16.45
C LEU B 195 0.20 -1.62 -16.51
N SER B 196 -0.64 -2.03 -17.47
CA SER B 196 -1.06 -3.42 -17.48
C SER B 196 -0.22 -4.31 -18.38
N GLY B 197 0.45 -3.76 -19.40
CA GLY B 197 1.33 -4.61 -20.19
C GLY B 197 2.53 -5.11 -19.39
N SER B 198 3.26 -4.19 -18.76
CA SER B 198 4.36 -4.54 -17.87
C SER B 198 3.88 -4.96 -16.47
N GLY B 199 2.65 -4.62 -16.11
CA GLY B 199 2.09 -4.88 -14.80
C GLY B 199 2.35 -6.26 -14.19
N PRO B 200 2.14 -7.33 -14.95
CA PRO B 200 2.37 -8.66 -14.35
C PRO B 200 3.79 -8.80 -13.80
N ALA B 201 4.79 -8.18 -14.43
CA ALA B 201 6.15 -8.29 -13.89
C ALA B 201 6.28 -7.60 -12.54
N TYR B 202 5.62 -6.46 -12.36
CA TYR B 202 5.64 -5.80 -11.06
C TYR B 202 5.03 -6.71 -10.01
N ALA B 203 3.94 -7.38 -10.37
CA ALA B 203 3.27 -8.30 -9.45
C ALA B 203 4.13 -9.52 -9.13
N PHE B 204 4.81 -10.09 -10.13
CA PHE B 204 5.68 -11.23 -9.86
C PHE B 204 6.83 -10.82 -8.91
N THR B 205 7.41 -9.63 -9.14
CA THR B 205 8.46 -9.10 -8.26
C THR B 205 7.92 -8.95 -6.84
N ALA B 206 6.73 -8.36 -6.73
CA ALA B 206 6.13 -8.13 -5.42
C ALA B 206 5.85 -9.46 -4.72
N LEU B 207 5.36 -10.46 -5.46
CA LEU B 207 5.06 -11.76 -4.86
C LEU B 207 6.32 -12.48 -4.41
N ASP B 208 7.40 -12.34 -5.18
CA ASP B 208 8.67 -12.97 -4.82
C ASP B 208 9.18 -12.37 -3.51
N ALA B 209 9.04 -11.05 -3.37
CA ALA B 209 9.52 -10.34 -2.18
C ALA B 209 8.63 -10.60 -0.97
N LEU B 210 7.31 -10.57 -1.15
CA LEU B 210 6.39 -10.94 -0.07
C LEU B 210 6.66 -12.34 0.43
N ALA B 211 6.91 -13.29 -0.47
CA ALA B 211 7.28 -14.64 -0.04
C ALA B 211 8.59 -14.64 0.74
N ASP B 212 9.58 -13.85 0.32
CA ASP B 212 10.83 -13.75 1.07
C ASP B 212 10.55 -13.25 2.48
N GLY B 213 9.64 -12.29 2.61
CA GLY B 213 9.24 -11.81 3.92
C GLY B 213 8.57 -12.89 4.76
N GLY B 214 7.72 -13.71 4.13
CA GLY B 214 7.11 -14.82 4.85
C GLY B 214 8.15 -15.82 5.31
N VAL B 215 9.11 -16.13 4.44
CA VAL B 215 10.18 -17.06 4.80
C VAL B 215 11.02 -16.49 5.93
N LYS B 216 11.35 -15.18 5.88
CA LYS B 216 12.15 -14.60 6.96
C LYS B 216 11.48 -14.81 8.31
N MET B 217 10.16 -14.68 8.35
CA MET B 217 9.37 -14.80 9.56
C MET B 217 9.00 -16.24 9.88
N GLY B 218 9.47 -17.22 9.11
CA GLY B 218 9.38 -18.61 9.51
C GLY B 218 8.49 -19.51 8.64
N LEU B 219 7.88 -18.98 7.59
CA LEU B 219 7.00 -19.81 6.76
C LEU B 219 7.80 -20.62 5.74
N PRO B 220 7.38 -21.85 5.44
CA PRO B 220 7.94 -22.55 4.29
C PRO B 220 7.69 -21.78 3.00
N ARG B 221 8.64 -21.87 2.08
CA ARG B 221 8.56 -21.06 0.85
CA ARG B 221 8.58 -21.10 0.84
C ARG B 221 7.30 -21.38 0.06
N ARG B 222 6.96 -22.67 -0.09
CA ARG B 222 5.78 -23.05 -0.86
C ARG B 222 4.51 -22.39 -0.31
N LEU B 223 4.32 -22.45 1.01
CA LEU B 223 3.15 -21.85 1.64
C LEU B 223 3.19 -20.33 1.53
N ALA B 224 4.36 -19.72 1.74
CA ALA B 224 4.45 -18.27 1.61
C ALA B 224 4.06 -17.83 0.20
N VAL B 225 4.52 -18.56 -0.82
CA VAL B 225 4.18 -18.20 -2.21
C VAL B 225 2.67 -18.29 -2.42
N ARG B 226 2.06 -19.40 -1.97
CA ARG B 226 0.62 -19.62 -2.15
C ARG B 226 -0.19 -18.52 -1.46
N LEU B 227 0.15 -18.22 -0.19
CA LEU B 227 -0.60 -17.24 0.57
C LEU B 227 -0.45 -15.83 0.00
N GLY B 228 0.77 -15.45 -0.38
CA GLY B 228 0.96 -14.14 -0.96
C GLY B 228 0.18 -13.97 -2.25
N ALA B 229 0.23 -14.97 -3.11
CA ALA B 229 -0.49 -14.89 -4.38
C ALA B 229 -2.00 -14.90 -4.15
N GLN B 230 -2.47 -15.71 -3.21
CA GLN B 230 -3.90 -15.71 -2.90
C GLN B 230 -4.34 -14.36 -2.34
N ALA B 231 -3.51 -13.72 -1.51
CA ALA B 231 -3.84 -12.41 -0.96
C ALA B 231 -3.95 -11.35 -2.06
N LEU B 232 -3.00 -11.36 -3.00
CA LEU B 232 -3.05 -10.38 -4.09
C LEU B 232 -4.25 -10.65 -5.01
N LEU B 233 -4.50 -11.91 -5.34
CA LEU B 233 -5.66 -12.22 -6.18
C LEU B 233 -6.95 -11.77 -5.50
N GLY B 234 -7.10 -12.10 -4.21
CA GLY B 234 -8.32 -11.75 -3.53
C GLY B 234 -8.53 -10.25 -3.44
N ALA B 235 -7.45 -9.51 -3.15
CA ALA B 235 -7.58 -8.06 -3.04
C ALA B 235 -7.93 -7.43 -4.37
N ALA B 236 -7.28 -7.87 -5.46
CA ALA B 236 -7.63 -7.36 -6.78
C ALA B 236 -9.09 -7.64 -7.10
N LYS B 237 -9.57 -8.84 -6.75
CA LYS B 237 -10.96 -9.17 -7.04
C LYS B 237 -11.90 -8.28 -6.21
N MET B 238 -11.59 -8.04 -4.94
CA MET B 238 -12.41 -7.16 -4.12
C MET B 238 -12.59 -5.81 -4.78
N LEU B 239 -11.47 -5.19 -5.19
CA LEU B 239 -11.50 -3.90 -5.89
C LEU B 239 -12.36 -3.95 -7.14
N LEU B 240 -12.12 -4.94 -8.00
CA LEU B 240 -12.87 -5.01 -9.25
C LEU B 240 -14.37 -5.14 -9.00
N HIS B 241 -14.77 -5.80 -7.90
CA HIS B 241 -16.18 -6.02 -7.63
C HIS B 241 -16.78 -5.01 -6.66
N SER B 242 -16.04 -3.98 -6.26
CA SER B 242 -16.50 -3.00 -5.31
C SER B 242 -16.70 -1.64 -5.99
N GLU B 243 -17.62 -0.86 -5.45
CA GLU B 243 -17.80 0.51 -5.89
C GLU B 243 -16.95 1.50 -5.10
N GLN B 244 -16.03 1.02 -4.27
CA GLN B 244 -15.34 1.84 -3.27
C GLN B 244 -13.89 2.11 -3.69
N HIS B 245 -13.32 3.11 -3.07
CA HIS B 245 -11.95 3.55 -3.32
C HIS B 245 -10.96 2.56 -2.69
N PRO B 246 -9.87 2.22 -3.38
CA PRO B 246 -8.85 1.34 -2.78
C PRO B 246 -8.45 1.76 -1.37
N GLY B 247 -8.48 3.06 -1.08
CA GLY B 247 -8.22 3.52 0.27
C GLY B 247 -9.29 3.11 1.27
N GLN B 248 -10.56 3.10 0.85
CA GLN B 248 -11.63 2.67 1.75
C GLN B 248 -11.50 1.18 2.07
N LEU B 249 -11.21 0.35 1.06
CA LEU B 249 -10.94 -1.07 1.31
C LEU B 249 -9.73 -1.24 2.20
N LYS B 250 -8.71 -0.41 1.99
CA LYS B 250 -7.52 -0.52 2.82
C LYS B 250 -7.85 -0.17 4.26
N ASP B 251 -8.68 0.85 4.46
CA ASP B 251 -9.09 1.23 5.81
C ASP B 251 -9.79 0.09 6.55
N ASN B 252 -10.53 -0.78 5.83
CA ASN B 252 -11.20 -1.91 6.46
C ASN B 252 -10.23 -2.96 6.99
N VAL B 253 -9.00 -3.00 6.45
CA VAL B 253 -7.98 -3.93 6.93
C VAL B 253 -7.06 -3.29 7.98
N SER B 254 -7.08 -1.98 8.15
CA SER B 254 -6.12 -1.32 9.04
C SER B 254 -6.77 -1.00 10.38
N SER B 255 -6.89 -2.00 11.22
CA SER B 255 -7.47 -1.74 12.54
C SER B 255 -6.55 -0.83 13.35
N PRO B 256 -7.13 0.02 14.19
CA PRO B 256 -6.33 0.97 14.99
C PRO B 256 -5.29 0.28 15.85
N GLY B 257 -4.06 0.78 15.76
CA GLY B 257 -2.95 0.20 16.50
C GLY B 257 -2.50 -1.17 16.07
N GLY B 258 -3.07 -1.72 14.99
CA GLY B 258 -2.91 -3.12 14.68
C GLY B 258 -1.68 -3.44 13.83
N ALA B 259 -1.58 -4.71 13.46
CA ALA B 259 -0.44 -5.21 12.68
C ALA B 259 -0.35 -4.51 11.32
N THR B 260 -1.50 -4.35 10.66
CA THR B 260 -1.49 -3.89 9.27
C THR B 260 -1.01 -2.44 9.16
N ILE B 261 -1.55 -1.55 10.01
CA ILE B 261 -1.16 -0.15 9.94
C ILE B 261 0.32 0.02 10.31
N HIS B 262 0.87 -0.87 11.14
CA HIS B 262 2.32 -0.82 11.39
C HIS B 262 3.09 -1.18 10.13
N ALA B 263 2.62 -2.18 9.39
CA ALA B 263 3.28 -2.54 8.14
C ALA B 263 3.09 -1.46 7.09
N LEU B 264 1.90 -0.85 7.02
CA LEU B 264 1.71 0.21 6.02
C LEU B 264 2.66 1.37 6.26
N HIS B 265 2.98 1.67 7.52
CA HIS B 265 3.90 2.76 7.81
C HIS B 265 5.29 2.49 7.23
N VAL B 266 5.80 1.27 7.39
CA VAL B 266 7.14 1.02 6.85
C VAL B 266 7.14 1.02 5.31
N LEU B 267 6.03 0.63 4.67
CA LEU B 267 5.96 0.84 3.21
C LEU B 267 6.03 2.32 2.88
N GLU B 268 5.25 3.15 3.59
CA GLU B 268 5.28 4.58 3.30
C GLU B 268 6.65 5.18 3.53
N SER B 269 7.36 4.69 4.56
CA SER B 269 8.66 5.25 4.91
C SER B 269 9.68 5.02 3.81
N GLY B 270 9.53 3.94 3.04
CA GLY B 270 10.40 3.73 1.91
C GLY B 270 9.91 4.34 0.61
N GLY B 271 8.83 5.11 0.63
CA GLY B 271 8.32 5.66 -0.64
C GLY B 271 7.79 4.59 -1.58
N PHE B 272 7.18 3.54 -1.04
CA PHE B 272 6.61 2.43 -1.83
C PHE B 272 5.76 2.93 -2.98
N ARG B 273 4.79 3.82 -2.70
CA ARG B 273 3.92 4.30 -3.77
C ARG B 273 4.72 4.95 -4.88
N SER B 274 5.71 5.78 -4.51
CA SER B 274 6.48 6.46 -5.56
C SER B 274 7.22 5.48 -6.47
N LEU B 275 7.66 4.35 -5.94
CA LEU B 275 8.39 3.39 -6.78
C LEU B 275 7.47 2.83 -7.87
N LEU B 276 6.23 2.54 -7.53
CA LEU B 276 5.30 2.02 -8.54
C LEU B 276 4.93 3.09 -9.56
N ILE B 277 4.79 4.34 -9.13
CA ILE B 277 4.60 5.42 -10.11
C ILE B 277 5.81 5.51 -11.03
N ASN B 278 7.01 5.46 -10.44
CA ASN B 278 8.26 5.46 -11.22
C ASN B 278 8.25 4.37 -12.29
N ALA B 279 7.76 3.18 -11.91
CA ALA B 279 7.78 2.03 -12.82
C ALA B 279 6.85 2.25 -14.01
N VAL B 280 5.58 2.61 -13.76
CA VAL B 280 4.66 2.88 -14.86
C VAL B 280 5.23 3.95 -15.79
N GLU B 281 5.77 5.03 -15.20
CA GLU B 281 6.38 6.09 -15.98
C GLU B 281 7.54 5.57 -16.83
N ALA B 282 8.44 4.79 -16.23
CA ALA B 282 9.62 4.34 -16.94
C ALA B 282 9.25 3.39 -18.09
N SER B 283 8.29 2.51 -17.86
CA SER B 283 7.82 1.63 -18.93
C SER B 283 7.14 2.42 -20.05
N CYS B 284 6.26 3.36 -19.69
CA CYS B 284 5.60 4.18 -20.71
C CYS B 284 6.62 4.96 -21.52
N ILE B 285 7.56 5.61 -20.85
CA ILE B 285 8.56 6.41 -21.56
C ILE B 285 9.41 5.55 -22.48
N ARG B 286 9.84 4.37 -22.01
CA ARG B 286 10.65 3.49 -22.85
C ARG B 286 9.85 3.00 -24.06
N THR B 287 8.58 2.70 -23.85
CA THR B 287 7.71 2.27 -24.96
C THR B 287 7.68 3.31 -26.07
N ARG B 288 7.60 4.60 -25.72
CA ARG B 288 7.65 5.64 -26.74
C ARG B 288 9.01 5.68 -27.45
N GLU B 289 10.08 5.26 -26.78
CA GLU B 289 11.37 5.14 -27.48
C GLU B 289 11.47 3.90 -28.36
N LEU B 290 10.81 2.79 -28.02
CA LEU B 290 10.76 1.64 -28.92
C LEU B 290 10.02 1.99 -30.20
N GLN B 291 9.62 3.26 -30.35
CA GLN B 291 9.02 3.75 -31.59
C GLN B 291 9.71 5.00 -32.14
N SER B 292 10.02 5.98 -31.29
CA SER B 292 10.68 7.20 -31.77
C SER B 292 12.02 6.88 -32.43
N MET B 293 12.70 5.82 -31.96
CA MET B 293 13.85 5.30 -32.70
C MET B 293 13.43 4.69 -34.03
N ALA B 294 12.38 3.87 -34.00
CA ALA B 294 11.80 3.31 -35.22
C ALA B 294 11.29 4.43 -36.14
N PHE C 20 -25.56 27.94 31.18
CA PHE C 20 -24.40 28.72 30.78
C PHE C 20 -24.68 30.22 30.88
N GLN C 21 -25.93 30.57 31.16
CA GLN C 21 -26.29 31.97 31.40
C GLN C 21 -26.00 32.40 32.84
N SER C 22 -25.94 31.47 33.78
CA SER C 22 -25.59 31.76 35.16
C SER C 22 -24.34 30.98 35.57
N MET C 23 -23.41 30.83 34.63
CA MET C 23 -22.25 29.97 34.82
C MET C 23 -21.02 30.82 35.05
N SER C 24 -20.26 30.50 36.09
CA SER C 24 -18.96 31.11 36.34
C SER C 24 -17.88 30.12 35.94
N VAL C 25 -16.95 30.57 35.10
CA VAL C 25 -15.87 29.74 34.59
C VAL C 25 -14.55 30.34 35.09
N GLY C 26 -13.63 29.47 35.48
CA GLY C 26 -12.32 29.92 35.93
C GLY C 26 -11.23 29.19 35.17
N PHE C 27 -10.10 29.88 35.00
CA PHE C 27 -8.90 29.28 34.43
C PHE C 27 -7.76 29.38 35.44
N ILE C 28 -7.18 28.24 35.81
CA ILE C 28 -5.91 28.22 36.51
C ILE C 28 -4.83 28.21 35.45
N GLY C 29 -4.05 29.30 35.37
CA GLY C 29 -3.13 29.52 34.25
C GLY C 29 -3.70 30.50 33.24
N ALA C 30 -2.98 31.57 32.92
CA ALA C 30 -3.54 32.60 32.06
C ALA C 30 -2.67 32.78 30.82
N GLY C 31 -2.42 31.69 30.11
CA GLY C 31 -1.57 31.73 28.94
C GLY C 31 -2.31 31.47 27.65
N GLN C 32 -1.62 30.82 26.71
CA GLN C 32 -2.13 30.67 25.34
C GLN C 32 -3.48 29.97 25.31
N LEU C 33 -3.62 28.87 26.07
CA LEU C 33 -4.86 28.12 25.97
C LEU C 33 -6.00 28.86 26.66
N ALA C 34 -5.73 29.45 27.82
CA ALA C 34 -6.77 30.22 28.50
C ALA C 34 -7.26 31.36 27.61
N PHE C 35 -6.33 32.09 26.98
CA PHE C 35 -6.73 33.14 26.06
C PHE C 35 -7.58 32.58 24.92
N ALA C 36 -7.11 31.52 24.27
CA ALA C 36 -7.83 30.97 23.12
C ALA C 36 -9.25 30.56 23.49
N LEU C 37 -9.40 29.83 24.60
CA LEU C 37 -10.73 29.37 25.01
C LEU C 37 -11.62 30.54 25.43
N ALA C 38 -11.09 31.45 26.24
CA ALA C 38 -11.92 32.58 26.68
C ALA C 38 -12.38 33.40 25.48
N LYS C 39 -11.47 33.65 24.53
CA LYS C 39 -11.83 34.42 23.35
C LYS C 39 -12.93 33.73 22.54
N GLY C 40 -12.79 32.42 22.33
CA GLY C 40 -13.82 31.70 21.60
C GLY C 40 -15.14 31.65 22.33
N PHE C 41 -15.10 31.42 23.66
CA PHE C 41 -16.33 31.36 24.44
C PHE C 41 -17.10 32.65 24.33
N THR C 42 -16.42 33.78 24.49
CA THR C 42 -17.12 35.05 24.45
C THR C 42 -17.48 35.45 23.02
N ALA C 43 -16.66 35.07 22.04
CA ALA C 43 -17.07 35.29 20.66
C ALA C 43 -18.29 34.45 20.30
N ALA C 44 -18.42 33.25 20.87
CA ALA C 44 -19.61 32.45 20.64
C ALA C 44 -20.83 33.02 21.33
N GLY C 45 -20.65 33.92 22.30
CA GLY C 45 -21.74 34.39 23.10
C GLY C 45 -22.19 33.46 24.21
N VAL C 46 -21.47 32.36 24.46
CA VAL C 46 -21.96 31.42 25.47
C VAL C 46 -21.58 31.88 26.87
N LEU C 47 -20.51 32.65 26.99
CA LEU C 47 -20.03 33.16 28.27
C LEU C 47 -19.88 34.67 28.16
N ALA C 48 -20.23 35.39 29.22
CA ALA C 48 -19.90 36.80 29.33
C ALA C 48 -18.49 36.91 29.92
N ALA C 49 -17.71 37.85 29.39
CA ALA C 49 -16.29 37.94 29.79
C ALA C 49 -16.16 38.25 31.28
N HIS C 50 -17.05 39.07 31.83
CA HIS C 50 -16.93 39.39 33.24
C HIS C 50 -17.21 38.20 34.13
N LYS C 51 -17.79 37.12 33.60
CA LYS C 51 -18.06 35.92 34.36
C LYS C 51 -16.90 34.93 34.28
N ILE C 52 -15.76 35.34 33.74
CA ILE C 52 -14.57 34.50 33.60
C ILE C 52 -13.46 35.11 34.45
N MET C 53 -12.78 34.26 35.21
CA MET C 53 -11.63 34.67 35.99
C MET C 53 -10.46 33.77 35.62
N ALA C 54 -9.28 34.36 35.48
CA ALA C 54 -8.06 33.58 35.23
C ALA C 54 -6.98 34.01 36.21
N SER C 55 -6.14 33.05 36.61
CA SER C 55 -5.08 33.32 37.57
C SER C 55 -3.73 32.92 36.98
N SER C 56 -2.71 33.72 37.27
CA SER C 56 -1.36 33.37 36.90
C SER C 56 -0.43 34.07 37.88
N PRO C 57 0.70 33.46 38.23
CA PRO C 57 1.63 34.13 39.16
C PRO C 57 2.26 35.38 38.57
N ASP C 58 2.37 35.49 37.25
CA ASP C 58 2.99 36.65 36.61
C ASP C 58 1.90 37.39 35.83
N MET C 59 1.30 38.40 36.47
CA MET C 59 0.31 39.23 35.78
C MET C 59 0.95 40.14 34.74
N ASP C 60 2.11 39.77 34.22
CA ASP C 60 2.86 40.60 33.31
C ASP C 60 2.91 40.04 31.89
N LEU C 61 2.46 38.81 31.68
CA LEU C 61 2.53 38.21 30.35
C LEU C 61 1.54 38.89 29.40
N ALA C 62 1.83 38.75 28.10
CA ALA C 62 0.96 39.31 27.08
C ALA C 62 -0.38 38.60 27.04
N THR C 63 -0.40 37.29 27.33
CA THR C 63 -1.67 36.59 27.43
C THR C 63 -2.56 37.20 28.49
N VAL C 64 -1.95 37.60 29.63
CA VAL C 64 -2.70 38.28 30.67
C VAL C 64 -3.28 39.59 30.16
N SER C 65 -2.44 40.43 29.52
CA SER C 65 -2.91 41.72 29.03
C SER C 65 -4.03 41.55 28.01
N ALA C 66 -3.92 40.53 27.15
CA ALA C 66 -4.96 40.28 26.16
C ALA C 66 -6.24 39.79 26.83
N LEU C 67 -6.11 38.99 27.89
CA LEU C 67 -7.28 38.62 28.69
C LEU C 67 -7.88 39.83 29.39
N ARG C 68 -7.04 40.74 29.88
CA ARG C 68 -7.53 41.99 30.47
C ARG C 68 -8.31 42.82 29.47
N LYS C 69 -7.72 43.11 28.31
CA LYS C 69 -8.38 43.96 27.32
C LYS C 69 -9.74 43.37 26.93
N MET C 70 -9.89 42.07 27.09
CA MET C 70 -11.09 41.34 26.75
C MET C 70 -12.18 41.46 27.81
N GLY C 71 -11.84 41.85 29.04
CA GLY C 71 -12.83 41.95 30.10
C GLY C 71 -12.84 40.78 31.07
N VAL C 72 -11.92 39.82 30.93
CA VAL C 72 -11.83 38.74 31.90
C VAL C 72 -11.24 39.26 33.21
N LYS C 73 -11.76 38.80 34.34
CA LYS C 73 -11.19 39.16 35.63
C LYS C 73 -9.90 38.37 35.87
N LEU C 74 -8.92 39.04 36.45
CA LEU C 74 -7.59 38.45 36.59
C LEU C 74 -7.12 38.60 38.03
N THR C 75 -6.47 37.56 38.55
CA THR C 75 -5.95 37.56 39.91
C THR C 75 -4.68 36.73 39.95
N PRO C 76 -3.73 37.03 40.84
CA PRO C 76 -2.58 36.13 41.01
C PRO C 76 -2.86 34.95 41.91
N HIS C 77 -4.05 34.88 42.52
CA HIS C 77 -4.36 33.90 43.55
C HIS C 77 -5.25 32.81 42.97
N ASN C 78 -4.70 31.60 42.87
CA ASN C 78 -5.46 30.46 42.38
C ASN C 78 -6.67 30.17 43.24
N LYS C 79 -6.58 30.39 44.56
CA LYS C 79 -7.72 30.16 45.44
C LYS C 79 -8.89 31.08 45.09
N GLU C 80 -8.60 32.32 44.70
CA GLU C 80 -9.67 33.22 44.26
C GLU C 80 -10.41 32.66 43.05
N THR C 81 -9.68 32.22 42.04
CA THR C 81 -10.28 31.61 40.86
C THR C 81 -11.20 30.46 41.22
N VAL C 82 -10.78 29.61 42.16
CA VAL C 82 -11.60 28.48 42.59
C VAL C 82 -12.87 28.96 43.28
N GLN C 83 -12.75 29.94 44.18
CA GLN C 83 -13.93 30.45 44.87
C GLN C 83 -14.92 31.10 43.92
N HIS C 84 -14.43 31.61 42.78
CA HIS C 84 -15.28 32.30 41.82
C HIS C 84 -16.02 31.34 40.90
N SER C 85 -15.47 30.16 40.66
CA SER C 85 -15.85 29.35 39.50
C SER C 85 -16.77 28.19 39.88
N ASP C 86 -17.62 27.84 38.92
CA ASP C 86 -18.38 26.60 38.88
C ASP C 86 -17.62 25.57 38.04
N VAL C 87 -17.25 25.97 36.83
CA VAL C 87 -16.41 25.19 35.93
C VAL C 87 -15.00 25.71 36.03
N LEU C 88 -14.05 24.85 36.34
CA LEU C 88 -12.66 25.24 36.57
C LEU C 88 -11.77 24.54 35.55
N PHE C 89 -11.20 25.30 34.62
CA PHE C 89 -10.25 24.77 33.66
C PHE C 89 -8.84 24.82 34.24
N LEU C 90 -8.12 23.71 34.15
CA LEU C 90 -6.71 23.66 34.52
C LEU C 90 -5.91 23.85 33.23
N ALA C 91 -5.32 25.02 33.07
CA ALA C 91 -4.63 25.36 31.83
C ALA C 91 -3.18 25.73 32.12
N VAL C 92 -2.52 24.90 32.92
CA VAL C 92 -1.10 25.04 33.20
C VAL C 92 -0.36 23.90 32.51
N LYS C 93 0.96 24.06 32.40
CA LYS C 93 1.81 22.99 31.87
C LYS C 93 1.63 21.71 32.69
N PRO C 94 1.84 20.54 32.06
CA PRO C 94 1.57 19.27 32.77
C PRO C 94 2.32 19.09 34.08
N HIS C 95 3.60 19.46 34.13
CA HIS C 95 4.31 19.26 35.39
C HIS C 95 3.86 20.20 36.50
N ILE C 96 3.05 21.22 36.19
CA ILE C 96 2.50 22.10 37.21
C ILE C 96 1.21 21.58 37.83
N ILE C 97 0.49 20.67 37.13
CA ILE C 97 -0.81 20.19 37.64
C ILE C 97 -0.72 19.68 39.08
N PRO C 98 0.21 18.79 39.45
CA PRO C 98 0.23 18.31 40.84
C PRO C 98 0.39 19.43 41.85
N PHE C 99 1.25 20.40 41.56
CA PHE C 99 1.40 21.54 42.47
C PHE C 99 0.08 22.30 42.63
N ILE C 100 -0.63 22.51 41.52
CA ILE C 100 -1.92 23.19 41.55
C ILE C 100 -2.92 22.42 42.41
N LEU C 101 -3.02 21.10 42.16
CA LEU C 101 -4.01 20.29 42.88
C LEU C 101 -3.73 20.31 44.37
N ASP C 102 -2.45 20.30 44.74
CA ASP C 102 -2.10 20.39 46.15
C ASP C 102 -2.48 21.75 46.71
N GLU C 103 -2.28 22.82 45.92
CA GLU C 103 -2.54 24.17 46.40
C GLU C 103 -4.04 24.41 46.65
N ILE C 104 -4.91 23.92 45.77
CA ILE C 104 -6.32 24.27 45.83
C ILE C 104 -7.21 23.08 46.13
N GLY C 105 -6.64 21.91 46.40
CA GLY C 105 -7.45 20.73 46.69
C GLY C 105 -8.47 20.94 47.79
N ALA C 106 -8.06 21.63 48.86
CA ALA C 106 -8.97 21.84 49.98
C ALA C 106 -10.09 22.83 49.68
N ASP C 107 -10.01 23.57 48.58
CA ASP C 107 -11.03 24.56 48.24
C ASP C 107 -12.06 24.02 47.25
N ILE C 108 -11.81 22.87 46.62
CA ILE C 108 -12.78 22.27 45.71
C ILE C 108 -14.03 21.88 46.47
N GLU C 109 -15.18 22.37 46.02
CA GLU C 109 -16.48 22.12 46.63
C GLU C 109 -17.31 21.17 45.77
N ASP C 110 -18.48 20.79 46.29
CA ASP C 110 -19.40 19.91 45.57
C ASP C 110 -19.78 20.49 44.22
N ARG C 111 -19.86 21.81 44.11
CA ARG C 111 -20.35 22.45 42.90
C ARG C 111 -19.35 22.43 41.75
N HIS C 112 -18.09 22.10 42.01
CA HIS C 112 -17.04 22.30 41.02
C HIS C 112 -16.98 21.17 40.02
N ILE C 113 -16.85 21.51 38.74
CA ILE C 113 -16.43 20.59 37.70
C ILE C 113 -15.01 21.00 37.32
N VAL C 114 -14.05 20.10 37.54
CA VAL C 114 -12.65 20.34 37.23
C VAL C 114 -12.36 19.77 35.86
N VAL C 115 -11.90 20.62 34.94
CA VAL C 115 -11.65 20.23 33.56
C VAL C 115 -10.16 20.41 33.31
N SER C 116 -9.43 19.31 33.21
CA SER C 116 -8.00 19.39 32.95
C SER C 116 -7.76 19.45 31.44
N CYS C 117 -7.05 20.47 30.99
CA CYS C 117 -6.66 20.55 29.59
C CYS C 117 -5.23 20.10 29.36
N ALA C 118 -4.54 19.67 30.42
CA ALA C 118 -3.12 19.40 30.33
C ALA C 118 -2.85 18.15 29.53
N ALA C 119 -1.91 18.26 28.57
CA ALA C 119 -1.48 17.11 27.79
C ALA C 119 -0.95 16.00 28.71
N GLY C 120 -1.37 14.76 28.46
CA GLY C 120 -0.83 13.60 29.12
C GLY C 120 -1.41 13.28 30.48
N VAL C 121 -1.92 14.27 31.22
CA VAL C 121 -2.26 14.08 32.63
C VAL C 121 -3.54 13.25 32.75
N THR C 122 -3.45 12.12 33.45
CA THR C 122 -4.57 11.18 33.54
C THR C 122 -5.63 11.64 34.55
N ILE C 123 -6.87 11.23 34.27
CA ILE C 123 -7.96 11.47 35.22
C ILE C 123 -7.63 10.84 36.55
N SER C 124 -7.09 9.62 36.54
CA SER C 124 -6.74 8.91 37.76
C SER C 124 -5.82 9.75 38.66
N SER C 125 -4.76 10.34 38.07
CA SER C 125 -3.81 11.11 38.87
C SER C 125 -4.46 12.34 39.48
N ILE C 126 -5.39 13.00 38.77
CA ILE C 126 -6.06 14.17 39.30
C ILE C 126 -7.03 13.78 40.41
N GLU C 127 -7.80 12.71 40.18
CA GLU C 127 -8.73 12.26 41.21
C GLU C 127 -7.99 11.83 42.48
N LYS C 128 -6.80 11.24 42.31
CA LYS C 128 -6.02 10.79 43.46
C LYS C 128 -5.63 11.95 44.37
N LYS C 129 -4.99 12.98 43.80
CA LYS C 129 -4.74 14.23 44.53
C LYS C 129 -6.00 14.79 45.18
N LEU C 130 -7.06 15.01 44.40
CA LEU C 130 -8.19 15.74 44.94
C LEU C 130 -8.97 14.93 45.96
N SER C 131 -9.01 13.60 45.81
CA SER C 131 -9.76 12.79 46.75
C SER C 131 -9.16 12.78 48.15
N ALA C 132 -7.88 13.15 48.30
CA ALA C 132 -7.30 13.29 49.64
C ALA C 132 -7.94 14.42 50.43
N PHE C 133 -8.66 15.33 49.78
CA PHE C 133 -9.28 16.47 50.45
C PHE C 133 -10.77 16.31 50.61
N ARG C 134 -11.48 15.88 49.57
CA ARG C 134 -12.92 15.70 49.61
C ARG C 134 -13.21 14.54 48.67
N PRO C 135 -13.97 13.55 49.10
CA PRO C 135 -14.32 12.44 48.19
C PRO C 135 -15.16 12.92 47.01
N ALA C 136 -15.20 12.09 45.99
CA ALA C 136 -15.99 12.27 44.77
C ALA C 136 -15.73 13.57 44.01
N PRO C 137 -14.49 13.96 43.73
CA PRO C 137 -14.28 15.14 42.88
C PRO C 137 -14.78 14.86 41.47
N ARG C 138 -15.44 15.85 40.87
CA ARG C 138 -15.99 15.73 39.52
C ARG C 138 -14.93 16.22 38.53
N VAL C 139 -14.36 15.30 37.74
CA VAL C 139 -13.22 15.59 36.89
C VAL C 139 -13.55 15.25 35.44
N ILE C 140 -13.18 16.15 34.53
CA ILE C 140 -13.25 15.92 33.09
C ILE C 140 -11.86 16.15 32.52
N ARG C 141 -11.42 15.28 31.62
CA ARG C 141 -10.19 15.49 30.90
C ARG C 141 -10.51 15.82 29.46
N CYS C 142 -9.89 16.88 28.94
CA CYS C 142 -10.12 17.23 27.55
C CYS C 142 -8.79 17.48 26.86
N MET C 143 -8.86 17.41 25.54
CA MET C 143 -7.79 17.86 24.66
C MET C 143 -8.44 18.69 23.57
N THR C 144 -7.88 19.87 23.33
CA THR C 144 -8.45 20.83 22.41
C THR C 144 -7.27 21.35 21.61
N ASN C 145 -7.43 22.52 20.97
CA ASN C 145 -6.31 23.09 20.23
C ASN C 145 -6.58 24.57 20.06
N THR C 146 -5.55 25.30 19.64
CA THR C 146 -5.67 26.77 19.65
C THR C 146 -6.74 27.34 18.72
N PRO C 147 -7.14 26.67 17.62
CA PRO C 147 -8.18 27.27 16.76
C PRO C 147 -9.54 27.44 17.42
N VAL C 148 -9.70 27.09 18.70
CA VAL C 148 -10.91 27.49 19.41
C VAL C 148 -11.01 29.01 19.41
N VAL C 149 -9.87 29.69 19.24
CA VAL C 149 -9.84 31.15 19.23
C VAL C 149 -10.61 31.73 18.05
N VAL C 150 -10.78 30.96 16.96
CA VAL C 150 -11.65 31.34 15.85
C VAL C 150 -12.84 30.40 15.74
N ARG C 151 -13.16 29.71 16.85
CA ARG C 151 -14.32 28.85 16.97
C ARG C 151 -14.30 27.71 15.96
N GLU C 152 -13.11 27.23 15.62
CA GLU C 152 -12.96 26.07 14.75
C GLU C 152 -12.02 25.05 15.40
N GLY C 153 -12.12 24.93 16.72
CA GLY C 153 -11.30 23.97 17.43
C GLY C 153 -11.76 22.54 17.18
N ALA C 154 -10.90 21.61 17.60
CA ALA C 154 -11.17 20.17 17.59
C ALA C 154 -10.96 19.69 19.01
N THR C 155 -12.03 19.29 19.68
CA THR C 155 -11.97 18.96 21.10
C THR C 155 -12.54 17.57 21.34
N VAL C 156 -11.85 16.79 22.19
CA VAL C 156 -12.41 15.57 22.75
C VAL C 156 -12.34 15.69 24.28
N TYR C 157 -13.17 14.90 24.96
CA TYR C 157 -13.15 14.91 26.41
C TYR C 157 -13.53 13.52 26.92
N ALA C 158 -13.04 13.20 28.13
CA ALA C 158 -13.42 11.98 28.84
C ALA C 158 -13.94 12.35 30.23
N THR C 159 -15.05 11.70 30.63
CA THR C 159 -15.63 11.92 31.96
C THR C 159 -14.95 11.04 33.00
N GLY C 160 -14.78 11.59 34.21
CA GLY C 160 -14.14 10.89 35.29
C GLY C 160 -15.09 9.97 36.06
N THR C 161 -14.55 9.39 37.13
CA THR C 161 -15.32 8.42 37.92
C THR C 161 -16.57 9.04 38.52
N HIS C 162 -16.47 10.26 39.05
CA HIS C 162 -17.57 10.87 39.78
C HIS C 162 -18.26 11.99 39.00
N ALA C 163 -17.90 12.19 37.74
CA ALA C 163 -18.62 13.13 36.90
C ALA C 163 -20.04 12.64 36.68
N GLN C 164 -21.00 13.54 36.89
CA GLN C 164 -22.40 13.23 36.64
C GLN C 164 -22.67 13.26 35.13
N VAL C 165 -23.82 12.69 34.73
CA VAL C 165 -24.15 12.64 33.31
C VAL C 165 -24.34 14.05 32.75
N GLU C 166 -25.01 14.93 33.50
CA GLU C 166 -25.17 16.32 33.09
C GLU C 166 -23.84 17.05 32.99
N ASP C 167 -22.81 16.60 33.71
CA ASP C 167 -21.48 17.22 33.60
C ASP C 167 -20.91 17.01 32.21
N GLY C 168 -21.01 15.79 31.68
CA GLY C 168 -20.53 15.53 30.33
C GLY C 168 -21.32 16.31 29.28
N ARG C 169 -22.64 16.31 29.41
CA ARG C 169 -23.48 17.04 28.46
C ARG C 169 -23.17 18.53 28.49
N LEU C 170 -22.96 19.10 29.68
CA LEU C 170 -22.68 20.53 29.79
C LEU C 170 -21.34 20.88 29.14
N MET C 171 -20.29 20.09 29.43
CA MET C 171 -19.00 20.30 28.80
C MET C 171 -19.08 20.16 27.28
N GLU C 172 -19.85 19.20 26.78
CA GLU C 172 -20.04 19.11 25.33
C GLU C 172 -20.72 20.37 24.80
N GLN C 173 -21.78 20.83 25.48
CA GLN C 173 -22.47 22.03 25.04
C GLN C 173 -21.51 23.21 24.98
N LEU C 174 -20.71 23.40 26.04
CA LEU C 174 -19.75 24.50 26.08
C LEU C 174 -18.71 24.40 24.97
N LEU C 175 -18.03 23.25 24.86
CA LEU C 175 -16.91 23.15 23.93
C LEU C 175 -17.39 23.07 22.47
N SER C 176 -18.61 22.61 22.23
CA SER C 176 -19.19 22.62 20.89
C SER C 176 -19.37 24.03 20.34
N SER C 177 -19.47 25.03 21.20
CA SER C 177 -19.64 26.40 20.72
C SER C 177 -18.37 26.95 20.09
N VAL C 178 -17.22 26.31 20.31
CA VAL C 178 -15.96 26.80 19.78
C VAL C 178 -15.30 25.80 18.84
N GLY C 179 -16.04 24.82 18.35
CA GLY C 179 -15.53 23.90 17.32
C GLY C 179 -16.16 22.54 17.48
N PHE C 180 -15.54 21.55 16.84
CA PHE C 180 -15.98 20.17 16.97
C PHE C 180 -15.71 19.67 18.38
N CYS C 181 -16.64 18.89 18.92
CA CYS C 181 -16.47 18.32 20.25
C CYS C 181 -17.15 16.95 20.30
N THR C 182 -16.46 15.96 20.87
CA THR C 182 -17.05 14.66 21.06
C THR C 182 -16.44 13.98 22.29
N GLU C 183 -17.25 13.16 22.95
CA GLU C 183 -16.74 12.37 24.05
C GLU C 183 -15.94 11.19 23.52
N VAL C 184 -14.86 10.83 24.22
CA VAL C 184 -14.06 9.65 23.88
C VAL C 184 -13.71 8.90 25.17
N GLU C 185 -13.34 7.64 25.00
CA GLU C 185 -12.66 6.92 26.07
C GLU C 185 -11.31 7.58 26.34
N GLU C 186 -10.93 7.64 27.62
CA GLU C 186 -9.71 8.35 27.99
C GLU C 186 -8.47 7.80 27.28
N ASP C 187 -8.43 6.48 27.02
CA ASP C 187 -7.24 5.93 26.41
C ASP C 187 -6.98 6.38 24.97
N LEU C 188 -7.88 7.15 24.36
CA LEU C 188 -7.62 7.73 23.05
C LEU C 188 -6.97 9.11 23.12
N ILE C 189 -6.97 9.75 24.29
CA ILE C 189 -6.69 11.18 24.30
C ILE C 189 -5.23 11.48 23.99
N ASP C 190 -4.29 10.60 24.37
CA ASP C 190 -2.89 10.86 24.00
C ASP C 190 -2.73 10.85 22.49
N ALA C 191 -3.40 9.91 21.81
CA ALA C 191 -3.34 9.87 20.35
C ALA C 191 -4.01 11.10 19.74
N VAL C 192 -5.15 11.53 20.31
CA VAL C 192 -5.77 12.77 19.82
C VAL C 192 -4.80 13.95 19.95
N THR C 193 -4.09 14.01 21.08
CA THR C 193 -3.08 15.05 21.30
C THR C 193 -2.08 15.10 20.14
N GLY C 194 -1.63 13.94 19.66
CA GLY C 194 -0.65 13.92 18.59
C GLY C 194 -1.24 14.30 17.24
N LEU C 195 -2.55 14.17 17.08
CA LEU C 195 -3.21 14.44 15.80
C LEU C 195 -3.72 15.88 15.79
N SER C 196 -4.79 16.17 16.54
CA SER C 196 -5.38 17.49 16.47
C SER C 196 -4.86 18.46 17.53
N GLY C 197 -4.27 17.99 18.63
CA GLY C 197 -3.66 18.93 19.57
C GLY C 197 -2.42 19.60 19.00
N SER C 198 -1.48 18.80 18.49
CA SER C 198 -0.30 19.31 17.78
C SER C 198 -0.61 19.68 16.33
N GLY C 199 -1.72 19.19 15.79
CA GLY C 199 -2.07 19.38 14.40
C GLY C 199 -1.91 20.77 13.81
N PRO C 200 -2.37 21.82 14.52
CA PRO C 200 -2.20 23.16 13.96
C PRO C 200 -0.75 23.48 13.62
N ALA C 201 0.20 22.99 14.41
CA ALA C 201 1.61 23.28 14.14
C ALA C 201 2.07 22.64 12.83
N TYR C 202 1.63 21.40 12.56
CA TYR C 202 1.91 20.76 11.28
C TYR C 202 1.35 21.60 10.13
N ALA C 203 0.14 22.12 10.31
CA ALA C 203 -0.47 22.95 9.27
C ALA C 203 0.27 24.26 9.09
N PHE C 204 0.65 24.93 10.19
CA PHE C 204 1.41 26.18 10.05
C PHE C 204 2.74 25.93 9.34
N THR C 205 3.41 24.82 9.65
CA THR C 205 4.65 24.47 8.98
C THR C 205 4.42 24.28 7.48
N ALA C 206 3.37 23.54 7.15
CA ALA C 206 3.05 23.28 5.75
C ALA C 206 2.68 24.56 5.01
N LEU C 207 1.93 25.44 5.66
CA LEU C 207 1.56 26.72 5.03
C LEU C 207 2.76 27.61 4.80
N ASP C 208 3.68 27.68 5.75
CA ASP C 208 4.92 28.41 5.54
C ASP C 208 5.69 27.87 4.33
N ALA C 209 5.77 26.55 4.22
CA ALA C 209 6.52 25.92 3.13
C ALA C 209 5.82 26.10 1.78
N LEU C 210 4.50 25.92 1.74
CA LEU C 210 3.77 26.18 0.50
C LEU C 210 3.94 27.63 0.06
N ALA C 211 3.95 28.56 1.03
CA ALA C 211 4.20 29.96 0.67
C ALA C 211 5.59 30.15 0.08
N ASP C 212 6.61 29.53 0.70
CA ASP C 212 7.97 29.57 0.14
C ASP C 212 7.99 29.04 -1.30
N GLY C 213 7.23 27.98 -1.57
CA GLY C 213 7.14 27.48 -2.92
C GLY C 213 6.47 28.46 -3.86
N GLY C 214 5.37 29.06 -3.44
CA GLY C 214 4.76 30.12 -4.24
C GLY C 214 5.72 31.27 -4.52
N VAL C 215 6.48 31.68 -3.50
CA VAL C 215 7.45 32.77 -3.69
C VAL C 215 8.55 32.34 -4.65
N LYS C 216 9.02 31.08 -4.55
CA LYS C 216 10.07 30.63 -5.46
C LYS C 216 9.63 30.73 -6.92
N MET C 217 8.40 30.34 -7.23
CA MET C 217 7.75 30.48 -8.53
C MET C 217 7.27 31.88 -8.88
N GLY C 218 7.49 32.90 -8.04
CA GLY C 218 7.28 34.28 -8.45
C GLY C 218 6.12 35.02 -7.81
N LEU C 219 5.38 34.41 -6.85
CA LEU C 219 4.28 35.09 -6.20
C LEU C 219 4.79 35.99 -5.08
N PRO C 220 4.17 37.16 -4.88
CA PRO C 220 4.45 37.94 -3.67
C PRO C 220 4.09 37.13 -2.43
N ARG C 221 4.86 37.32 -1.36
CA ARG C 221 4.70 36.51 -0.16
CA ARG C 221 4.69 36.50 -0.17
C ARG C 221 3.27 36.62 0.38
N ARG C 222 2.74 37.83 0.47
CA ARG C 222 1.41 38.01 1.07
C ARG C 222 0.34 37.26 0.28
N LEU C 223 0.42 37.32 -1.05
CA LEU C 223 -0.53 36.57 -1.85
C LEU C 223 -0.31 35.07 -1.70
N ALA C 224 0.95 34.61 -1.69
CA ALA C 224 1.21 33.19 -1.53
C ALA C 224 0.67 32.66 -0.20
N VAL C 225 0.80 33.45 0.87
CA VAL C 225 0.26 33.03 2.18
C VAL C 225 -1.26 32.93 2.12
N ARG C 226 -1.91 33.93 1.52
CA ARG C 226 -3.37 33.96 1.46
C ARG C 226 -3.91 32.77 0.66
N LEU C 227 -3.33 32.53 -0.54
CA LEU C 227 -3.80 31.44 -1.40
C LEU C 227 -3.55 30.08 -0.78
N GLY C 228 -2.38 29.86 -0.20
CA GLY C 228 -2.11 28.57 0.43
C GLY C 228 -3.06 28.29 1.58
N ALA C 229 -3.27 29.28 2.45
CA ALA C 229 -4.18 29.08 3.58
C ALA C 229 -5.61 28.84 3.11
N GLN C 230 -6.06 29.60 2.10
CA GLN C 230 -7.40 29.41 1.56
C GLN C 230 -7.54 28.03 0.91
N ALA C 231 -6.49 27.55 0.24
CA ALA C 231 -6.54 26.21 -0.35
C ALA C 231 -6.70 25.14 0.73
N LEU C 232 -5.96 25.25 1.82
CA LEU C 232 -6.10 24.18 2.81
C LEU C 232 -7.40 24.28 3.59
N LEU C 233 -7.88 25.50 3.86
CA LEU C 233 -9.20 25.64 4.48
C LEU C 233 -10.29 25.03 3.61
N GLY C 234 -10.29 25.37 2.32
CA GLY C 234 -11.34 24.87 1.45
C GLY C 234 -11.28 23.36 1.29
N ALA C 235 -10.07 22.80 1.19
CA ALA C 235 -9.92 21.36 1.08
C ALA C 235 -10.41 20.68 2.35
N ALA C 236 -10.04 21.21 3.51
CA ALA C 236 -10.52 20.63 4.76
C ALA C 236 -12.03 20.74 4.86
N LYS C 237 -12.60 21.86 4.44
CA LYS C 237 -14.05 21.97 4.50
C LYS C 237 -14.71 20.99 3.54
N MET C 238 -14.17 20.84 2.32
CA MET C 238 -14.71 19.83 1.38
C MET C 238 -14.81 18.46 2.02
N LEU C 239 -13.71 18.02 2.67
CA LEU C 239 -13.68 16.69 3.26
C LEU C 239 -14.71 16.55 4.38
N LEU C 240 -14.75 17.53 5.28
CA LEU C 240 -15.73 17.50 6.37
C LEU C 240 -17.17 17.44 5.87
N HIS C 241 -17.47 18.06 4.73
CA HIS C 241 -18.83 18.14 4.21
C HIS C 241 -19.12 17.09 3.14
N SER C 242 -18.22 16.13 2.94
CA SER C 242 -18.37 15.13 1.91
C SER C 242 -18.46 13.73 2.52
N GLU C 243 -19.12 12.82 1.81
CA GLU C 243 -19.21 11.44 2.25
C GLU C 243 -18.09 10.56 1.69
N GLN C 244 -17.13 11.14 0.98
CA GLN C 244 -16.16 10.36 0.22
C GLN C 244 -14.80 10.34 0.89
N HIS C 245 -13.97 9.41 0.44
CA HIS C 245 -12.62 9.19 0.94
C HIS C 245 -11.68 10.29 0.43
N PRO C 246 -10.76 10.78 1.26
CA PRO C 246 -9.83 11.82 0.78
C PRO C 246 -9.14 11.46 -0.53
N GLY C 247 -8.92 10.17 -0.80
CA GLY C 247 -8.36 9.78 -2.09
C GLY C 247 -9.29 10.09 -3.26
N GLN C 248 -10.60 9.86 -3.08
CA GLN C 248 -11.54 10.16 -4.16
C GLN C 248 -11.60 11.66 -4.45
N LEU C 249 -11.57 12.48 -3.40
CA LEU C 249 -11.50 13.92 -3.61
C LEU C 249 -10.18 14.31 -4.28
N LYS C 250 -9.09 13.61 -3.94
CA LYS C 250 -7.82 13.89 -4.59
C LYS C 250 -7.86 13.50 -6.07
N ASP C 251 -8.54 12.38 -6.38
CA ASP C 251 -8.69 11.95 -7.78
C ASP C 251 -9.35 13.03 -8.62
N ASN C 252 -10.30 13.78 -8.04
CA ASN C 252 -11.01 14.82 -8.78
C ASN C 252 -10.11 16.00 -9.12
N VAL C 253 -9.02 16.19 -8.37
CA VAL C 253 -8.08 17.26 -8.66
C VAL C 253 -6.93 16.81 -9.57
N SER C 254 -6.70 15.49 -9.71
CA SER C 254 -5.53 15.06 -10.49
C SER C 254 -5.96 14.61 -11.88
N SER C 255 -6.10 15.57 -12.78
CA SER C 255 -6.42 15.22 -14.16
C SER C 255 -5.26 14.45 -14.80
N PRO C 256 -5.56 13.56 -15.74
CA PRO C 256 -4.50 12.75 -16.35
C PRO C 256 -3.44 13.59 -17.03
N GLY C 257 -2.19 13.29 -16.71
CA GLY C 257 -1.05 13.99 -17.27
C GLY C 257 -0.86 15.43 -16.81
N GLY C 258 -1.65 15.91 -15.85
CA GLY C 258 -1.69 17.33 -15.53
C GLY C 258 -0.72 17.77 -14.46
N ALA C 259 -0.86 19.04 -14.06
CA ALA C 259 0.08 19.63 -13.11
C ALA C 259 -0.03 18.98 -11.72
N THR C 260 -1.24 18.67 -11.30
CA THR C 260 -1.42 18.18 -9.93
C THR C 260 -0.77 16.81 -9.74
N ILE C 261 -0.96 15.88 -10.68
CA ILE C 261 -0.43 14.54 -10.50
C ILE C 261 1.11 14.54 -10.57
N HIS C 262 1.70 15.46 -11.36
CA HIS C 262 3.15 15.62 -11.34
C HIS C 262 3.63 16.07 -9.97
N ALA C 263 2.90 16.97 -9.33
CA ALA C 263 3.30 17.43 -8.01
C ALA C 263 3.10 16.34 -6.96
N LEU C 264 2.03 15.56 -7.08
CA LEU C 264 1.82 14.48 -6.10
C LEU C 264 2.94 13.46 -6.18
N HIS C 265 3.47 13.22 -7.36
CA HIS C 265 4.59 12.30 -7.50
C HIS C 265 5.79 12.76 -6.68
N VAL C 266 6.18 14.04 -6.80
CA VAL C 266 7.36 14.48 -6.03
C VAL C 266 7.07 14.45 -4.53
N LEU C 267 5.82 14.64 -4.11
CA LEU C 267 5.52 14.43 -2.69
C LEU C 267 5.72 12.97 -2.29
N GLU C 268 5.24 12.03 -3.12
CA GLU C 268 5.40 10.62 -2.82
C GLU C 268 6.87 10.22 -2.80
N SER C 269 7.67 10.78 -3.71
CA SER C 269 9.07 10.37 -3.79
C SER C 269 9.85 10.80 -2.55
N GLY C 270 9.40 11.85 -1.88
CA GLY C 270 10.00 12.21 -0.61
C GLY C 270 9.42 11.51 0.61
N GLY C 271 8.48 10.59 0.44
CA GLY C 271 7.86 9.96 1.61
C GLY C 271 7.01 10.93 2.42
N PHE C 272 6.36 11.87 1.76
CA PHE C 272 5.51 12.88 2.41
C PHE C 272 4.54 12.24 3.41
N ARG C 273 3.81 11.20 2.98
CA ARG C 273 2.84 10.57 3.88
C ARG C 273 3.52 10.06 5.14
N SER C 274 4.68 9.40 5.00
CA SER C 274 5.34 8.83 6.16
C SER C 274 5.76 9.90 7.16
N LEU C 275 6.08 11.11 6.71
CA LEU C 275 6.54 12.12 7.66
C LEU C 275 5.39 12.56 8.58
N LEU C 276 4.19 12.71 8.01
CA LEU C 276 3.03 13.06 8.82
C LEU C 276 2.66 11.93 9.78
N ILE C 277 2.79 10.66 9.35
CA ILE C 277 2.59 9.56 10.29
C ILE C 277 3.63 9.62 11.40
N ASN C 278 4.90 9.86 11.05
CA ASN C 278 5.96 9.99 12.05
C ASN C 278 5.60 11.06 13.06
N ALA C 279 5.04 12.18 12.57
CA ALA C 279 4.72 13.31 13.43
C ALA C 279 3.66 12.94 14.48
N VAL C 280 2.51 12.42 14.02
CA VAL C 280 1.47 12.03 14.98
C VAL C 280 2.04 11.06 16.01
N GLU C 281 2.81 10.08 15.54
CA GLU C 281 3.39 9.09 16.43
C GLU C 281 4.32 9.75 17.45
N ALA C 282 5.20 10.65 17.00
CA ALA C 282 6.17 11.25 17.90
C ALA C 282 5.50 12.09 18.97
N SER C 283 4.47 12.85 18.57
CA SER C 283 3.74 13.67 19.53
C SER C 283 2.99 12.80 20.53
N CYS C 284 2.29 11.78 20.03
CA CYS C 284 1.60 10.84 20.91
C CYS C 284 2.58 10.19 21.90
N ILE C 285 3.72 9.70 21.40
CA ILE C 285 4.67 9.01 22.29
C ILE C 285 5.21 9.97 23.34
N ARG C 286 5.55 11.19 22.93
CA ARG C 286 6.05 12.16 23.90
C ARG C 286 5.02 12.47 24.96
N THR C 287 3.75 12.63 24.55
CA THR C 287 2.68 12.89 25.50
C THR C 287 2.62 11.80 26.58
N ARG C 288 2.67 10.54 26.16
CA ARG C 288 2.64 9.42 27.11
C ARG C 288 3.83 9.48 28.05
N GLU C 289 5.01 9.75 27.51
CA GLU C 289 6.23 9.68 28.30
C GLU C 289 6.39 10.87 29.23
N LEU C 290 5.68 11.97 29.00
CA LEU C 290 5.55 13.01 30.01
C LEU C 290 4.93 12.46 31.31
N GLN C 291 3.70 11.95 31.25
CA GLN C 291 3.04 11.51 32.47
C GLN C 291 3.60 10.20 33.00
N SER C 292 4.35 9.44 32.18
CA SER C 292 5.13 8.33 32.72
C SER C 292 6.22 8.85 33.65
N MET C 293 6.86 9.97 33.29
CA MET C 293 7.81 10.61 34.19
C MET C 293 7.10 11.21 35.41
N ALA C 294 5.89 11.73 35.22
CA ALA C 294 5.15 12.31 36.33
C ALA C 294 4.67 11.26 37.32
N ASP C 295 4.43 10.02 36.87
CA ASP C 295 4.02 8.93 37.76
C ASP C 295 5.13 8.54 38.74
N ASN D 17 -25.25 43.21 -7.48
CA ASN D 17 -26.16 42.08 -7.68
C ASN D 17 -26.97 42.25 -8.97
N LEU D 18 -27.00 43.49 -9.50
CA LEU D 18 -27.54 43.73 -10.83
C LEU D 18 -26.76 42.99 -11.92
N TYR D 19 -25.54 42.57 -11.61
CA TYR D 19 -24.72 41.82 -12.56
C TYR D 19 -25.38 40.49 -12.91
N PHE D 20 -26.01 39.85 -11.93
CA PHE D 20 -26.49 38.47 -12.06
C PHE D 20 -27.96 38.38 -12.47
N GLN D 21 -28.73 39.45 -12.35
CA GLN D 21 -30.06 39.49 -12.94
C GLN D 21 -29.93 39.33 -14.46
N SER D 22 -30.49 38.25 -14.99
CA SER D 22 -30.62 37.91 -16.41
C SER D 22 -29.31 37.40 -17.01
N MET D 23 -28.19 37.43 -16.30
CA MET D 23 -26.95 36.86 -16.81
C MET D 23 -27.06 35.35 -16.97
N SER D 24 -26.69 34.87 -18.15
CA SER D 24 -26.64 33.44 -18.47
C SER D 24 -25.20 32.99 -18.48
N VAL D 25 -24.96 31.79 -17.96
CA VAL D 25 -23.61 31.21 -17.86
C VAL D 25 -23.57 29.92 -18.65
N GLY D 26 -22.46 29.68 -19.32
CA GLY D 26 -22.25 28.45 -20.05
C GLY D 26 -20.89 27.86 -19.75
N PHE D 27 -20.83 26.54 -19.76
CA PHE D 27 -19.59 25.80 -19.61
C PHE D 27 -19.36 24.99 -20.87
N ILE D 28 -18.25 25.26 -21.56
CA ILE D 28 -17.73 24.32 -22.54
C ILE D 28 -16.96 23.25 -21.77
N GLY D 29 -17.54 22.07 -21.65
CA GLY D 29 -17.07 21.02 -20.77
C GLY D 29 -18.01 20.84 -19.60
N ALA D 30 -18.19 19.60 -19.18
CA ALA D 30 -19.13 19.27 -18.10
C ALA D 30 -18.49 18.29 -17.13
N GLY D 31 -17.24 18.57 -16.75
CA GLY D 31 -16.47 17.73 -15.87
C GLY D 31 -16.40 18.28 -14.45
N GLN D 32 -15.28 18.00 -13.79
CA GLN D 32 -15.14 18.29 -12.36
C GLN D 32 -15.26 19.79 -12.08
N LEU D 33 -14.64 20.63 -12.90
CA LEU D 33 -14.65 22.06 -12.64
C LEU D 33 -16.02 22.67 -12.90
N ALA D 34 -16.63 22.32 -14.04
CA ALA D 34 -17.98 22.83 -14.32
C ALA D 34 -18.95 22.42 -13.22
N PHE D 35 -18.88 21.17 -12.75
CA PHE D 35 -19.74 20.79 -11.63
C PHE D 35 -19.45 21.63 -10.39
N ALA D 36 -18.17 21.80 -10.05
CA ALA D 36 -17.83 22.50 -8.82
C ALA D 36 -18.28 23.95 -8.86
N LEU D 37 -18.00 24.65 -9.96
CA LEU D 37 -18.44 26.04 -10.07
C LEU D 37 -19.96 26.13 -10.11
N ALA D 38 -20.62 25.24 -10.86
CA ALA D 38 -22.07 25.30 -10.94
C ALA D 38 -22.69 25.06 -9.57
N LYS D 39 -22.16 24.09 -8.82
CA LYS D 39 -22.65 23.85 -7.47
C LYS D 39 -22.39 25.05 -6.57
N GLY D 40 -21.19 25.64 -6.66
CA GLY D 40 -20.91 26.81 -5.86
C GLY D 40 -21.80 27.99 -6.21
N PHE D 41 -21.94 28.27 -7.51
CA PHE D 41 -22.73 29.43 -7.94
C PHE D 41 -24.18 29.33 -7.48
N THR D 42 -24.78 28.15 -7.60
CA THR D 42 -26.18 28.01 -7.22
C THR D 42 -26.35 28.00 -5.70
N ALA D 43 -25.50 27.24 -5.00
CA ALA D 43 -25.50 27.29 -3.53
C ALA D 43 -25.30 28.72 -3.02
N ALA D 44 -24.54 29.53 -3.76
CA ALA D 44 -24.39 30.93 -3.41
C ALA D 44 -25.65 31.74 -3.69
N GLY D 45 -26.57 31.22 -4.49
CA GLY D 45 -27.76 31.96 -4.85
C GLY D 45 -27.54 33.02 -5.90
N VAL D 46 -26.35 33.09 -6.49
CA VAL D 46 -26.09 34.13 -7.48
C VAL D 46 -26.68 33.75 -8.83
N LEU D 47 -26.80 32.45 -9.14
CA LEU D 47 -27.47 32.03 -10.37
C LEU D 47 -28.44 30.91 -10.07
N ALA D 48 -29.54 30.88 -10.82
CA ALA D 48 -30.41 29.72 -10.85
C ALA D 48 -29.84 28.66 -11.78
N ALA D 49 -30.09 27.39 -11.42
CA ALA D 49 -29.47 26.28 -12.14
C ALA D 49 -29.91 26.24 -13.60
N HIS D 50 -31.17 26.60 -13.87
CA HIS D 50 -31.67 26.55 -15.24
C HIS D 50 -31.02 27.62 -16.11
N LYS D 51 -30.57 28.73 -15.53
CA LYS D 51 -29.86 29.76 -16.28
C LYS D 51 -28.41 29.37 -16.61
N ILE D 52 -28.03 28.12 -16.36
CA ILE D 52 -26.69 27.62 -16.64
C ILE D 52 -26.80 26.47 -17.64
N MET D 53 -25.92 26.46 -18.64
CA MET D 53 -25.84 25.39 -19.61
C MET D 53 -24.41 24.87 -19.73
N ALA D 54 -24.29 23.55 -19.81
CA ALA D 54 -23.00 22.90 -19.97
C ALA D 54 -23.11 21.93 -21.14
N SER D 55 -22.00 21.80 -21.87
CA SER D 55 -21.96 20.94 -23.03
C SER D 55 -20.76 20.02 -22.92
N SER D 56 -20.91 18.83 -23.46
CA SER D 56 -19.88 17.79 -23.43
C SER D 56 -20.27 16.71 -24.43
N PRO D 57 -19.30 16.03 -25.03
CA PRO D 57 -19.62 14.96 -25.98
C PRO D 57 -19.94 13.61 -25.34
N ASP D 58 -20.08 13.51 -24.02
CA ASP D 58 -20.30 12.22 -23.38
C ASP D 58 -21.13 12.41 -22.12
N MET D 59 -22.44 12.17 -22.23
CA MET D 59 -23.33 12.26 -21.08
C MET D 59 -23.10 11.14 -20.07
N ASP D 60 -22.16 10.23 -20.31
CA ASP D 60 -21.91 9.09 -19.43
C ASP D 60 -20.81 9.39 -18.42
N LEU D 61 -20.86 10.58 -17.81
CA LEU D 61 -19.92 10.97 -16.78
C LEU D 61 -20.68 11.24 -15.47
N ALA D 62 -19.97 11.04 -14.35
CA ALA D 62 -20.56 11.32 -13.05
C ALA D 62 -21.02 12.77 -12.95
N THR D 63 -20.16 13.70 -13.35
CA THR D 63 -20.48 15.12 -13.24
C THR D 63 -21.68 15.50 -14.09
N VAL D 64 -21.84 14.88 -15.26
CA VAL D 64 -22.97 15.21 -16.13
C VAL D 64 -24.29 14.81 -15.45
N SER D 65 -24.33 13.62 -14.85
CA SER D 65 -25.53 13.21 -14.12
C SER D 65 -25.76 14.10 -12.90
N ALA D 66 -24.69 14.58 -12.26
CA ALA D 66 -24.85 15.49 -11.13
C ALA D 66 -25.39 16.84 -11.58
N LEU D 67 -24.85 17.38 -12.68
CA LEU D 67 -25.33 18.66 -13.20
C LEU D 67 -26.81 18.60 -13.55
N ARG D 68 -27.27 17.45 -14.06
CA ARG D 68 -28.69 17.34 -14.42
C ARG D 68 -29.59 17.30 -13.20
N LYS D 69 -29.20 16.53 -12.16
CA LYS D 69 -29.97 16.52 -10.92
C LYS D 69 -29.94 17.87 -10.21
N MET D 70 -28.96 18.71 -10.54
CA MET D 70 -28.93 20.10 -10.11
C MET D 70 -29.96 20.97 -10.82
N GLY D 71 -30.43 20.56 -11.99
CA GLY D 71 -31.28 21.38 -12.81
C GLY D 71 -30.56 22.16 -13.88
N VAL D 72 -29.26 21.92 -14.06
CA VAL D 72 -28.51 22.58 -15.11
C VAL D 72 -28.92 21.99 -16.46
N LYS D 73 -28.99 22.85 -17.47
CA LYS D 73 -29.32 22.39 -18.82
C LYS D 73 -28.07 21.82 -19.49
N LEU D 74 -28.18 20.61 -20.04
CA LEU D 74 -27.08 19.98 -20.74
C LEU D 74 -27.38 19.87 -22.23
N THR D 75 -26.31 19.78 -23.01
CA THR D 75 -26.41 19.58 -24.45
C THR D 75 -25.12 18.95 -24.94
N PRO D 76 -25.13 18.22 -26.05
CA PRO D 76 -23.87 17.76 -26.65
C PRO D 76 -23.22 18.78 -27.56
N HIS D 77 -23.90 19.88 -27.87
CA HIS D 77 -23.45 20.80 -28.92
C HIS D 77 -22.87 22.06 -28.29
N ASN D 78 -21.56 22.25 -28.48
CA ASN D 78 -20.90 23.43 -27.93
C ASN D 78 -21.48 24.71 -28.49
N LYS D 79 -21.93 24.68 -29.75
CA LYS D 79 -22.54 25.85 -30.36
C LYS D 79 -23.78 26.30 -29.59
N GLU D 80 -24.57 25.34 -29.10
CA GLU D 80 -25.76 25.69 -28.31
C GLU D 80 -25.37 26.40 -27.01
N THR D 81 -24.27 25.97 -26.39
CA THR D 81 -23.82 26.65 -25.19
C THR D 81 -23.38 28.07 -25.49
N VAL D 82 -22.68 28.27 -26.61
CA VAL D 82 -22.26 29.61 -27.00
C VAL D 82 -23.45 30.53 -27.20
N GLN D 83 -24.48 30.04 -27.90
CA GLN D 83 -25.61 30.89 -28.22
C GLN D 83 -26.36 31.33 -26.96
N HIS D 84 -26.41 30.48 -25.95
CA HIS D 84 -27.20 30.80 -24.78
C HIS D 84 -26.44 31.54 -23.69
N SER D 85 -25.11 31.58 -23.76
CA SER D 85 -24.33 32.15 -22.67
C SER D 85 -24.05 33.63 -22.89
N ASP D 86 -23.99 34.37 -21.79
CA ASP D 86 -23.34 35.67 -21.76
C ASP D 86 -21.89 35.52 -21.32
N VAL D 87 -21.67 34.75 -20.27
CA VAL D 87 -20.34 34.42 -19.76
C VAL D 87 -20.08 32.96 -20.11
N LEU D 88 -18.99 32.71 -20.81
CA LEU D 88 -18.66 31.38 -21.32
C LEU D 88 -17.37 30.92 -20.66
N PHE D 89 -17.50 29.94 -19.77
CA PHE D 89 -16.35 29.33 -19.11
C PHE D 89 -15.82 28.22 -19.99
N LEU D 90 -14.52 28.24 -20.25
CA LEU D 90 -13.88 27.15 -20.99
C LEU D 90 -13.34 26.16 -19.97
N ALA D 91 -14.01 25.03 -19.83
CA ALA D 91 -13.75 24.07 -18.76
C ALA D 91 -13.36 22.71 -19.32
N VAL D 92 -12.48 22.72 -20.33
CA VAL D 92 -11.96 21.52 -20.95
C VAL D 92 -10.46 21.46 -20.71
N LYS D 93 -9.88 20.29 -20.95
CA LYS D 93 -8.45 20.10 -20.76
C LYS D 93 -7.68 21.07 -21.66
N PRO D 94 -6.47 21.49 -21.24
CA PRO D 94 -5.74 22.52 -21.99
C PRO D 94 -5.54 22.20 -23.48
N HIS D 95 -5.23 20.95 -23.82
CA HIS D 95 -4.93 20.61 -25.21
C HIS D 95 -6.17 20.62 -26.09
N ILE D 96 -7.37 20.67 -25.49
CA ILE D 96 -8.61 20.77 -26.24
C ILE D 96 -9.01 22.22 -26.51
N ILE D 97 -8.46 23.19 -25.75
CA ILE D 97 -8.84 24.58 -25.93
C ILE D 97 -8.75 25.02 -27.40
N PRO D 98 -7.63 24.84 -28.10
CA PRO D 98 -7.59 25.33 -29.48
C PRO D 98 -8.55 24.61 -30.41
N PHE D 99 -8.89 23.35 -30.12
CA PHE D 99 -9.88 22.64 -30.92
C PHE D 99 -11.27 23.26 -30.75
N ILE D 100 -11.67 23.52 -29.51
CA ILE D 100 -12.97 24.13 -29.27
C ILE D 100 -12.99 25.57 -29.77
N LEU D 101 -11.86 26.27 -29.70
CA LEU D 101 -11.82 27.64 -30.21
C LEU D 101 -12.04 27.66 -31.73
N ASP D 102 -11.51 26.67 -32.44
CA ASP D 102 -11.74 26.64 -33.87
C ASP D 102 -13.18 26.26 -34.19
N GLU D 103 -13.80 25.42 -33.35
CA GLU D 103 -15.15 24.96 -33.60
C GLU D 103 -16.17 26.08 -33.39
N ILE D 104 -16.08 26.77 -32.26
CA ILE D 104 -17.08 27.76 -31.84
C ILE D 104 -16.63 29.20 -32.12
N GLY D 105 -15.44 29.40 -32.69
CA GLY D 105 -14.91 30.74 -32.84
C GLY D 105 -15.81 31.64 -33.66
N ALA D 106 -16.42 31.10 -34.71
CA ALA D 106 -17.30 31.90 -35.55
C ALA D 106 -18.58 32.33 -34.82
N ASP D 107 -18.90 31.72 -33.68
CA ASP D 107 -20.11 32.05 -32.93
C ASP D 107 -19.86 33.01 -31.77
N ILE D 108 -18.60 33.22 -31.37
CA ILE D 108 -18.30 34.23 -30.37
C ILE D 108 -18.68 35.59 -30.92
N GLU D 109 -19.47 36.32 -30.15
CA GLU D 109 -19.97 37.63 -30.54
C GLU D 109 -19.37 38.70 -29.63
N ASP D 110 -19.51 39.96 -30.06
CA ASP D 110 -19.03 41.08 -29.25
C ASP D 110 -19.56 40.99 -27.82
N ARG D 111 -20.77 40.45 -27.67
CA ARG D 111 -21.45 40.35 -26.37
C ARG D 111 -20.80 39.39 -25.39
N HIS D 112 -19.96 38.46 -25.86
CA HIS D 112 -19.51 37.38 -25.00
C HIS D 112 -18.33 37.78 -24.14
N ILE D 113 -18.34 37.31 -22.90
CA ILE D 113 -17.13 37.27 -22.07
C ILE D 113 -16.68 35.82 -22.03
N VAL D 114 -15.48 35.56 -22.54
CA VAL D 114 -14.91 34.22 -22.61
C VAL D 114 -13.92 34.08 -21.45
N VAL D 115 -14.22 33.16 -20.55
CA VAL D 115 -13.42 32.94 -19.34
C VAL D 115 -12.75 31.58 -19.47
N SER D 116 -11.45 31.57 -19.69
CA SER D 116 -10.72 30.33 -19.75
C SER D 116 -10.25 29.93 -18.35
N CYS D 117 -10.61 28.71 -17.95
CA CYS D 117 -10.14 28.12 -16.70
C CYS D 117 -9.01 27.13 -16.90
N ALA D 118 -8.60 26.90 -18.16
CA ALA D 118 -7.67 25.83 -18.45
C ALA D 118 -6.29 26.17 -17.92
N ALA D 119 -5.65 25.17 -17.29
CA ALA D 119 -4.30 25.38 -16.76
C ALA D 119 -3.33 25.72 -17.89
N GLY D 120 -2.54 26.78 -17.70
CA GLY D 120 -1.43 27.09 -18.58
C GLY D 120 -1.75 27.85 -19.86
N VAL D 121 -3.00 27.79 -20.33
CA VAL D 121 -3.35 28.38 -21.62
C VAL D 121 -3.37 29.90 -21.50
N THR D 122 -2.62 30.57 -22.39
CA THR D 122 -2.43 32.01 -22.27
C THR D 122 -3.58 32.78 -22.90
N ILE D 123 -3.84 33.98 -22.36
CA ILE D 123 -4.79 34.89 -22.99
C ILE D 123 -4.39 35.17 -24.43
N SER D 124 -3.09 35.38 -24.66
CA SER D 124 -2.62 35.69 -26.01
C SER D 124 -3.02 34.59 -27.00
N SER D 125 -2.86 33.32 -26.61
CA SER D 125 -3.20 32.23 -27.51
C SER D 125 -4.70 32.22 -27.82
N ILE D 126 -5.54 32.48 -26.82
CA ILE D 126 -7.00 32.51 -27.02
C ILE D 126 -7.40 33.68 -27.90
N GLU D 127 -6.81 34.85 -27.65
CA GLU D 127 -7.16 36.03 -28.43
C GLU D 127 -6.73 35.87 -29.88
N LYS D 128 -5.56 35.27 -30.11
CA LYS D 128 -5.09 35.05 -31.47
C LYS D 128 -6.06 34.17 -32.25
N LYS D 129 -6.57 33.11 -31.63
CA LYS D 129 -7.55 32.26 -32.32
C LYS D 129 -8.83 33.02 -32.60
N LEU D 130 -9.39 33.67 -31.59
CA LEU D 130 -10.71 34.29 -31.75
C LEU D 130 -10.66 35.56 -32.59
N SER D 131 -9.52 36.26 -32.63
CA SER D 131 -9.46 37.51 -33.39
CA SER D 131 -9.46 37.51 -33.39
C SER D 131 -9.53 37.29 -34.88
N ALA D 132 -9.19 36.09 -35.36
CA ALA D 132 -9.34 35.81 -36.78
C ALA D 132 -10.81 35.81 -37.18
N PHE D 133 -11.74 35.61 -36.24
CA PHE D 133 -13.18 35.71 -36.54
C PHE D 133 -13.66 37.14 -36.33
N ARG D 134 -13.82 37.56 -35.08
CA ARG D 134 -14.24 38.92 -34.80
C ARG D 134 -13.16 39.65 -34.02
N PRO D 135 -13.03 40.97 -34.21
CA PRO D 135 -11.74 41.62 -33.91
C PRO D 135 -11.41 41.83 -32.44
N ALA D 136 -12.39 41.99 -31.53
CA ALA D 136 -12.11 42.37 -30.15
C ALA D 136 -12.73 41.39 -29.16
N PRO D 137 -12.30 40.13 -29.18
CA PRO D 137 -12.89 39.16 -28.25
C PRO D 137 -12.53 39.52 -26.80
N ARG D 138 -13.52 39.43 -25.92
CA ARG D 138 -13.36 39.77 -24.51
C ARG D 138 -12.98 38.51 -23.76
N VAL D 139 -11.72 38.42 -23.33
CA VAL D 139 -11.17 37.19 -22.77
C VAL D 139 -10.67 37.47 -21.35
N ILE D 140 -10.98 36.55 -20.43
CA ILE D 140 -10.47 36.58 -19.08
C ILE D 140 -9.89 35.19 -18.79
N ARG D 141 -8.71 35.17 -18.17
CA ARG D 141 -8.08 33.93 -17.74
C ARG D 141 -8.22 33.78 -16.24
N CYS D 142 -8.59 32.61 -15.79
CA CYS D 142 -8.70 32.43 -14.35
C CYS D 142 -8.10 31.10 -13.94
N MET D 143 -7.77 31.02 -12.66
CA MET D 143 -7.38 29.79 -11.99
C MET D 143 -8.17 29.72 -10.70
N THR D 144 -8.83 28.59 -10.47
CA THR D 144 -9.66 28.42 -9.30
C THR D 144 -9.34 27.04 -8.75
N ASN D 145 -10.21 26.50 -7.89
CA ASN D 145 -9.95 25.16 -7.38
C ASN D 145 -11.28 24.54 -6.92
N THR D 146 -11.23 23.25 -6.61
CA THR D 146 -12.50 22.55 -6.38
C THR D 146 -13.27 23.00 -5.15
N PRO D 147 -12.65 23.56 -4.09
CA PRO D 147 -13.46 24.00 -2.94
C PRO D 147 -14.42 25.13 -3.22
N VAL D 148 -14.48 25.68 -4.44
CA VAL D 148 -15.63 26.51 -4.77
C VAL D 148 -16.93 25.73 -4.55
N VAL D 149 -16.87 24.39 -4.54
CA VAL D 149 -18.07 23.58 -4.34
C VAL D 149 -18.66 23.78 -2.93
N VAL D 150 -17.83 24.15 -1.95
CA VAL D 150 -18.30 24.54 -0.62
C VAL D 150 -18.11 26.03 -0.39
N ARG D 151 -18.03 26.80 -1.48
CA ARG D 151 -17.93 28.26 -1.42
C ARG D 151 -16.69 28.73 -0.68
N GLU D 152 -15.62 27.95 -0.75
CA GLU D 152 -14.35 28.32 -0.13
C GLU D 152 -13.21 28.20 -1.12
N GLY D 153 -13.47 28.57 -2.38
CA GLY D 153 -12.44 28.52 -3.39
C GLY D 153 -11.37 29.58 -3.19
N ALA D 154 -10.29 29.42 -3.96
CA ALA D 154 -9.22 30.39 -4.07
C ALA D 154 -9.05 30.68 -5.55
N THR D 155 -9.42 31.88 -5.99
CA THR D 155 -9.52 32.18 -7.41
C THR D 155 -8.70 33.42 -7.73
N VAL D 156 -7.97 33.39 -8.84
CA VAL D 156 -7.35 34.59 -9.39
C VAL D 156 -7.80 34.72 -10.85
N TYR D 157 -7.72 35.93 -11.38
CA TYR D 157 -8.08 36.16 -12.77
C TYR D 157 -7.23 37.29 -13.34
N ALA D 158 -6.95 37.20 -14.65
CA ALA D 158 -6.34 38.28 -15.40
C ALA D 158 -7.24 38.66 -16.57
N THR D 159 -7.35 39.95 -16.84
CA THR D 159 -8.15 40.46 -17.95
C THR D 159 -7.33 40.56 -19.23
N GLY D 160 -7.99 40.30 -20.36
CA GLY D 160 -7.37 40.34 -21.65
C GLY D 160 -7.37 41.73 -22.28
N THR D 161 -6.90 41.77 -23.53
CA THR D 161 -6.66 43.05 -24.19
C THR D 161 -7.94 43.86 -24.36
N HIS D 162 -9.06 43.19 -24.65
CA HIS D 162 -10.29 43.90 -24.96
C HIS D 162 -11.34 43.79 -23.85
N ALA D 163 -11.04 43.15 -22.72
CA ALA D 163 -11.98 43.18 -21.60
C ALA D 163 -12.22 44.60 -21.13
N GLN D 164 -13.49 44.97 -20.91
CA GLN D 164 -13.79 46.28 -20.35
C GLN D 164 -13.70 46.25 -18.82
N VAL D 165 -13.71 47.45 -18.22
CA VAL D 165 -13.52 47.56 -16.77
C VAL D 165 -14.61 46.80 -16.02
N GLU D 166 -15.87 46.93 -16.49
CA GLU D 166 -16.96 46.20 -15.87
C GLU D 166 -16.87 44.68 -16.08
N ASP D 167 -16.13 44.21 -17.09
CA ASP D 167 -15.96 42.76 -17.26
C ASP D 167 -15.20 42.16 -16.09
N GLY D 168 -14.07 42.78 -15.73
CA GLY D 168 -13.34 42.33 -14.56
C GLY D 168 -14.16 42.46 -13.29
N ARG D 169 -14.97 43.52 -13.20
CA ARG D 169 -15.80 43.70 -12.00
C ARG D 169 -16.84 42.60 -11.89
N LEU D 170 -17.52 42.29 -13.00
CA LEU D 170 -18.47 41.18 -13.02
C LEU D 170 -17.79 39.87 -12.63
N MET D 171 -16.64 39.60 -13.24
CA MET D 171 -15.89 38.38 -12.91
CA MET D 171 -15.92 38.37 -12.91
C MET D 171 -15.56 38.30 -11.42
N GLU D 172 -15.11 39.42 -10.84
CA GLU D 172 -14.74 39.40 -9.43
C GLU D 172 -15.96 39.13 -8.54
N GLN D 173 -17.08 39.81 -8.80
CA GLN D 173 -18.28 39.56 -8.02
C GLN D 173 -18.76 38.12 -8.19
N LEU D 174 -18.67 37.56 -9.39
CA LEU D 174 -19.10 36.19 -9.60
C LEU D 174 -18.23 35.22 -8.81
N LEU D 175 -16.92 35.32 -8.99
CA LEU D 175 -16.02 34.36 -8.38
C LEU D 175 -15.85 34.59 -6.88
N SER D 176 -16.13 35.80 -6.40
CA SER D 176 -16.11 36.05 -4.96
C SER D 176 -17.28 35.40 -4.23
N SER D 177 -18.35 35.04 -4.94
CA SER D 177 -19.47 34.38 -4.27
C SER D 177 -19.15 32.96 -3.86
N VAL D 178 -18.06 32.40 -4.36
CA VAL D 178 -17.68 31.01 -4.08
C VAL D 178 -16.31 30.93 -3.43
N GLY D 179 -15.76 32.04 -2.97
CA GLY D 179 -14.52 32.01 -2.21
C GLY D 179 -13.72 33.28 -2.41
N PHE D 180 -12.43 33.20 -2.06
CA PHE D 180 -11.53 34.32 -2.24
C PHE D 180 -11.31 34.53 -3.73
N CYS D 181 -11.24 35.79 -4.14
CA CYS D 181 -10.99 36.08 -5.55
C CYS D 181 -10.24 37.40 -5.64
N THR D 182 -9.20 37.46 -6.49
CA THR D 182 -8.47 38.70 -6.66
C THR D 182 -7.90 38.76 -8.06
N GLU D 183 -7.79 39.97 -8.59
CA GLU D 183 -7.15 40.18 -9.90
C GLU D 183 -5.65 40.10 -9.76
N VAL D 184 -5.00 39.45 -10.74
CA VAL D 184 -3.55 39.35 -10.79
C VAL D 184 -3.09 39.65 -12.21
N GLU D 185 -1.80 39.96 -12.34
CA GLU D 185 -1.14 39.95 -13.64
C GLU D 185 -1.09 38.52 -14.15
N GLU D 186 -1.25 38.35 -15.46
CA GLU D 186 -1.31 37.00 -16.00
C GLU D 186 -0.03 36.22 -15.73
N ASP D 187 1.11 36.90 -15.60
CA ASP D 187 2.34 36.11 -15.46
C ASP D 187 2.44 35.41 -14.11
N LEU D 188 1.55 35.70 -13.16
CA LEU D 188 1.51 34.97 -11.91
C LEU D 188 0.67 33.71 -11.96
N ILE D 189 -0.11 33.49 -13.02
CA ILE D 189 -1.18 32.50 -12.92
C ILE D 189 -0.64 31.05 -12.93
N ASP D 190 0.45 30.77 -13.66
CA ASP D 190 1.00 29.42 -13.61
C ASP D 190 1.45 29.05 -12.19
N ALA D 191 2.05 30.00 -11.47
CA ALA D 191 2.48 29.78 -10.09
C ALA D 191 1.29 29.58 -9.16
N VAL D 192 0.23 30.37 -9.36
CA VAL D 192 -0.98 30.16 -8.58
C VAL D 192 -1.52 28.75 -8.82
N THR D 193 -1.46 28.29 -10.07
CA THR D 193 -1.89 26.93 -10.38
C THR D 193 -1.14 25.92 -9.52
N GLY D 194 0.17 26.10 -9.37
CA GLY D 194 0.93 25.14 -8.58
C GLY D 194 0.63 25.21 -7.11
N LEU D 195 0.17 26.36 -6.63
CA LEU D 195 -0.06 26.57 -5.20
C LEU D 195 -1.50 26.25 -4.84
N SER D 196 -2.45 27.10 -5.24
CA SER D 196 -3.83 26.87 -4.83
C SER D 196 -4.65 26.06 -5.82
N GLY D 197 -4.24 25.95 -7.09
CA GLY D 197 -4.97 25.09 -8.01
C GLY D 197 -4.78 23.62 -7.69
N SER D 198 -3.52 23.20 -7.57
CA SER D 198 -3.19 21.86 -7.10
C SER D 198 -3.30 21.71 -5.58
N GLY D 199 -3.34 22.83 -4.85
CA GLY D 199 -3.29 22.79 -3.40
C GLY D 199 -4.22 21.84 -2.70
N PRO D 200 -5.49 21.74 -3.11
CA PRO D 200 -6.39 20.81 -2.40
C PRO D 200 -5.88 19.38 -2.41
N ALA D 201 -5.21 18.96 -3.50
CA ALA D 201 -4.69 17.60 -3.56
C ALA D 201 -3.56 17.39 -2.55
N TYR D 202 -2.72 18.41 -2.34
CA TYR D 202 -1.71 18.32 -1.28
C TYR D 202 -2.38 18.17 0.07
N ALA D 203 -3.45 18.94 0.30
CA ALA D 203 -4.21 18.84 1.55
C ALA D 203 -4.83 17.47 1.72
N PHE D 204 -5.46 16.93 0.67
CA PHE D 204 -6.09 15.61 0.81
C PHE D 204 -5.07 14.53 1.11
N THR D 205 -3.90 14.57 0.45
CA THR D 205 -2.81 13.65 0.76
C THR D 205 -2.38 13.79 2.23
N ALA D 206 -2.18 15.02 2.69
CA ALA D 206 -1.77 15.26 4.06
C ALA D 206 -2.81 14.73 5.05
N LEU D 207 -4.09 14.94 4.74
CA LEU D 207 -5.16 14.50 5.65
C LEU D 207 -5.27 12.98 5.70
N ASP D 208 -5.13 12.31 4.56
CA ASP D 208 -5.08 10.85 4.53
C ASP D 208 -3.94 10.32 5.41
N ALA D 209 -2.76 10.93 5.30
CA ALA D 209 -1.59 10.47 6.05
C ALA D 209 -1.72 10.78 7.55
N LEU D 210 -2.19 11.98 7.89
CA LEU D 210 -2.46 12.30 9.28
C LEU D 210 -3.46 11.32 9.89
N ALA D 211 -4.52 10.96 9.15
CA ALA D 211 -5.45 9.94 9.62
C ALA D 211 -4.75 8.60 9.83
N ASP D 212 -3.84 8.22 8.93
CA ASP D 212 -3.10 6.98 9.10
C ASP D 212 -2.30 7.03 10.39
N GLY D 213 -1.74 8.21 10.69
CA GLY D 213 -1.01 8.36 11.94
C GLY D 213 -1.90 8.21 13.15
N GLY D 214 -3.08 8.84 13.10
CA GLY D 214 -4.05 8.68 14.18
C GLY D 214 -4.43 7.22 14.36
N VAL D 215 -4.66 6.52 13.25
CA VAL D 215 -5.04 5.12 13.32
C VAL D 215 -3.89 4.28 13.88
N LYS D 216 -2.66 4.56 13.46
CA LYS D 216 -1.53 3.79 13.97
C LYS D 216 -1.47 3.91 15.49
N MET D 217 -1.76 5.09 16.03
CA MET D 217 -1.72 5.32 17.47
C MET D 217 -3.03 4.95 18.18
N GLY D 218 -3.98 4.29 17.52
CA GLY D 218 -5.12 3.73 18.20
C GLY D 218 -6.46 4.38 17.95
N LEU D 219 -6.55 5.40 17.12
CA LEU D 219 -7.83 6.07 16.89
C LEU D 219 -8.63 5.35 15.81
N PRO D 220 -9.95 5.28 15.97
CA PRO D 220 -10.83 4.89 14.85
C PRO D 220 -10.61 5.78 13.63
N ARG D 221 -10.65 5.15 12.45
CA ARG D 221 -10.41 5.89 11.21
CA ARG D 221 -10.43 5.88 11.19
C ARG D 221 -11.35 7.08 11.07
N ARG D 222 -12.65 6.88 11.35
CA ARG D 222 -13.62 7.97 11.16
C ARG D 222 -13.29 9.16 12.06
N LEU D 223 -12.93 8.89 13.32
CA LEU D 223 -12.53 9.98 14.23
C LEU D 223 -11.22 10.62 13.79
N ALA D 224 -10.23 9.82 13.36
CA ALA D 224 -8.97 10.41 12.94
C ALA D 224 -9.14 11.30 11.71
N VAL D 225 -10.01 10.91 10.78
CA VAL D 225 -10.28 11.75 9.61
C VAL D 225 -10.92 13.07 10.03
N ARG D 226 -11.91 13.01 10.92
CA ARG D 226 -12.64 14.20 11.34
C ARG D 226 -11.71 15.18 12.07
N LEU D 227 -10.92 14.66 13.03
CA LEU D 227 -10.02 15.50 13.82
C LEU D 227 -8.92 16.12 12.97
N GLY D 228 -8.32 15.34 12.08
CA GLY D 228 -7.30 15.87 11.21
C GLY D 228 -7.82 16.99 10.33
N ALA D 229 -8.98 16.78 9.71
CA ALA D 229 -9.52 17.81 8.83
C ALA D 229 -9.93 19.04 9.62
N GLN D 230 -10.56 18.84 10.78
CA GLN D 230 -10.92 19.98 11.63
C GLN D 230 -9.66 20.75 12.04
N ALA D 231 -8.59 20.03 12.37
CA ALA D 231 -7.34 20.68 12.78
C ALA D 231 -6.79 21.54 11.65
N LEU D 232 -6.81 21.01 10.42
CA LEU D 232 -6.29 21.78 9.29
C LEU D 232 -7.18 22.99 9.00
N LEU D 233 -8.50 22.80 9.02
CA LEU D 233 -9.42 23.92 8.77
C LEU D 233 -9.22 25.03 9.80
N GLY D 234 -9.12 24.65 11.08
CA GLY D 234 -8.97 25.66 12.12
C GLY D 234 -7.65 26.40 12.03
N ALA D 235 -6.58 25.68 11.71
CA ALA D 235 -5.28 26.32 11.56
C ALA D 235 -5.29 27.30 10.38
N ALA D 236 -5.81 26.85 9.24
CA ALA D 236 -5.92 27.73 8.08
C ALA D 236 -6.75 28.96 8.41
N LYS D 237 -7.88 28.78 9.11
CA LYS D 237 -8.70 29.93 9.48
C LYS D 237 -7.96 30.87 10.41
N MET D 238 -7.20 30.34 11.38
CA MET D 238 -6.44 31.19 12.29
C MET D 238 -5.47 32.08 11.52
N LEU D 239 -4.73 31.49 10.58
CA LEU D 239 -3.76 32.24 9.80
C LEU D 239 -4.44 33.33 8.98
N LEU D 240 -5.58 33.03 8.36
CA LEU D 240 -6.28 34.01 7.55
C LEU D 240 -6.78 35.18 8.38
N HIS D 241 -7.08 34.97 9.66
CA HIS D 241 -7.61 36.02 10.51
C HIS D 241 -6.58 36.66 11.43
N SER D 242 -5.32 36.26 11.36
CA SER D 242 -4.26 36.81 12.19
C SER D 242 -3.35 37.71 11.36
N GLU D 243 -2.65 38.60 12.04
CA GLU D 243 -1.60 39.39 11.40
C GLU D 243 -0.22 38.74 11.51
N GLN D 244 -0.05 37.76 12.38
CA GLN D 244 1.25 37.25 12.77
C GLN D 244 1.80 36.24 11.75
N HIS D 245 3.10 36.00 11.85
CA HIS D 245 3.75 35.10 10.92
C HIS D 245 3.42 33.64 11.24
N PRO D 246 3.21 32.78 10.23
CA PRO D 246 2.95 31.36 10.52
C PRO D 246 3.91 30.75 11.54
N GLY D 247 5.19 31.17 11.52
CA GLY D 247 6.11 30.68 12.52
C GLY D 247 5.76 31.10 13.92
N GLN D 248 5.17 32.28 14.09
CA GLN D 248 4.82 32.71 15.44
C GLN D 248 3.60 31.93 15.95
N LEU D 249 2.65 31.63 15.06
CA LEU D 249 1.51 30.82 15.48
C LEU D 249 1.96 29.41 15.82
N LYS D 250 2.94 28.90 15.07
CA LYS D 250 3.57 27.62 15.40
C LYS D 250 4.22 27.67 16.79
N ASP D 251 4.91 28.76 17.11
CA ASP D 251 5.52 28.92 18.42
C ASP D 251 4.49 28.86 19.55
N ASN D 252 3.26 29.32 19.31
CA ASN D 252 2.25 29.25 20.36
C ASN D 252 1.81 27.82 20.64
N VAL D 253 1.98 26.90 19.69
CA VAL D 253 1.67 25.50 19.90
C VAL D 253 2.86 24.69 20.38
N SER D 254 4.09 25.22 20.29
CA SER D 254 5.31 24.44 20.55
C SER D 254 5.85 24.72 21.95
N SER D 255 5.27 24.04 22.96
CA SER D 255 5.76 24.35 24.29
C SER D 255 7.10 23.64 24.56
N PRO D 256 7.93 24.25 25.40
CA PRO D 256 9.26 23.69 25.66
C PRO D 256 9.23 22.23 26.10
N GLY D 257 10.01 21.40 25.41
CA GLY D 257 10.11 19.99 25.72
C GLY D 257 8.88 19.17 25.43
N GLY D 258 7.87 19.75 24.79
CA GLY D 258 6.56 19.12 24.69
C GLY D 258 6.38 18.22 23.47
N ALA D 259 5.14 17.73 23.35
CA ALA D 259 4.81 16.79 22.28
C ALA D 259 4.96 17.41 20.89
N THR D 260 4.49 18.63 20.73
CA THR D 260 4.48 19.26 19.40
C THR D 260 5.89 19.49 18.87
N ILE D 261 6.79 20.02 19.70
CA ILE D 261 8.13 20.30 19.17
C ILE D 261 8.86 18.99 18.85
N HIS D 262 8.54 17.89 19.57
CA HIS D 262 9.08 16.59 19.17
C HIS D 262 8.57 16.16 17.79
N ALA D 263 7.28 16.37 17.51
CA ALA D 263 6.72 16.02 16.20
C ALA D 263 7.28 16.93 15.11
N LEU D 264 7.45 18.22 15.40
CA LEU D 264 8.03 19.13 14.41
C LEU D 264 9.45 18.71 14.03
N HIS D 265 10.22 18.19 14.99
CA HIS D 265 11.56 17.73 14.67
C HIS D 265 11.53 16.62 13.63
N VAL D 266 10.66 15.62 13.78
CA VAL D 266 10.66 14.53 12.80
C VAL D 266 10.14 15.00 11.45
N LEU D 267 9.26 16.01 11.40
CA LEU D 267 8.95 16.61 10.09
C LEU D 267 10.18 17.24 9.47
N GLU D 268 10.94 18.01 10.25
CA GLU D 268 12.13 18.67 9.71
C GLU D 268 13.16 17.63 9.26
N SER D 269 13.25 16.51 9.98
CA SER D 269 14.28 15.53 9.66
C SER D 269 14.03 14.89 8.31
N GLY D 270 12.78 14.82 7.87
CA GLY D 270 12.50 14.32 6.54
C GLY D 270 12.41 15.38 5.46
N GLY D 271 12.78 16.63 5.74
CA GLY D 271 12.69 17.65 4.72
C GLY D 271 11.26 17.99 4.34
N PHE D 272 10.33 17.91 5.30
CA PHE D 272 8.90 18.16 5.05
C PHE D 272 8.68 19.45 4.25
N ARG D 273 9.31 20.55 4.68
CA ARG D 273 9.14 21.82 3.99
C ARG D 273 9.58 21.72 2.53
N SER D 274 10.73 21.09 2.28
CA SER D 274 11.24 21.04 0.90
C SER D 274 10.31 20.25 -0.01
N LEU D 275 9.60 19.26 0.53
CA LEU D 275 8.70 18.47 -0.31
C LEU D 275 7.56 19.34 -0.83
N LEU D 276 7.00 20.18 0.04
CA LEU D 276 5.93 21.08 -0.39
C LEU D 276 6.43 22.14 -1.36
N ILE D 277 7.64 22.67 -1.16
CA ILE D 277 8.21 23.56 -2.16
C ILE D 277 8.39 22.82 -3.49
N ASN D 278 8.90 21.60 -3.43
CA ASN D 278 9.06 20.76 -4.62
C ASN D 278 7.74 20.62 -5.37
N ALA D 279 6.65 20.40 -4.61
CA ALA D 279 5.35 20.16 -5.21
C ALA D 279 4.83 21.40 -5.94
N VAL D 280 4.90 22.57 -5.30
CA VAL D 280 4.45 23.80 -5.98
C VAL D 280 5.25 24.03 -7.24
N GLU D 281 6.56 23.84 -7.15
CA GLU D 281 7.43 24.03 -8.30
C GLU D 281 7.11 23.04 -9.40
N ALA D 282 6.87 21.77 -9.05
CA ALA D 282 6.62 20.77 -10.09
C ALA D 282 5.31 21.03 -10.81
N SER D 283 4.29 21.46 -10.07
CA SER D 283 3.00 21.78 -10.67
C SER D 283 3.09 23.01 -11.57
N CYS D 284 3.77 24.05 -11.08
CA CYS D 284 3.96 25.25 -11.88
C CYS D 284 4.73 24.94 -13.16
N ILE D 285 5.79 24.13 -13.06
CA ILE D 285 6.58 23.80 -14.26
C ILE D 285 5.76 22.97 -15.23
N ARG D 286 4.99 22.02 -14.73
CA ARG D 286 4.17 21.21 -15.63
C ARG D 286 3.11 22.06 -16.31
N THR D 287 2.57 23.05 -15.59
CA THR D 287 1.54 23.93 -16.14
C THR D 287 2.07 24.69 -17.35
N ARG D 288 3.29 25.20 -17.25
CA ARG D 288 3.93 25.86 -18.39
C ARG D 288 4.12 24.87 -19.55
N GLU D 289 4.41 23.59 -19.23
CA GLU D 289 4.57 22.58 -20.28
C GLU D 289 3.28 22.31 -21.03
N LEU D 290 2.14 22.28 -20.30
CA LEU D 290 0.86 22.04 -20.94
C LEU D 290 0.50 23.13 -21.96
N GLN D 291 1.01 24.35 -21.81
CA GLN D 291 0.76 25.39 -22.81
C GLN D 291 1.69 25.21 -24.01
N SER D 292 2.97 24.97 -23.75
CA SER D 292 3.97 24.68 -24.80
C SER D 292 3.56 23.48 -25.65
N PHE E 20 37.53 -46.90 4.06
CA PHE E 20 36.44 -46.11 3.49
C PHE E 20 35.77 -46.89 2.36
N GLN E 21 36.21 -48.13 2.16
CA GLN E 21 35.57 -49.03 1.21
C GLN E 21 34.50 -49.90 1.85
N SER E 22 34.58 -50.12 3.17
CA SER E 22 33.52 -50.77 3.92
C SER E 22 32.72 -49.77 4.74
N MET E 23 32.82 -48.49 4.40
CA MET E 23 32.20 -47.42 5.20
C MET E 23 30.74 -47.27 4.82
N SER E 24 29.88 -47.22 5.83
CA SER E 24 28.44 -47.06 5.66
C SER E 24 28.03 -45.71 6.26
N VAL E 25 27.24 -44.94 5.52
CA VAL E 25 26.95 -43.55 5.87
C VAL E 25 25.43 -43.38 5.97
N GLY E 26 24.99 -42.63 6.97
CA GLY E 26 23.57 -42.33 7.13
C GLY E 26 23.32 -40.85 7.26
N PHE E 27 22.12 -40.45 6.85
CA PHE E 27 21.62 -39.09 7.04
C PHE E 27 20.31 -39.15 7.83
N ILE E 28 20.26 -38.45 8.95
CA ILE E 28 19.00 -38.15 9.62
C ILE E 28 18.46 -36.85 9.02
N GLY E 29 17.33 -36.94 8.33
CA GLY E 29 16.87 -35.84 7.50
C GLY E 29 17.16 -36.16 6.04
N ALA E 30 16.18 -36.03 5.17
CA ALA E 30 16.36 -36.39 3.78
C ALA E 30 15.99 -35.21 2.91
N GLY E 31 16.59 -34.06 3.21
CA GLY E 31 16.22 -32.84 2.52
C GLY E 31 17.30 -32.34 1.58
N GLN E 32 17.41 -31.01 1.46
CA GLN E 32 18.30 -30.42 0.46
C GLN E 32 19.76 -30.80 0.71
N LEU E 33 20.20 -30.69 1.97
CA LEU E 33 21.61 -30.95 2.25
C LEU E 33 21.94 -32.43 2.07
N ALA E 34 21.07 -33.31 2.56
CA ALA E 34 21.33 -34.75 2.43
C ALA E 34 21.41 -35.15 0.97
N PHE E 35 20.48 -34.65 0.16
CA PHE E 35 20.56 -34.87 -1.28
C PHE E 35 21.88 -34.33 -1.84
N ALA E 36 22.21 -33.09 -1.51
CA ALA E 36 23.41 -32.47 -2.08
C ALA E 36 24.66 -33.27 -1.75
N LEU E 37 24.80 -33.66 -0.47
CA LEU E 37 25.99 -34.42 -0.05
C LEU E 37 25.98 -35.81 -0.67
N ALA E 38 24.84 -36.49 -0.66
CA ALA E 38 24.81 -37.84 -1.20
C ALA E 38 25.06 -37.82 -2.70
N LYS E 39 24.56 -36.80 -3.39
CA LYS E 39 24.85 -36.69 -4.83
C LYS E 39 26.32 -36.43 -5.08
N GLY E 40 26.92 -35.50 -4.32
CA GLY E 40 28.34 -35.25 -4.47
C GLY E 40 29.20 -36.45 -4.13
N PHE E 41 28.88 -37.13 -3.01
CA PHE E 41 29.65 -38.31 -2.59
C PHE E 41 29.63 -39.40 -3.66
N THR E 42 28.44 -39.67 -4.22
CA THR E 42 28.35 -40.77 -5.19
C THR E 42 28.95 -40.36 -6.53
N ALA E 43 28.80 -39.10 -6.93
CA ALA E 43 29.47 -38.63 -8.14
C ALA E 43 30.97 -38.74 -7.99
N ALA E 44 31.49 -38.42 -6.81
CA ALA E 44 32.92 -38.50 -6.54
C ALA E 44 33.45 -39.92 -6.63
N GLY E 45 32.60 -40.94 -6.46
CA GLY E 45 33.05 -42.31 -6.42
C GLY E 45 33.47 -42.80 -5.05
N VAL E 46 33.59 -41.90 -4.06
CA VAL E 46 34.05 -42.30 -2.73
C VAL E 46 33.03 -43.13 -1.98
N LEU E 47 31.76 -43.08 -2.40
CA LEU E 47 30.69 -43.82 -1.74
C LEU E 47 29.76 -44.33 -2.83
N ALA E 48 29.45 -45.63 -2.77
CA ALA E 48 28.38 -46.14 -3.63
C ALA E 48 27.05 -45.83 -2.96
N ALA E 49 26.02 -45.61 -3.78
CA ALA E 49 24.74 -45.14 -3.24
C ALA E 49 24.16 -46.14 -2.25
N HIS E 50 24.46 -47.43 -2.42
CA HIS E 50 23.88 -48.46 -1.58
C HIS E 50 24.48 -48.48 -0.18
N LYS E 51 25.58 -47.78 0.04
CA LYS E 51 26.14 -47.65 1.38
C LYS E 51 25.57 -46.46 2.13
N ILE E 52 24.60 -45.76 1.54
CA ILE E 52 24.01 -44.56 2.12
C ILE E 52 22.55 -44.84 2.42
N MET E 53 22.12 -44.51 3.64
CA MET E 53 20.72 -44.50 4.06
C MET E 53 20.33 -43.14 4.64
N ALA E 54 19.08 -42.75 4.36
CA ALA E 54 18.54 -41.48 4.81
C ALA E 54 17.12 -41.69 5.31
N SER E 55 16.75 -40.94 6.34
CA SER E 55 15.44 -41.06 6.96
C SER E 55 14.78 -39.69 7.05
N SER E 56 13.46 -39.68 6.88
CA SER E 56 12.64 -38.49 7.02
C SER E 56 11.22 -38.93 7.35
N PRO E 57 10.49 -38.16 8.14
CA PRO E 57 9.08 -38.53 8.44
C PRO E 57 8.14 -38.37 7.25
N ASP E 58 8.62 -37.90 6.10
CA ASP E 58 7.76 -37.67 4.93
C ASP E 58 8.44 -38.30 3.72
N MET E 59 8.02 -39.50 3.33
CA MET E 59 8.57 -40.18 2.16
C MET E 59 8.02 -39.65 0.84
N ASP E 60 7.05 -38.74 0.85
CA ASP E 60 6.51 -38.16 -0.36
C ASP E 60 7.17 -36.84 -0.71
N LEU E 61 8.41 -36.65 -0.28
CA LEU E 61 9.16 -35.41 -0.50
C LEU E 61 9.92 -35.48 -1.82
N ALA E 62 10.19 -34.31 -2.39
CA ALA E 62 10.90 -34.23 -3.65
C ALA E 62 12.33 -34.73 -3.52
N THR E 63 13.03 -34.31 -2.47
CA THR E 63 14.40 -34.76 -2.25
C THR E 63 14.46 -36.26 -1.97
N VAL E 64 13.45 -36.78 -1.27
CA VAL E 64 13.34 -38.21 -1.02
C VAL E 64 13.23 -38.97 -2.34
N SER E 65 12.38 -38.49 -3.25
CA SER E 65 12.22 -39.16 -4.54
C SER E 65 13.53 -39.15 -5.33
N ALA E 66 14.27 -38.05 -5.25
CA ALA E 66 15.55 -37.95 -5.96
C ALA E 66 16.58 -38.90 -5.38
N LEU E 67 16.68 -38.97 -4.05
CA LEU E 67 17.60 -39.90 -3.41
C LEU E 67 17.26 -41.34 -3.74
N ARG E 68 15.98 -41.66 -3.89
CA ARG E 68 15.58 -43.00 -4.28
C ARG E 68 16.14 -43.35 -5.66
N LYS E 69 16.00 -42.44 -6.62
CA LYS E 69 16.48 -42.69 -7.99
C LYS E 69 17.99 -42.94 -8.02
N MET E 70 18.75 -42.24 -7.17
CA MET E 70 20.20 -42.42 -7.19
C MET E 70 20.65 -43.76 -6.65
N GLY E 71 19.78 -44.47 -5.92
CA GLY E 71 20.15 -45.72 -5.29
C GLY E 71 20.37 -45.66 -3.79
N VAL E 72 19.99 -44.56 -3.13
CA VAL E 72 20.09 -44.45 -1.67
C VAL E 72 18.94 -45.22 -1.04
N LYS E 73 19.20 -45.85 0.12
CA LYS E 73 18.18 -46.57 0.85
C LYS E 73 17.44 -45.62 1.77
N LEU E 74 16.11 -45.73 1.81
CA LEU E 74 15.30 -44.76 2.54
C LEU E 74 14.39 -45.47 3.53
N THR E 75 14.23 -44.86 4.70
CA THR E 75 13.36 -45.38 5.75
C THR E 75 12.70 -44.21 6.46
N PRO E 76 11.48 -44.40 6.96
CA PRO E 76 10.89 -43.38 7.84
C PRO E 76 11.51 -43.37 9.22
N HIS E 77 12.27 -44.41 9.58
CA HIS E 77 12.68 -44.66 10.96
C HIS E 77 14.13 -44.25 11.18
N ASN E 78 14.34 -43.27 12.05
CA ASN E 78 15.70 -42.81 12.34
C ASN E 78 16.54 -43.88 13.01
N LYS E 79 15.92 -44.79 13.78
CA LYS E 79 16.67 -45.88 14.40
C LYS E 79 17.30 -46.78 13.34
N GLU E 80 16.60 -47.02 12.24
CA GLU E 80 17.16 -47.86 11.17
C GLU E 80 18.38 -47.21 10.53
N THR E 81 18.32 -45.90 10.29
CA THR E 81 19.47 -45.18 9.79
C THR E 81 20.66 -45.37 10.72
N VAL E 82 20.43 -45.26 12.03
CA VAL E 82 21.51 -45.36 13.00
C VAL E 82 22.12 -46.76 13.01
N GLN E 83 21.29 -47.79 12.92
CA GLN E 83 21.79 -49.16 12.97
C GLN E 83 22.59 -49.53 11.72
N HIS E 84 22.32 -48.89 10.59
CA HIS E 84 23.07 -49.12 9.35
C HIS E 84 24.35 -48.34 9.26
N SER E 85 24.47 -47.25 9.97
CA SER E 85 25.49 -46.26 9.67
C SER E 85 26.72 -46.47 10.54
N ASP E 86 27.88 -46.18 9.97
CA ASP E 86 29.09 -45.91 10.73
C ASP E 86 29.24 -44.41 10.97
N VAL E 87 29.21 -43.63 9.89
CA VAL E 87 29.20 -42.17 9.97
C VAL E 87 27.75 -41.71 9.83
N LEU E 88 27.28 -40.94 10.81
CA LEU E 88 25.89 -40.49 10.83
C LEU E 88 25.85 -38.98 10.73
N PHE E 89 25.34 -38.47 9.62
CA PHE E 89 25.15 -37.03 9.42
C PHE E 89 23.80 -36.59 9.98
N LEU E 90 23.81 -35.53 10.79
CA LEU E 90 22.58 -34.89 11.25
C LEU E 90 22.26 -33.74 10.29
N ALA E 91 21.25 -33.94 9.45
CA ALA E 91 20.87 -32.96 8.43
C ALA E 91 19.41 -32.55 8.59
N VAL E 92 19.01 -32.27 9.83
CA VAL E 92 17.70 -31.71 10.13
C VAL E 92 17.89 -30.25 10.55
N LYS E 93 16.77 -29.52 10.63
CA LYS E 93 16.82 -28.12 11.01
C LYS E 93 17.35 -28.00 12.45
N PRO E 94 18.04 -26.89 12.77
CA PRO E 94 18.67 -26.78 14.10
C PRO E 94 17.73 -27.04 15.27
N HIS E 95 16.51 -26.50 15.25
CA HIS E 95 15.64 -26.74 16.39
C HIS E 95 15.18 -28.18 16.50
N ILE E 96 15.44 -29.01 15.48
CA ILE E 96 15.03 -30.42 15.57
C ILE E 96 16.16 -31.30 16.12
N ILE E 97 17.42 -30.84 16.07
CA ILE E 97 18.53 -31.64 16.61
C ILE E 97 18.25 -32.18 18.02
N PRO E 98 17.84 -31.37 19.01
CA PRO E 98 17.61 -31.94 20.34
C PRO E 98 16.62 -33.09 20.34
N PHE E 99 15.55 -32.98 19.55
CA PHE E 99 14.56 -34.06 19.48
C PHE E 99 15.18 -35.34 18.92
N ILE E 100 15.96 -35.19 17.84
CA ILE E 100 16.64 -36.33 17.22
C ILE E 100 17.57 -37.01 18.20
N LEU E 101 18.36 -36.22 18.94
CA LEU E 101 19.31 -36.81 19.87
C LEU E 101 18.60 -37.58 20.98
N ASP E 102 17.45 -37.06 21.43
CA ASP E 102 16.65 -37.78 22.43
C ASP E 102 16.06 -39.07 21.87
N GLU E 103 15.72 -39.10 20.58
CA GLU E 103 15.14 -40.31 19.99
C GLU E 103 16.16 -41.42 19.76
N ILE E 104 17.37 -41.08 19.30
CA ILE E 104 18.35 -42.10 18.91
C ILE E 104 19.51 -42.20 19.88
N GLY E 105 19.53 -41.42 20.96
CA GLY E 105 20.69 -41.41 21.85
C GLY E 105 21.03 -42.79 22.39
N ALA E 106 20.00 -43.56 22.78
CA ALA E 106 20.23 -44.90 23.29
C ALA E 106 20.79 -45.86 22.24
N ASP E 107 20.83 -45.46 20.97
CA ASP E 107 21.26 -46.34 19.89
C ASP E 107 22.67 -46.07 19.37
N ILE E 108 23.32 -44.98 19.82
CA ILE E 108 24.72 -44.74 19.46
C ILE E 108 25.57 -45.87 20.05
N GLU E 109 26.68 -46.21 19.35
CA GLU E 109 27.33 -47.50 19.65
C GLU E 109 28.86 -47.46 19.67
N ASP E 110 29.49 -46.31 19.85
CA ASP E 110 30.95 -46.23 19.98
C ASP E 110 31.65 -46.48 18.65
N ARG E 111 31.10 -47.34 17.78
CA ARG E 111 31.59 -47.35 16.40
C ARG E 111 31.19 -46.08 15.67
N HIS E 112 30.22 -45.34 16.21
CA HIS E 112 29.57 -44.26 15.49
C HIS E 112 30.41 -42.99 15.53
N ILE E 113 30.43 -42.27 14.41
CA ILE E 113 30.87 -40.88 14.36
C ILE E 113 29.64 -40.06 14.02
N VAL E 114 29.29 -39.12 14.89
CA VAL E 114 28.12 -38.28 14.70
C VAL E 114 28.60 -36.94 14.16
N VAL E 115 28.16 -36.60 12.96
CA VAL E 115 28.60 -35.40 12.27
C VAL E 115 27.38 -34.49 12.16
N SER E 116 27.37 -33.41 12.95
CA SER E 116 26.26 -32.47 12.90
C SER E 116 26.52 -31.42 11.82
N CYS E 117 25.57 -31.26 10.90
CA CYS E 117 25.63 -30.23 9.88
C CYS E 117 24.78 -29.01 10.22
N ALA E 118 24.05 -29.04 11.33
CA ALA E 118 23.06 -28.01 11.58
C ALA E 118 23.74 -26.68 11.90
N ALA E 119 23.23 -25.61 11.30
CA ALA E 119 23.74 -24.28 11.57
C ALA E 119 23.63 -23.96 13.07
N GLY E 120 24.72 -23.45 13.65
CA GLY E 120 24.69 -22.91 15.00
C GLY E 120 24.80 -23.89 16.15
N VAL E 121 24.46 -25.17 15.96
CA VAL E 121 24.38 -26.12 17.07
C VAL E 121 25.77 -26.53 17.52
N THR E 122 26.08 -26.28 18.80
CA THR E 122 27.42 -26.51 19.31
C THR E 122 27.70 -27.98 19.60
N ILE E 123 28.99 -28.34 19.51
CA ILE E 123 29.45 -29.68 19.88
C ILE E 123 29.07 -29.97 21.32
N SER E 124 29.19 -28.96 22.19
CA SER E 124 28.88 -29.13 23.61
C SER E 124 27.46 -29.61 23.82
N SER E 125 26.49 -28.97 23.15
CA SER E 125 25.10 -29.34 23.32
C SER E 125 24.82 -30.75 22.78
N ILE E 126 25.52 -31.17 21.73
CA ILE E 126 25.32 -32.52 21.21
C ILE E 126 25.94 -33.55 22.14
N GLU E 127 27.16 -33.29 22.62
CA GLU E 127 27.80 -34.22 23.53
C GLU E 127 27.02 -34.34 24.83
N LYS E 128 26.44 -33.24 25.30
CA LYS E 128 25.66 -33.27 26.53
C LYS E 128 24.45 -34.20 26.41
N LYS E 129 23.68 -34.08 25.32
CA LYS E 129 22.52 -34.93 25.11
C LYS E 129 22.90 -36.39 24.92
N LEU E 130 23.93 -36.66 24.13
CA LEU E 130 24.32 -38.05 23.88
C LEU E 130 25.01 -38.70 25.07
N SER E 131 25.74 -37.93 25.88
CA SER E 131 26.48 -38.51 27.01
C SER E 131 25.56 -39.08 28.07
N ALA E 132 24.32 -38.57 28.15
CA ALA E 132 23.34 -39.13 29.08
C ALA E 132 23.05 -40.61 28.79
N PHE E 133 23.30 -41.07 27.57
CA PHE E 133 23.04 -42.44 27.18
C PHE E 133 24.30 -43.31 27.18
N ARG E 134 25.43 -42.79 26.71
CA ARG E 134 26.67 -43.54 26.63
C ARG E 134 27.79 -42.51 26.70
N PRO E 135 28.86 -42.78 27.45
CA PRO E 135 29.70 -41.67 27.97
C PRO E 135 30.53 -40.91 26.94
N ALA E 136 31.05 -41.56 25.90
CA ALA E 136 32.08 -40.95 25.05
C ALA E 136 31.64 -40.82 23.59
N PRO E 137 30.61 -40.04 23.31
CA PRO E 137 30.16 -39.93 21.91
C PRO E 137 31.21 -39.23 21.05
N ARG E 138 31.46 -39.78 19.86
CA ARG E 138 32.42 -39.22 18.92
C ARG E 138 31.67 -38.25 18.03
N VAL E 139 31.85 -36.96 18.26
CA VAL E 139 31.07 -35.93 17.59
C VAL E 139 32.00 -35.03 16.78
N ILE E 140 31.56 -34.68 15.57
CA ILE E 140 32.21 -33.68 14.72
C ILE E 140 31.13 -32.71 14.26
N ARG E 141 31.45 -31.42 14.26
CA ARG E 141 30.55 -30.41 13.74
C ARG E 141 31.12 -29.87 12.44
N CYS E 142 30.26 -29.71 11.44
CA CYS E 142 30.74 -29.17 10.18
C CYS E 142 29.80 -28.07 9.70
N MET E 143 30.28 -27.29 8.74
CA MET E 143 29.35 -26.37 8.08
C MET E 143 29.77 -26.55 6.63
N THR E 144 28.83 -26.74 5.72
CA THR E 144 29.17 -26.98 4.31
C THR E 144 28.24 -26.07 3.51
N ASN E 145 28.01 -26.38 2.24
CA ASN E 145 27.06 -25.58 1.45
C ASN E 145 26.56 -26.43 0.29
N THR E 146 25.52 -25.95 -0.38
CA THR E 146 24.86 -26.79 -1.37
C THR E 146 25.73 -27.14 -2.58
N PRO E 147 26.75 -26.32 -2.96
CA PRO E 147 27.57 -26.72 -4.12
C PRO E 147 28.38 -28.00 -3.98
N VAL E 148 28.32 -28.67 -2.82
CA VAL E 148 28.81 -30.05 -2.79
C VAL E 148 28.07 -30.89 -3.83
N VAL E 149 26.87 -30.46 -4.25
CA VAL E 149 26.13 -31.23 -5.24
C VAL E 149 26.83 -31.27 -6.61
N VAL E 150 27.71 -30.31 -6.91
CA VAL E 150 28.55 -30.35 -8.10
C VAL E 150 30.02 -30.49 -7.73
N ARG E 151 30.27 -31.03 -6.53
CA ARG E 151 31.60 -31.30 -5.98
C ARG E 151 32.47 -30.04 -5.95
N GLU E 152 31.84 -28.90 -5.69
CA GLU E 152 32.58 -27.66 -5.46
C GLU E 152 32.13 -26.99 -4.18
N GLY E 153 31.90 -27.79 -3.13
CA GLY E 153 31.52 -27.22 -1.86
C GLY E 153 32.69 -26.57 -1.13
N ALA E 154 32.34 -25.87 -0.05
CA ALA E 154 33.30 -25.29 0.88
C ALA E 154 32.88 -25.76 2.27
N THR E 155 33.72 -26.55 2.91
CA THR E 155 33.37 -27.23 4.15
C THR E 155 34.44 -26.95 5.19
N VAL E 156 34.02 -26.67 6.41
CA VAL E 156 34.92 -26.69 7.56
C VAL E 156 34.34 -27.67 8.57
N TYR E 157 35.21 -28.18 9.45
CA TYR E 157 34.75 -29.07 10.52
C TYR E 157 35.60 -28.86 11.76
N ALA E 158 35.00 -29.16 12.93
CA ALA E 158 35.68 -29.14 14.21
C ALA E 158 35.43 -30.47 14.92
N THR E 159 36.46 -31.02 15.56
CA THR E 159 36.34 -32.30 16.23
C THR E 159 35.94 -32.12 17.69
N GLY E 160 35.11 -33.04 18.18
CA GLY E 160 34.64 -33.00 19.55
C GLY E 160 35.63 -33.58 20.55
N THR E 161 35.14 -33.69 21.80
CA THR E 161 35.98 -34.11 22.91
C THR E 161 36.47 -35.55 22.77
N HIS E 162 35.64 -36.43 22.21
CA HIS E 162 35.93 -37.85 22.15
C HIS E 162 36.21 -38.34 20.74
N ALA E 163 36.28 -37.44 19.77
CA ALA E 163 36.62 -37.81 18.40
C ALA E 163 38.10 -38.21 18.32
N GLN E 164 38.37 -39.41 17.83
CA GLN E 164 39.75 -39.83 17.69
C GLN E 164 40.44 -39.03 16.58
N VAL E 165 41.78 -39.16 16.52
CA VAL E 165 42.52 -38.44 15.48
C VAL E 165 42.10 -38.93 14.11
N GLU E 166 41.91 -40.25 13.96
CA GLU E 166 41.46 -40.82 12.70
C GLU E 166 40.05 -40.36 12.33
N ASP E 167 39.24 -39.94 13.31
CA ASP E 167 37.91 -39.43 12.99
C ASP E 167 37.99 -38.15 12.17
N GLY E 168 38.85 -37.21 12.57
CA GLY E 168 39.00 -36.00 11.80
C GLY E 168 39.57 -36.27 10.42
N ARG E 169 40.49 -37.23 10.33
CA ARG E 169 41.12 -37.54 9.04
C ARG E 169 40.13 -38.19 8.08
N LEU E 170 39.30 -39.12 8.58
CA LEU E 170 38.28 -39.72 7.73
C LEU E 170 37.29 -38.67 7.25
N MET E 171 36.88 -37.78 8.17
CA MET E 171 35.97 -36.69 7.81
CA MET E 171 35.96 -36.72 7.78
C MET E 171 36.56 -35.83 6.70
N GLU E 172 37.83 -35.47 6.83
CA GLU E 172 38.42 -34.62 5.81
C GLU E 172 38.56 -35.36 4.49
N GLN E 173 38.89 -36.66 4.52
CA GLN E 173 38.94 -37.41 3.28
C GLN E 173 37.58 -37.40 2.57
N LEU E 174 36.51 -37.66 3.32
CA LEU E 174 35.18 -37.72 2.73
C LEU E 174 34.74 -36.36 2.19
N LEU E 175 34.87 -35.32 2.99
CA LEU E 175 34.35 -34.02 2.56
C LEU E 175 35.25 -33.36 1.51
N SER E 176 36.53 -33.70 1.46
CA SER E 176 37.39 -33.17 0.38
C SER E 176 36.98 -33.71 -0.99
N SER E 177 36.27 -34.83 -1.02
CA SER E 177 35.85 -35.37 -2.31
C SER E 177 34.79 -34.53 -2.98
N VAL E 178 34.15 -33.61 -2.26
CA VAL E 178 33.06 -32.79 -2.78
C VAL E 178 33.35 -31.31 -2.69
N GLY E 179 34.59 -30.93 -2.39
CA GLY E 179 34.99 -29.52 -2.42
C GLY E 179 36.15 -29.25 -1.50
N PHE E 180 36.34 -27.98 -1.21
CA PHE E 180 37.36 -27.58 -0.25
C PHE E 180 36.94 -28.05 1.14
N CYS E 181 37.90 -28.54 1.92
CA CYS E 181 37.60 -28.93 3.30
C CYS E 181 38.81 -28.67 4.17
N THR E 182 38.60 -28.05 5.34
CA THR E 182 39.71 -27.87 6.27
C THR E 182 39.16 -27.89 7.70
N GLU E 183 40.01 -28.27 8.63
CA GLU E 183 39.64 -28.26 10.04
C GLU E 183 39.77 -26.85 10.59
N VAL E 184 38.83 -26.46 11.45
CA VAL E 184 38.87 -25.17 12.15
C VAL E 184 38.59 -25.39 13.63
N GLU E 185 38.97 -24.40 14.45
CA GLU E 185 38.42 -24.28 15.79
C GLU E 185 36.92 -24.03 15.71
N GLU E 186 36.16 -24.61 16.65
CA GLU E 186 34.70 -24.49 16.60
C GLU E 186 34.26 -23.04 16.67
N ASP E 187 35.00 -22.20 17.39
CA ASP E 187 34.47 -20.82 17.47
C ASP E 187 34.54 -20.05 16.15
N LEU E 188 35.09 -20.62 15.07
CA LEU E 188 35.02 -19.97 13.77
C LEU E 188 33.77 -20.34 12.97
N ILE E 189 33.04 -21.39 13.36
CA ILE E 189 32.08 -21.98 12.44
C ILE E 189 30.87 -21.07 12.20
N ASP E 190 30.41 -20.32 13.21
CA ASP E 190 29.28 -19.42 12.96
C ASP E 190 29.62 -18.39 11.89
N ALA E 191 30.86 -17.91 11.88
CA ALA E 191 31.29 -16.94 10.87
C ALA E 191 31.42 -17.61 9.51
N VAL E 192 31.94 -18.85 9.47
CA VAL E 192 31.97 -19.58 8.21
C VAL E 192 30.56 -19.74 7.66
N THR E 193 29.60 -20.01 8.55
CA THR E 193 28.20 -20.12 8.13
C THR E 193 27.76 -18.86 7.40
N GLY E 194 28.10 -17.69 7.94
CA GLY E 194 27.66 -16.44 7.33
C GLY E 194 28.33 -16.14 6.01
N LEU E 195 29.49 -16.74 5.76
CA LEU E 195 30.28 -16.49 4.56
C LEU E 195 30.01 -17.56 3.51
N SER E 196 30.52 -18.78 3.71
CA SER E 196 30.32 -19.79 2.68
C SER E 196 29.06 -20.64 2.87
N GLY E 197 28.52 -20.76 4.09
CA GLY E 197 27.25 -21.46 4.24
C GLY E 197 26.12 -20.75 3.51
N SER E 198 25.95 -19.46 3.79
CA SER E 198 24.95 -18.62 3.13
C SER E 198 25.43 -18.09 1.79
N GLY E 199 26.74 -18.14 1.55
CA GLY E 199 27.31 -17.52 0.37
C GLY E 199 26.68 -17.86 -0.96
N PRO E 200 26.30 -19.12 -1.21
CA PRO E 200 25.67 -19.41 -2.51
C PRO E 200 24.43 -18.55 -2.78
N ALA E 201 23.66 -18.24 -1.75
CA ALA E 201 22.48 -17.38 -1.94
C ALA E 201 22.87 -15.98 -2.37
N TYR E 202 23.96 -15.42 -1.81
CA TYR E 202 24.46 -14.14 -2.27
C TYR E 202 24.83 -14.21 -3.75
N ALA E 203 25.48 -15.31 -4.15
CA ALA E 203 25.85 -15.49 -5.55
C ALA E 203 24.63 -15.63 -6.45
N PHE E 204 23.62 -16.40 -6.05
CA PHE E 204 22.44 -16.54 -6.89
C PHE E 204 21.71 -15.21 -7.06
N THR E 205 21.68 -14.40 -5.98
CA THR E 205 21.05 -13.08 -6.06
C THR E 205 21.83 -12.20 -7.03
N ALA E 206 23.16 -12.22 -6.92
CA ALA E 206 24.01 -11.43 -7.80
C ALA E 206 23.85 -11.86 -9.25
N LEU E 207 23.79 -13.18 -9.49
CA LEU E 207 23.65 -13.69 -10.87
C LEU E 207 22.32 -13.29 -11.49
N ASP E 208 21.25 -13.35 -10.71
CA ASP E 208 19.95 -12.89 -11.21
C ASP E 208 19.97 -11.41 -11.57
N ALA E 209 20.61 -10.58 -10.74
CA ALA E 209 20.67 -9.14 -11.03
C ALA E 209 21.57 -8.84 -12.21
N LEU E 210 22.73 -9.51 -12.30
CA LEU E 210 23.61 -9.30 -13.45
C LEU E 210 22.90 -9.70 -14.74
N ALA E 211 22.13 -10.78 -14.70
CA ALA E 211 21.34 -11.17 -15.86
C ALA E 211 20.32 -10.11 -16.24
N ASP E 212 19.61 -9.56 -15.23
CA ASP E 212 18.68 -8.45 -15.48
C ASP E 212 19.41 -7.29 -16.16
N GLY E 213 20.64 -7.02 -15.72
CA GLY E 213 21.41 -5.96 -16.36
C GLY E 213 21.73 -6.27 -17.80
N GLY E 214 22.12 -7.51 -18.08
CA GLY E 214 22.31 -7.93 -19.47
C GLY E 214 21.04 -7.78 -20.29
N VAL E 215 19.90 -8.17 -19.72
CA VAL E 215 18.65 -8.07 -20.44
C VAL E 215 18.28 -6.61 -20.70
N LYS E 216 18.52 -5.74 -19.70
CA LYS E 216 18.21 -4.31 -19.90
C LYS E 216 19.00 -3.75 -21.07
N MET E 217 20.24 -4.16 -21.23
CA MET E 217 21.07 -3.70 -22.35
C MET E 217 20.91 -4.52 -23.62
N GLY E 218 19.96 -5.45 -23.67
CA GLY E 218 19.54 -6.05 -24.93
C GLY E 218 19.88 -7.51 -25.16
N LEU E 219 20.44 -8.20 -24.18
CA LEU E 219 20.79 -9.61 -24.31
C LEU E 219 19.57 -10.50 -24.02
N PRO E 220 19.41 -11.60 -24.75
CA PRO E 220 18.42 -12.61 -24.35
C PRO E 220 18.71 -13.11 -22.94
N ARG E 221 17.64 -13.45 -22.21
CA ARG E 221 17.79 -13.86 -20.82
CA ARG E 221 17.82 -13.84 -20.81
C ARG E 221 18.74 -15.06 -20.70
N ARG E 222 18.54 -16.08 -21.55
CA ARG E 222 19.34 -17.30 -21.40
C ARG E 222 20.82 -17.02 -21.62
N LEU E 223 21.16 -16.21 -22.62
CA LEU E 223 22.56 -15.83 -22.83
C LEU E 223 23.11 -15.02 -21.65
N ALA E 224 22.31 -14.07 -21.15
CA ALA E 224 22.75 -13.25 -20.02
C ALA E 224 23.02 -14.11 -18.77
N VAL E 225 22.17 -15.10 -18.49
CA VAL E 225 22.40 -15.95 -17.32
C VAL E 225 23.69 -16.75 -17.49
N ARG E 226 23.86 -17.33 -18.68
CA ARG E 226 25.06 -18.14 -18.97
C ARG E 226 26.33 -17.30 -18.84
N LEU E 227 26.33 -16.10 -19.43
CA LEU E 227 27.54 -15.27 -19.42
C LEU E 227 27.86 -14.78 -18.03
N GLY E 228 26.86 -14.34 -17.27
CA GLY E 228 27.13 -13.85 -15.93
C GLY E 228 27.66 -14.95 -15.04
N ALA E 229 27.06 -16.15 -15.12
CA ALA E 229 27.51 -17.26 -14.30
C ALA E 229 28.91 -17.72 -14.70
N GLN E 230 29.18 -17.78 -16.01
CA GLN E 230 30.52 -18.14 -16.45
C GLN E 230 31.55 -17.10 -16.01
N ALA E 231 31.20 -15.81 -16.03
CA ALA E 231 32.11 -14.78 -15.57
C ALA E 231 32.42 -14.94 -14.08
N LEU E 232 31.40 -15.20 -13.27
CA LEU E 232 31.69 -15.37 -11.84
C LEU E 232 32.49 -16.63 -11.57
N LEU E 233 32.16 -17.75 -12.22
CA LEU E 233 32.95 -18.96 -12.02
C LEU E 233 34.40 -18.72 -12.39
N GLY E 234 34.64 -18.12 -13.56
CA GLY E 234 36.00 -17.93 -14.02
C GLY E 234 36.80 -17.02 -13.09
N ALA E 235 36.17 -15.96 -12.59
CA ALA E 235 36.85 -15.03 -11.70
C ALA E 235 37.19 -15.70 -10.38
N ALA E 236 36.25 -16.48 -9.84
CA ALA E 236 36.50 -17.18 -8.59
C ALA E 236 37.65 -18.17 -8.76
N LYS E 237 37.68 -18.88 -9.90
CA LYS E 237 38.75 -19.83 -10.15
C LYS E 237 40.10 -19.13 -10.23
N MET E 238 40.10 -17.94 -10.85
CA MET E 238 41.31 -17.17 -11.06
C MET E 238 41.91 -16.83 -9.69
N LEU E 239 41.04 -16.36 -8.77
CA LEU E 239 41.48 -15.98 -7.43
C LEU E 239 41.96 -17.20 -6.63
N LEU E 240 41.23 -18.33 -6.75
CA LEU E 240 41.68 -19.55 -6.08
C LEU E 240 43.02 -20.03 -6.59
N HIS E 241 43.32 -19.79 -7.87
CA HIS E 241 44.60 -20.20 -8.45
C HIS E 241 45.66 -19.12 -8.40
N SER E 242 45.42 -18.02 -7.68
CA SER E 242 46.35 -16.91 -7.67
C SER E 242 46.88 -16.70 -6.26
N GLU E 243 48.09 -16.15 -6.17
CA GLU E 243 48.61 -15.63 -4.92
C GLU E 243 48.37 -14.13 -4.77
N GLN E 244 47.82 -13.49 -5.81
CA GLN E 244 47.64 -12.05 -5.84
C GLN E 244 46.36 -11.63 -5.13
N HIS E 245 46.40 -10.41 -4.60
CA HIS E 245 45.24 -9.82 -3.94
C HIS E 245 44.09 -9.66 -4.93
N PRO E 246 42.84 -9.82 -4.47
CA PRO E 246 41.71 -9.58 -5.39
C PRO E 246 41.71 -8.18 -6.01
N GLY E 247 42.29 -7.19 -5.32
CA GLY E 247 42.41 -5.88 -5.93
C GLY E 247 43.40 -5.83 -7.09
N GLN E 248 44.49 -6.62 -6.99
CA GLN E 248 45.44 -6.67 -8.09
C GLN E 248 44.81 -7.32 -9.32
N LEU E 249 44.01 -8.37 -9.12
CA LEU E 249 43.32 -9.01 -10.24
C LEU E 249 42.30 -8.05 -10.85
N LYS E 250 41.61 -7.31 -9.99
CA LYS E 250 40.67 -6.30 -10.46
C LYS E 250 41.38 -5.20 -11.27
N ASP E 251 42.57 -4.76 -10.82
CA ASP E 251 43.34 -3.79 -11.62
C ASP E 251 43.66 -4.31 -13.02
N ASN E 252 43.86 -5.62 -13.19
CA ASN E 252 44.13 -6.14 -14.52
C ASN E 252 42.95 -6.00 -15.45
N VAL E 253 41.74 -5.88 -14.91
CA VAL E 253 40.54 -5.71 -15.75
C VAL E 253 40.16 -4.24 -15.92
N SER E 254 40.68 -3.33 -15.10
CA SER E 254 40.25 -1.93 -15.11
C SER E 254 41.20 -1.09 -15.95
N SER E 255 41.02 -1.12 -17.26
CA SER E 255 41.88 -0.30 -18.10
C SER E 255 41.53 1.19 -17.92
N PRO E 256 42.53 2.07 -18.01
CA PRO E 256 42.29 3.49 -17.71
C PRO E 256 41.22 4.12 -18.60
N GLY E 257 40.27 4.82 -17.98
CA GLY E 257 39.19 5.45 -18.73
C GLY E 257 38.16 4.49 -19.31
N GLY E 258 38.32 3.18 -19.07
CA GLY E 258 37.56 2.19 -19.79
C GLY E 258 36.21 1.85 -19.18
N ALA E 259 35.58 0.83 -19.76
CA ALA E 259 34.21 0.47 -19.38
C ALA E 259 34.16 -0.09 -17.96
N THR E 260 35.14 -0.90 -17.60
CA THR E 260 35.10 -1.59 -16.32
C THR E 260 35.21 -0.59 -15.16
N ILE E 261 36.15 0.36 -15.25
CA ILE E 261 36.33 1.29 -14.14
C ILE E 261 35.11 2.20 -14.00
N HIS E 262 34.39 2.47 -15.11
CA HIS E 262 33.14 3.22 -14.97
C HIS E 262 32.07 2.41 -14.22
N ALA E 263 32.00 1.11 -14.47
CA ALA E 263 31.08 0.23 -13.74
C ALA E 263 31.46 0.09 -12.28
N LEU E 264 32.76 -0.04 -12.00
CA LEU E 264 33.20 -0.15 -10.60
C LEU E 264 32.81 1.10 -9.83
N HIS E 265 32.86 2.26 -10.47
CA HIS E 265 32.49 3.48 -9.76
C HIS E 265 31.04 3.41 -9.29
N VAL E 266 30.11 2.99 -10.17
CA VAL E 266 28.72 2.98 -9.75
C VAL E 266 28.48 1.91 -8.66
N LEU E 267 29.23 0.80 -8.65
CA LEU E 267 29.13 -0.12 -7.51
C LEU E 267 29.59 0.54 -6.22
N GLU E 268 30.74 1.22 -6.26
CA GLU E 268 31.24 1.93 -5.07
C GLU E 268 30.24 2.97 -4.59
N SER E 269 29.59 3.68 -5.51
CA SER E 269 28.71 4.77 -5.12
C SER E 269 27.48 4.26 -4.39
N GLY E 270 27.09 3.01 -4.64
CA GLY E 270 26.02 2.39 -3.89
C GLY E 270 26.44 1.67 -2.61
N GLY E 271 27.73 1.71 -2.26
CA GLY E 271 28.17 0.98 -1.08
C GLY E 271 28.13 -0.53 -1.26
N PHE E 272 28.39 -1.02 -2.46
CA PHE E 272 28.32 -2.45 -2.79
C PHE E 272 29.10 -3.28 -1.79
N ARG E 273 30.36 -2.88 -1.50
CA ARG E 273 31.19 -3.67 -0.59
C ARG E 273 30.53 -3.77 0.76
N SER E 274 30.03 -2.64 1.28
CA SER E 274 29.41 -2.64 2.60
C SER E 274 28.20 -3.57 2.66
N LEU E 275 27.46 -3.74 1.56
CA LEU E 275 26.28 -4.61 1.62
C LEU E 275 26.70 -6.06 1.83
N LEU E 276 27.77 -6.50 1.16
CA LEU E 276 28.23 -7.88 1.36
C LEU E 276 28.81 -8.09 2.77
N ILE E 277 29.52 -7.10 3.33
CA ILE E 277 29.94 -7.18 4.72
C ILE E 277 28.72 -7.30 5.63
N ASN E 278 27.72 -6.43 5.40
CA ASN E 278 26.46 -6.50 6.14
C ASN E 278 25.87 -7.89 6.12
N ALA E 279 25.89 -8.52 4.94
CA ALA E 279 25.27 -9.83 4.76
C ALA E 279 25.98 -10.91 5.59
N VAL E 280 27.31 -11.01 5.49
CA VAL E 280 28.05 -12.00 6.28
C VAL E 280 27.78 -11.79 7.76
N GLU E 281 27.84 -10.54 8.20
CA GLU E 281 27.58 -10.20 9.58
C GLU E 281 26.19 -10.65 9.99
N ALA E 282 25.18 -10.36 9.16
CA ALA E 282 23.81 -10.65 9.57
C ALA E 282 23.58 -12.15 9.65
N SER E 283 24.15 -12.90 8.71
CA SER E 283 24.01 -14.36 8.75
C SER E 283 24.74 -14.94 9.96
N CYS E 284 25.97 -14.47 10.22
CA CYS E 284 26.71 -14.94 11.39
C CYS E 284 25.95 -14.64 12.68
N ILE E 285 25.44 -13.43 12.80
CA ILE E 285 24.74 -13.05 14.02
C ILE E 285 23.48 -13.87 14.21
N ARG E 286 22.73 -14.09 13.12
CA ARG E 286 21.52 -14.89 13.24
C ARG E 286 21.85 -16.34 13.62
N THR E 287 22.92 -16.90 13.05
CA THR E 287 23.37 -18.23 13.41
C THR E 287 23.61 -18.34 14.91
N ARG E 288 24.30 -17.36 15.50
CA ARG E 288 24.53 -17.36 16.94
C ARG E 288 23.22 -17.30 17.70
N GLU E 289 22.27 -16.49 17.19
CA GLU E 289 20.96 -16.32 17.82
C GLU E 289 20.16 -17.60 17.84
N LEU E 290 20.23 -18.37 16.75
CA LEU E 290 19.56 -19.65 16.71
C LEU E 290 20.04 -20.55 17.85
N GLN E 291 21.33 -20.45 18.21
CA GLN E 291 21.84 -21.27 19.30
C GLN E 291 21.61 -20.64 20.67
N SER E 292 21.73 -19.32 20.78
CA SER E 292 21.39 -18.63 22.02
C SER E 292 19.98 -18.99 22.48
N MET E 293 19.02 -19.01 21.54
CA MET E 293 17.65 -19.38 21.83
C MET E 293 17.49 -20.88 22.08
N ALA E 294 18.28 -21.72 21.39
CA ALA E 294 18.26 -23.15 21.69
C ALA E 294 18.66 -23.40 23.14
N ASP E 295 19.84 -22.93 23.53
CA ASP E 295 20.41 -23.22 24.85
C ASP E 295 19.70 -22.48 25.98
#